data_8DGT
#
_entry.id   8DGT
#
_cell.length_a   1.00
_cell.length_b   1.00
_cell.length_c   1.00
_cell.angle_alpha   90.00
_cell.angle_beta   90.00
_cell.angle_gamma   90.00
#
_symmetry.space_group_name_H-M   'P 1'
#
loop_
_entity.id
_entity.type
_entity.pdbx_description
1 polymer 'Serine/threonine-protein kinase B-raf'
2 polymer 'Dual specificity mitogen-activated protein kinase kinase 1'
3 polymer '14-3-3 protein zeta'
4 polymer 'GTPase KRas isoform X2'
5 non-polymer 'PHOSPHOTHIOPHOSPHORIC ACID-ADENYLATE ESTER'
6 non-polymer 'ZINC ION'
7 non-polymer 'MAGNESIUM ION'
8 non-polymer 5-[(2-fluoro-4-iodophenyl)amino]-N-(2-hydroxyethoxy)imidazo[1,5-a]pyridine-6-carboxamide
9 non-polymer 'PHOSPHOAMINOPHOSPHONIC ACID-GUANYLATE ESTER'
#
loop_
_entity_poly.entity_id
_entity_poly.type
_entity_poly.pdbx_seq_one_letter_code
_entity_poly.pdbx_strand_id
1 'polypeptide(L)'
;MSYYHHHHHHHHDIPTTENLYFQGAMDMAALSGGGGGGAEPGQALFNGDMEPEAGAGAGAAASSAADPAIPEEVWNIKQM
IKLTQEHIEALLDKFGGEHNPPSIYLEAYEEYTSKLDALQQREQQLLESLGNGTDFSVSSSASMDTVTSSSSSSLSVLPS
SLSVFQNPTDVARSNPKSPQKPIVRVFLPNKQRTVVPARCGVTVRDSLKKALMMRGLIPECCAVYRIQDGEKKPIGWDTD
ISWLTGEELHVEVLENVPLTTHNFVRKTFFTLAFCDFCRKLLFQGFRCQTCGYKFHQRCSTEVPLMCVNYDQLDLLFVSK
FFEHHPIPQEEASLAETALTSGSSPSAPASDSIGPQILTSPSPSKSIPIPQPFRPADEDHRNQFGQRDRSS(SEP)APNV
HINTIEPVNIDDLIRDQGFRGDGGSTTGLSATPPASLPGSLTNVKALQKSPGPQRERKSSSSSEDRNRMKTLGRRDSSDD
WEIPDGQITVGQRIGSGSFGTVYKGKWHGDVAVKMLNVTAPTPQQLQAFKNEVGVLRKTRHVNILLFMGYSTKPQLAIVT
QWCEGSSLYHHLHIIETKFEMIKLIDIARQTAQGMDYLHAKSIIHRDLKSNNIFLHEDLTVKIGDFGLATVKSRWSGSHQ
FEQLSGSILWMAPEVIRMQDKNPYSFQSDVYAFGIVLYELMTGQLPYSNINNRDQIIFMVGRGYLSPDLSKVRSNCPKAM
KRLMAECLKKKRDERPLFPQILASIELLARSLPKIHRSA(SEP)EPSLNRAGFQTEDFSLYACASPKTPIQAGGYGAFPV
HGTSAWSHPQFEK
;
A
2 'polypeptide(L)'
;MGSSHHHHHHSAVDENLYFQGGMPKKKPTPIQLNPAPDGSAVNGTSSAETNLEALQKKLEELELDEQQRKRLEAFLTQKQ
KVGELKDDDFEKISELGAGNGGVVFKVSHKPSGLVMARKLIHLEIKPAIRNQIIRELQVLHECNSPYIVGFYGAFYSDGE
ISICMEHMDGGSLDQVLKKAGRIPEQILGKVSIAVIKGLTYLREKHKIMHRDVKPSNILVNSRGEIKLCDFGVSGQLIDA
MANAFVGTRSYMSPERLQGTHYSVQSDIWSMGLSLVEMAVGRYPIPPPDAKELELMFGCQVEGDAAETPPRPRTPGRPLS
SYGMDSRPPMAIFELLDYIVNEPPPKLPSGVFSLEFQDFVNKCLIKNPAERADLKQLMVHAFIKRSDAEEVDFAGWLCST
IGLNQPSTPTHAAG
;
B
3 'polypeptide(L)'
;MSVDKEELVQRAKLAEQAERYDDMAAAMKEVTETGVELSNEERNLLSVAYKNVVGARRSSWRVISSIEQKTEGSERKQQM
AKEYRVKVEKELREICYDVLGLLDKHLIPKASNPESKVFYLKMKGDYYRYLAEVATGETRNSVVEDSQKAYQDAFEISKA
KMQPTHPIRLGLALNFSVFYYEILNSPDKACQLAKQAFDDAIAELDTLNEDSYKDSTLIMQLLRDNLTLWTSDTQGDGDE
PAEGGDN
;
C,D
4 'polypeptide(L)'
;MHHHHHHGSLVPRSENLYFQGSMTEYKLVVVGAGGVGKSALTIQLIQNHFVDEYDPTIEDSYRKQVVIDGETCLLDILDT
AGQEEYSAMRDQYMRTGEGFLCVFAINNTKSFEDIHHYREQIKRVKDSEDVPMVLVGNKCDLPSRTVDTKQAQDLARSYG
IPFIETSAKTRQGVDDAFYTLVREIRKHKEK
;
F
#
loop_
_chem_comp.id
_chem_comp.type
_chem_comp.name
_chem_comp.formula
AGS non-polymer 'PHOSPHOTHIOPHOSPHORIC ACID-ADENYLATE ESTER' 'C10 H16 N5 O12 P3 S'
GNP non-polymer 'PHOSPHOAMINOPHOSPHONIC ACID-GUANYLATE ESTER' 'C10 H17 N6 O13 P3'
LCJ non-polymer 5-[(2-fluoro-4-iodophenyl)amino]-N-(2-hydroxyethoxy)imidazo[1,5-a]pyridine-6-carboxamide 'C16 H14 F I N4 O3'
MG non-polymer 'MAGNESIUM ION' 'Mg 2'
ZN non-polymer 'ZINC ION' 'Zn 2'
#
# COMPACT_ATOMS: atom_id res chain seq x y z
N SER A 178 -30.57 -21.16 -2.90
CA SER A 178 -30.10 -20.92 -4.29
C SER A 178 -28.83 -20.06 -4.27
N PRO A 179 -28.87 -18.93 -4.98
CA PRO A 179 -27.69 -18.03 -5.03
C PRO A 179 -27.28 -17.66 -3.61
N GLN A 180 -28.26 -17.53 -2.71
CA GLN A 180 -27.97 -17.18 -1.30
C GLN A 180 -26.84 -16.16 -1.30
N LYS A 181 -27.16 -14.90 -1.58
CA LYS A 181 -26.07 -13.90 -1.72
C LYS A 181 -25.12 -14.53 -2.72
N PRO A 182 -25.51 -14.66 -4.00
CA PRO A 182 -24.69 -15.34 -4.97
C PRO A 182 -23.36 -15.69 -4.33
N ILE A 183 -23.30 -16.85 -3.70
CA ILE A 183 -22.06 -17.32 -3.09
C ILE A 183 -21.43 -18.39 -3.99
N VAL A 184 -20.17 -18.72 -3.72
CA VAL A 184 -19.54 -19.85 -4.44
C VAL A 184 -18.97 -20.71 -3.30
N ARG A 185 -19.18 -22.01 -3.39
CA ARG A 185 -18.64 -22.96 -2.45
C ARG A 185 -17.26 -23.41 -2.96
N VAL A 186 -16.30 -23.41 -2.06
CA VAL A 186 -14.95 -23.72 -2.49
C VAL A 186 -14.40 -24.83 -1.65
N PHE A 187 -14.00 -25.89 -2.31
CA PHE A 187 -13.31 -26.95 -1.63
C PHE A 187 -11.80 -26.73 -1.66
N LEU A 188 -11.14 -26.96 -0.53
CA LEU A 188 -9.72 -26.62 -0.34
C LEU A 188 -8.90 -27.87 -0.03
N PRO A 189 -7.56 -27.77 -0.12
CA PRO A 189 -6.70 -28.91 0.20
C PRO A 189 -6.98 -29.48 1.61
N ASN A 190 -6.66 -30.75 1.84
CA ASN A 190 -6.74 -31.38 3.17
C ASN A 190 -8.18 -31.34 3.71
N LYS A 191 -9.11 -31.66 2.83
CA LYS A 191 -10.52 -31.81 3.17
C LYS A 191 -11.14 -30.55 3.76
N GLN A 192 -10.62 -29.39 3.42
CA GLN A 192 -11.20 -28.16 3.96
C GLN A 192 -12.14 -27.43 2.98
N ARG A 193 -12.81 -26.39 3.45
CA ARG A 193 -13.76 -25.74 2.59
C ARG A 193 -14.06 -24.33 3.10
N THR A 194 -14.63 -23.54 2.21
CA THR A 194 -14.98 -22.19 2.49
C THR A 194 -16.08 -21.69 1.54
N VAL A 195 -16.80 -20.64 1.96
CA VAL A 195 -17.77 -20.02 1.07
C VAL A 195 -17.29 -18.61 0.77
N VAL A 196 -17.40 -18.14 -0.47
CA VAL A 196 -16.99 -16.76 -0.70
C VAL A 196 -18.16 -16.07 -1.41
N PRO A 197 -18.26 -14.75 -1.25
CA PRO A 197 -19.29 -13.96 -1.91
C PRO A 197 -18.99 -13.91 -3.40
N ALA A 198 -20.02 -14.04 -4.23
CA ALA A 198 -19.76 -14.03 -5.65
C ALA A 198 -20.04 -12.61 -6.18
N ARG A 199 -19.18 -11.66 -5.86
CA ARG A 199 -19.48 -10.25 -6.13
C ARG A 199 -18.94 -9.83 -7.47
N CYS A 200 -19.76 -9.20 -8.30
CA CYS A 200 -19.29 -8.75 -9.60
C CYS A 200 -18.03 -7.99 -9.42
N GLY A 201 -17.10 -8.18 -10.36
CA GLY A 201 -15.88 -7.41 -10.36
C GLY A 201 -14.73 -7.89 -9.49
N VAL A 202 -14.86 -9.06 -8.86
CA VAL A 202 -13.83 -9.57 -7.97
C VAL A 202 -13.25 -10.85 -8.60
N THR A 203 -11.92 -10.98 -8.64
CA THR A 203 -11.33 -12.21 -9.17
C THR A 203 -11.47 -13.38 -8.21
N VAL A 204 -11.39 -14.58 -8.77
CA VAL A 204 -11.27 -15.78 -7.99
C VAL A 204 -10.08 -15.66 -7.02
N ARG A 205 -8.95 -15.23 -7.54
CA ARG A 205 -7.72 -15.04 -6.77
C ARG A 205 -8.01 -14.20 -5.52
N ASP A 206 -8.55 -13.01 -5.72
CA ASP A 206 -8.86 -12.15 -4.59
C ASP A 206 -10.01 -12.70 -3.74
N SER A 207 -10.98 -13.38 -4.33
CA SER A 207 -12.04 -13.92 -3.46
C SER A 207 -11.44 -14.92 -2.49
N LEU A 208 -10.39 -15.61 -2.92
CA LEU A 208 -9.87 -16.75 -2.18
C LEU A 208 -8.56 -16.47 -1.43
N LYS A 209 -7.89 -15.36 -1.77
CA LYS A 209 -6.65 -14.93 -1.10
C LYS A 209 -6.58 -15.19 0.40
N LYS A 210 -7.58 -14.70 1.13
CA LYS A 210 -7.55 -14.85 2.57
C LYS A 210 -7.71 -16.29 3.04
N ALA A 211 -8.69 -17.00 2.48
CA ALA A 211 -8.81 -18.41 2.83
C ALA A 211 -7.51 -19.19 2.61
N LEU A 212 -6.83 -18.92 1.50
CA LEU A 212 -5.59 -19.63 1.19
C LEU A 212 -4.52 -19.27 2.22
N MET A 213 -4.39 -17.98 2.49
CA MET A 213 -3.38 -17.48 3.43
C MET A 213 -3.53 -18.10 4.82
N MET A 214 -4.76 -18.27 5.28
CA MET A 214 -5.00 -18.92 6.54
C MET A 214 -4.45 -20.32 6.56
N ARG A 215 -4.22 -20.88 5.38
CA ARG A 215 -3.75 -22.24 5.33
C ARG A 215 -2.31 -22.32 4.83
N GLY A 216 -1.65 -21.16 4.81
CA GLY A 216 -0.28 -21.06 4.33
C GLY A 216 -0.16 -21.36 2.84
N LEU A 217 -1.20 -21.00 2.07
CA LEU A 217 -1.16 -21.20 0.62
C LEU A 217 -1.20 -19.89 -0.12
N ILE A 218 -0.86 -19.97 -1.39
CA ILE A 218 -0.84 -18.78 -2.19
C ILE A 218 -1.40 -19.23 -3.54
N PRO A 219 -2.22 -18.40 -4.19
CA PRO A 219 -2.88 -18.83 -5.44
C PRO A 219 -1.86 -19.26 -6.48
N GLU A 220 -0.71 -18.62 -6.47
CA GLU A 220 0.33 -18.91 -7.45
C GLU A 220 0.93 -20.31 -7.25
N CYS A 221 0.71 -20.92 -6.09
CA CYS A 221 1.23 -22.27 -5.85
C CYS A 221 0.10 -23.29 -6.02
N CYS A 222 -1.05 -22.82 -6.51
CA CYS A 222 -2.23 -23.68 -6.60
C CYS A 222 -2.91 -23.56 -7.94
N ALA A 223 -3.80 -24.51 -8.23
CA ALA A 223 -4.68 -24.46 -9.39
C ALA A 223 -6.14 -24.42 -8.93
N VAL A 224 -6.99 -23.79 -9.72
CA VAL A 224 -8.41 -23.81 -9.39
C VAL A 224 -9.27 -24.39 -10.50
N TYR A 225 -10.28 -25.14 -10.09
CA TYR A 225 -11.18 -25.79 -11.04
C TYR A 225 -12.63 -25.58 -10.70
N ARG A 226 -13.49 -25.64 -11.71
CA ARG A 226 -14.92 -25.65 -11.45
C ARG A 226 -15.40 -27.06 -11.67
N ILE A 227 -16.48 -27.42 -11.00
CA ILE A 227 -17.10 -28.71 -11.25
C ILE A 227 -18.13 -28.58 -12.35
N GLN A 228 -18.00 -29.43 -13.38
CA GLN A 228 -18.92 -29.42 -14.52
C GLN A 228 -19.18 -30.82 -15.02
N GLU A 231 -15.09 -33.83 -15.18
CA GLU A 231 -15.86 -33.13 -14.16
C GLU A 231 -15.08 -31.99 -13.48
N LYS A 232 -13.75 -32.08 -13.49
CA LYS A 232 -12.91 -30.98 -12.99
C LYS A 232 -12.26 -30.21 -14.14
N LYS A 233 -12.67 -28.97 -14.30
CA LYS A 233 -12.28 -28.15 -15.45
C LYS A 233 -11.59 -26.93 -14.91
N PRO A 234 -10.38 -26.67 -15.39
CA PRO A 234 -9.48 -25.63 -14.88
C PRO A 234 -9.96 -24.21 -15.22
N ILE A 235 -9.95 -23.34 -14.24
CA ILE A 235 -10.27 -21.98 -14.55
C ILE A 235 -9.13 -21.10 -14.15
N GLY A 236 -9.11 -19.94 -14.80
CA GLY A 236 -8.06 -18.97 -14.58
C GLY A 236 -8.27 -18.27 -13.26
N TRP A 237 -7.17 -17.97 -12.61
CA TRP A 237 -7.21 -17.25 -11.34
C TRP A 237 -7.84 -15.85 -11.49
N ASP A 238 -7.72 -15.25 -12.67
CA ASP A 238 -8.23 -13.89 -12.83
C ASP A 238 -9.67 -13.80 -13.34
N THR A 239 -10.31 -14.97 -13.45
CA THR A 239 -11.75 -15.06 -13.70
C THR A 239 -12.61 -14.15 -12.78
N ASP A 240 -13.59 -13.47 -13.32
CA ASP A 240 -14.55 -12.83 -12.42
C ASP A 240 -15.46 -13.84 -11.72
N ILE A 241 -15.38 -13.87 -10.39
CA ILE A 241 -16.01 -14.89 -9.55
C ILE A 241 -17.56 -14.82 -9.72
N SER A 242 -18.09 -13.65 -10.07
CA SER A 242 -19.57 -13.48 -10.16
C SER A 242 -20.18 -14.37 -11.28
N TRP A 243 -19.39 -14.71 -12.29
CA TRP A 243 -19.85 -15.67 -13.32
C TRP A 243 -20.09 -17.10 -12.77
N LEU A 244 -19.55 -17.38 -11.58
CA LEU A 244 -19.57 -18.74 -11.00
C LEU A 244 -20.57 -18.93 -9.81
N THR A 245 -21.39 -17.93 -9.55
CA THR A 245 -22.43 -17.99 -8.51
C THR A 245 -23.18 -19.29 -8.58
N GLY A 246 -23.34 -19.95 -7.43
CA GLY A 246 -23.99 -21.25 -7.39
C GLY A 246 -23.09 -22.44 -7.69
N GLU A 247 -21.89 -22.18 -8.17
CA GLU A 247 -21.00 -23.29 -8.55
C GLU A 247 -20.09 -23.72 -7.38
N GLU A 248 -19.46 -24.87 -7.53
CA GLU A 248 -18.47 -25.38 -6.59
C GLU A 248 -17.12 -25.32 -7.28
N LEU A 249 -16.16 -24.70 -6.62
CA LEU A 249 -14.78 -24.68 -7.10
C LEU A 249 -13.92 -25.58 -6.24
N HIS A 250 -12.81 -26.06 -6.78
CA HIS A 250 -11.87 -26.84 -6.02
C HIS A 250 -10.49 -26.25 -6.21
N VAL A 251 -9.71 -26.16 -5.15
CA VAL A 251 -8.36 -25.59 -5.22
C VAL A 251 -7.43 -26.74 -4.84
N GLU A 252 -6.42 -26.97 -5.70
CA GLU A 252 -5.41 -28.02 -5.40
C GLU A 252 -4.03 -27.41 -5.64
N VAL A 253 -2.78 -28.16 -5.88
CA VAL A 253 -1.44 -27.52 -5.77
C VAL A 253 -0.58 -27.93 -6.95
N LEU A 254 -0.33 -29.24 -7.11
CA LEU A 254 0.51 -29.76 -8.23
C LEU A 254 1.99 -29.47 -7.93
N GLU A 255 2.26 -28.80 -6.80
CA GLU A 255 3.68 -28.54 -6.39
C GLU A 255 4.52 -28.14 -7.60
N ASN A 256 4.16 -27.03 -8.26
CA ASN A 256 4.90 -26.57 -9.46
C ASN A 256 6.02 -25.61 -9.04
N VAL A 257 6.16 -24.48 -9.75
CA VAL A 257 7.22 -23.49 -9.42
C VAL A 257 7.00 -22.99 -7.99
N PRO A 258 8.03 -23.00 -7.11
CA PRO A 258 7.89 -22.47 -5.75
C PRO A 258 8.05 -20.94 -5.77
N LEU A 259 7.16 -20.24 -6.48
CA LEU A 259 7.27 -18.76 -6.59
C LEU A 259 8.72 -18.41 -6.95
N THR A 260 9.47 -17.83 -6.00
CA THR A 260 10.90 -17.52 -6.24
C THR A 260 11.64 -17.63 -4.90
N THR A 261 12.84 -18.20 -4.89
CA THR A 261 13.58 -18.32 -3.61
C THR A 261 14.50 -17.11 -3.45
N HIS A 262 14.67 -16.62 -2.21
CA HIS A 262 15.48 -15.43 -2.01
C HIS A 262 16.93 -15.70 -2.35
N ASN A 263 17.46 -14.94 -3.30
CA ASN A 263 18.88 -15.00 -3.67
C ASN A 263 19.60 -13.95 -2.85
N PHE A 264 20.04 -14.35 -1.66
CA PHE A 264 20.62 -13.42 -0.69
C PHE A 264 22.13 -13.32 -0.89
N VAL A 265 22.61 -12.11 -1.13
CA VAL A 265 24.04 -11.83 -1.25
C VAL A 265 24.42 -10.87 -0.13
N ARG A 266 25.50 -11.20 0.58
CA ARG A 266 25.96 -10.33 1.66
C ARG A 266 26.55 -9.05 1.07
N LYS A 267 26.00 -7.91 1.48
CA LYS A 267 26.39 -6.63 0.92
C LYS A 267 26.57 -5.59 2.01
N THR A 268 27.60 -4.76 1.85
CA THR A 268 27.81 -3.59 2.68
C THR A 268 27.27 -2.38 1.93
N PHE A 269 26.48 -1.55 2.62
CA PHE A 269 25.82 -0.40 2.01
C PHE A 269 26.63 0.85 2.33
N PHE A 270 27.31 1.38 1.32
CA PHE A 270 28.00 2.64 1.48
C PHE A 270 27.08 3.84 1.39
N THR A 271 25.84 3.65 0.95
CA THR A 271 24.84 4.71 0.93
C THR A 271 23.78 4.44 2.00
N LEU A 272 22.95 5.44 2.24
CA LEU A 272 21.86 5.33 3.21
C LEU A 272 20.91 4.20 2.86
N ALA A 273 20.86 3.16 3.69
CA ALA A 273 19.94 2.06 3.50
C ALA A 273 19.30 1.68 4.82
N PHE A 274 18.08 1.18 4.76
CA PHE A 274 17.34 0.76 5.95
C PHE A 274 16.93 -0.70 5.82
N CYS A 275 16.98 -1.41 6.93
CA CYS A 275 16.54 -2.80 6.96
C CYS A 275 15.03 -2.85 6.76
N ASP A 276 14.58 -3.64 5.79
CA ASP A 276 13.17 -3.62 5.44
C ASP A 276 12.28 -4.19 6.53
N PHE A 277 12.82 -5.04 7.41
CA PHE A 277 12.03 -5.48 8.55
C PHE A 277 12.04 -4.44 9.66
N CYS A 278 13.21 -4.11 10.18
CA CYS A 278 13.33 -3.31 11.41
C CYS A 278 13.36 -1.81 11.16
N ARG A 279 13.40 -1.36 9.91
CA ARG A 279 13.40 0.05 9.55
C ARG A 279 14.58 0.82 10.14
N LYS A 280 15.56 0.14 10.73
CA LYS A 280 16.73 0.81 11.28
C LYS A 280 17.84 0.87 10.24
N LEU A 281 18.86 1.69 10.52
CA LEU A 281 19.98 1.85 9.60
C LEU A 281 20.67 0.51 9.37
N LEU A 282 21.01 0.25 8.11
CA LEU A 282 21.61 -1.00 7.67
C LEU A 282 22.95 -0.71 7.00
N PHE A 283 24.02 -0.68 7.80
CA PHE A 283 25.34 -0.47 7.23
C PHE A 283 25.84 -1.72 6.52
N GLN A 284 25.65 -2.88 7.12
CA GLN A 284 26.05 -4.15 6.52
C GLN A 284 24.94 -5.16 6.72
N GLY A 285 24.67 -5.96 5.69
CA GLY A 285 23.64 -6.97 5.82
C GLY A 285 23.51 -7.83 4.59
N PHE A 286 22.28 -8.18 4.25
CA PHE A 286 22.02 -9.04 3.10
C PHE A 286 21.07 -8.33 2.15
N ARG A 287 21.23 -8.60 0.87
CA ARG A 287 20.32 -8.07 -0.13
C ARG A 287 19.86 -9.20 -1.03
N CYS A 288 18.55 -9.27 -1.24
CA CYS A 288 18.02 -10.18 -2.25
C CYS A 288 18.27 -9.60 -3.63
N GLN A 289 19.03 -10.32 -4.46
CA GLN A 289 19.35 -9.81 -5.80
C GLN A 289 18.09 -9.64 -6.63
N THR A 290 17.17 -10.62 -6.55
CA THR A 290 15.94 -10.58 -7.32
C THR A 290 14.97 -9.50 -6.83
N CYS A 291 14.57 -9.57 -5.56
CA CYS A 291 13.47 -8.76 -5.05
C CYS A 291 13.92 -7.52 -4.29
N GLY A 292 15.22 -7.35 -4.02
CA GLY A 292 15.70 -6.15 -3.38
C GLY A 292 15.51 -6.06 -1.87
N TYR A 293 14.97 -7.09 -1.23
CA TYR A 293 14.77 -7.05 0.22
C TYR A 293 16.09 -6.91 0.95
N LYS A 294 16.11 -6.06 1.97
CA LYS A 294 17.31 -5.77 2.74
C LYS A 294 17.06 -6.02 4.22
N PHE A 295 17.99 -6.70 4.89
CA PHE A 295 17.82 -6.97 6.31
C PHE A 295 19.17 -7.19 6.96
N HIS A 296 19.21 -6.93 8.27
CA HIS A 296 20.40 -7.18 9.07
C HIS A 296 20.63 -8.67 9.27
N GLN A 297 21.87 -9.02 9.59
CA GLN A 297 22.20 -10.39 9.99
C GLN A 297 21.32 -10.87 11.13
N ARG A 298 20.99 -9.97 12.06
CA ARG A 298 20.23 -10.31 13.26
C ARG A 298 18.74 -10.46 13.00
N CYS A 299 18.26 -10.13 11.81
CA CYS A 299 16.84 -10.16 11.50
C CYS A 299 16.48 -11.24 10.49
N SER A 300 17.37 -12.21 10.26
CA SER A 300 17.13 -13.23 9.25
C SER A 300 15.91 -14.08 9.59
N THR A 301 15.54 -14.17 10.86
CA THR A 301 14.35 -14.91 11.23
C THR A 301 13.06 -14.20 10.86
N GLU A 302 13.13 -12.94 10.43
CA GLU A 302 11.95 -12.15 10.12
C GLU A 302 11.77 -11.91 8.62
N VAL A 303 12.59 -12.52 7.80
CA VAL A 303 12.53 -12.33 6.35
C VAL A 303 11.30 -13.04 5.80
N PRO A 304 10.60 -12.47 4.84
CA PRO A 304 9.51 -13.21 4.18
C PRO A 304 10.03 -14.50 3.56
N LEU A 305 9.20 -15.54 3.65
CA LEU A 305 9.65 -16.87 3.25
C LEU A 305 9.77 -16.97 1.74
N MET A 306 8.83 -16.42 1.00
CA MET A 306 8.85 -16.48 -0.45
C MET A 306 9.33 -15.16 -1.01
N CYS A 307 10.24 -15.24 -1.98
CA CYS A 307 10.78 -14.07 -2.68
C CYS A 307 9.72 -13.57 -3.67
N VAL A 308 8.78 -12.80 -3.14
CA VAL A 308 7.73 -12.22 -3.96
C VAL A 308 8.31 -11.09 -4.81
N ASN A 309 8.36 -11.34 -6.11
CA ASN A 309 8.96 -10.39 -7.04
C ASN A 309 7.93 -9.32 -7.38
N ARG A 387 25.00 -7.08 21.66
CA ARG A 387 26.45 -7.16 21.63
C ARG A 387 26.99 -6.63 20.31
N ASP A 388 26.08 -6.34 19.38
CA ASP A 388 26.47 -5.83 18.08
C ASP A 388 26.99 -4.40 18.19
N ARG A 389 27.70 -3.98 17.14
CA ARG A 389 28.28 -2.64 17.10
C ARG A 389 27.17 -1.60 16.96
N SER A 390 27.09 -0.69 17.92
CA SER A 390 26.13 0.40 17.84
C SER A 390 26.42 1.28 16.63
N SER A 391 25.36 1.81 16.02
CA SER A 391 25.49 2.60 14.81
C SER A 391 26.25 3.90 15.07
N SEP A 392 26.63 4.58 14.00
CA SEP A 392 27.35 5.85 14.12
CB SEP A 392 28.84 5.62 13.91
OG SEP A 392 29.10 4.98 12.68
C SEP A 392 26.83 6.89 13.15
O SEP A 392 25.77 6.72 12.55
P SEP A 392 30.68 4.72 12.54
O1P SEP A 392 31.20 3.94 13.85
O2P SEP A 392 31.43 6.14 12.43
O3P SEP A 392 30.97 3.83 11.24
N ALA A 393 27.58 7.97 13.00
CA ALA A 393 27.17 9.09 12.16
C ALA A 393 27.31 8.75 10.68
N PRO A 394 26.20 8.74 9.96
CA PRO A 394 26.24 8.33 8.55
C PRO A 394 26.86 9.38 7.65
N ASN A 395 26.82 9.14 6.33
CA ASN A 395 27.38 10.08 5.38
C ASN A 395 26.50 11.33 5.30
N VAL A 396 27.08 12.40 4.79
CA VAL A 396 26.42 13.70 4.71
C VAL A 396 26.19 14.01 3.24
N HIS A 397 24.93 13.99 2.83
CA HIS A 397 24.55 14.29 1.45
C HIS A 397 23.08 14.66 1.36
N ASP A 476 0.09 38.02 14.76
CA ASP A 476 -1.09 38.23 13.94
C ASP A 476 -0.78 38.06 12.45
N TRP A 477 -1.14 36.91 11.90
CA TRP A 477 -0.94 36.60 10.48
C TRP A 477 -2.22 36.80 9.68
N GLU A 478 -3.06 37.75 10.08
CA GLU A 478 -4.36 37.97 9.46
C GLU A 478 -4.27 39.11 8.45
N ILE A 479 -4.63 38.83 7.21
CA ILE A 479 -4.66 39.86 6.17
C ILE A 479 -5.97 40.65 6.30
N PRO A 480 -5.92 41.97 6.39
CA PRO A 480 -7.14 42.77 6.51
C PRO A 480 -7.84 42.91 5.17
N ASP A 481 -9.00 43.55 5.21
CA ASP A 481 -9.79 43.78 4.01
C ASP A 481 -9.19 44.90 3.17
N GLY A 482 -9.50 44.88 1.87
CA GLY A 482 -9.03 45.91 0.96
C GLY A 482 -7.68 45.66 0.34
N GLN A 483 -7.12 44.46 0.50
CA GLN A 483 -5.83 44.12 -0.08
C GLN A 483 -5.87 42.93 -1.02
N ILE A 484 -6.80 42.00 -0.83
CA ILE A 484 -6.87 40.78 -1.61
C ILE A 484 -7.89 41.00 -2.72
N THR A 485 -7.39 41.21 -3.94
CA THR A 485 -8.26 41.37 -5.10
C THR A 485 -8.77 40.02 -5.57
N VAL A 486 -9.91 39.57 -5.02
CA VAL A 486 -10.47 38.28 -5.39
C VAL A 486 -10.88 38.32 -6.86
N GLY A 487 -10.28 37.43 -7.65
CA GLY A 487 -10.54 37.41 -9.07
C GLY A 487 -11.54 36.36 -9.53
N GLN A 488 -11.13 35.55 -10.49
CA GLN A 488 -12.03 34.59 -11.11
C GLN A 488 -12.15 33.32 -10.29
N ARG A 489 -13.36 32.78 -10.22
CA ARG A 489 -13.60 31.53 -9.50
C ARG A 489 -12.89 30.38 -10.18
N ILE A 490 -12.10 29.63 -9.41
CA ILE A 490 -11.36 28.50 -9.96
C ILE A 490 -12.12 27.21 -9.71
N GLY A 491 -12.44 26.92 -8.45
CA GLY A 491 -13.19 25.71 -8.20
C GLY A 491 -13.42 25.33 -6.75
N SER A 492 -14.51 24.63 -6.48
CA SER A 492 -14.84 24.24 -5.12
C SER A 492 -14.20 22.90 -4.77
N GLY A 493 -13.90 22.71 -3.48
CA GLY A 493 -13.27 21.50 -3.02
C GLY A 493 -14.07 20.76 -1.97
N SER A 494 -13.38 20.13 -1.02
CA SER A 494 -14.04 19.41 0.06
C SER A 494 -14.17 20.25 1.33
N PHE A 495 -13.44 21.35 1.43
CA PHE A 495 -13.66 22.25 2.55
C PHE A 495 -13.60 23.72 2.14
N GLY A 496 -13.65 24.04 0.85
CA GLY A 496 -13.58 25.43 0.44
C GLY A 496 -13.57 25.64 -1.06
N THR A 497 -13.79 26.87 -1.48
CA THR A 497 -13.76 27.25 -2.88
C THR A 497 -12.53 28.12 -3.14
N VAL A 498 -11.81 27.80 -4.21
CA VAL A 498 -10.54 28.46 -4.53
C VAL A 498 -10.78 29.47 -5.64
N TYR A 499 -10.26 30.68 -5.42
CA TYR A 499 -10.28 31.81 -6.35
C TYR A 499 -8.85 32.30 -6.56
N LYS A 500 -8.57 32.82 -7.75
CA LYS A 500 -7.27 33.44 -8.03
C LYS A 500 -7.29 34.91 -7.60
N GLY A 501 -6.64 35.20 -6.48
CA GLY A 501 -6.58 36.56 -5.96
C GLY A 501 -5.27 37.26 -6.25
N LYS A 502 -5.30 38.59 -6.15
CA LYS A 502 -4.10 39.40 -6.24
C LYS A 502 -3.71 39.89 -4.85
N TRP A 503 -2.52 39.51 -4.39
CA TRP A 503 -2.00 39.98 -3.12
C TRP A 503 -0.47 39.98 -3.22
N HIS A 504 0.10 41.14 -3.53
CA HIS A 504 1.54 41.27 -3.77
C HIS A 504 2.01 40.23 -4.77
N GLY A 505 1.23 40.08 -5.83
CA GLY A 505 1.40 39.00 -6.79
C GLY A 505 0.22 38.03 -6.75
N ASP A 506 0.28 37.07 -7.66
CA ASP A 506 -0.80 36.10 -7.78
C ASP A 506 -0.79 35.14 -6.60
N VAL A 507 -1.94 35.01 -5.93
CA VAL A 507 -2.12 34.09 -4.81
C VAL A 507 -3.41 33.32 -5.02
N ALA A 508 -3.57 32.26 -4.23
CA ALA A 508 -4.76 31.42 -4.28
C ALA A 508 -5.54 31.66 -2.98
N VAL A 509 -6.70 32.30 -3.09
CA VAL A 509 -7.59 32.50 -1.97
C VAL A 509 -8.52 31.30 -1.87
N LYS A 510 -8.88 30.94 -0.65
CA LYS A 510 -9.73 29.78 -0.42
C LYS A 510 -10.78 30.17 0.61
N MET A 511 -12.03 30.30 0.15
CA MET A 511 -13.19 30.50 1.01
C MET A 511 -13.52 29.17 1.65
N LEU A 512 -13.03 28.97 2.87
CA LEU A 512 -13.34 27.77 3.64
C LEU A 512 -14.83 27.63 3.86
N ASN A 513 -15.33 26.41 3.69
CA ASN A 513 -16.76 26.14 3.90
C ASN A 513 -17.23 26.54 5.29
N VAL A 514 -16.35 26.46 6.29
CA VAL A 514 -16.71 26.86 7.65
C VAL A 514 -16.77 28.39 7.70
N THR A 515 -17.99 28.93 7.62
CA THR A 515 -18.19 30.37 7.54
C THR A 515 -18.43 31.02 8.90
N ALA A 516 -19.00 30.26 9.85
CA ALA A 516 -19.34 30.77 11.18
C ALA A 516 -18.59 29.93 12.22
N PRO A 517 -17.31 30.20 12.44
CA PRO A 517 -16.56 29.44 13.45
C PRO A 517 -16.76 29.99 14.85
N THR A 518 -16.81 29.08 15.81
CA THR A 518 -16.93 29.46 17.20
C THR A 518 -15.61 30.06 17.70
N PRO A 519 -15.65 30.86 18.78
CA PRO A 519 -14.41 31.45 19.31
C PRO A 519 -13.35 30.43 19.70
N GLN A 520 -13.74 29.16 19.83
CA GLN A 520 -12.75 28.11 20.07
C GLN A 520 -12.20 27.53 18.77
N GLN A 521 -13.07 27.30 17.78
CA GLN A 521 -12.59 26.85 16.48
C GLN A 521 -11.72 27.90 15.83
N LEU A 522 -12.08 29.17 15.97
CA LEU A 522 -11.24 30.24 15.45
C LEU A 522 -9.86 30.24 16.10
N GLN A 523 -9.82 30.05 17.42
CA GLN A 523 -8.54 30.01 18.13
C GLN A 523 -7.70 28.82 17.67
N ALA A 524 -8.33 27.65 17.53
CA ALA A 524 -7.60 26.48 17.06
C ALA A 524 -7.10 26.67 15.64
N PHE A 525 -7.90 27.31 14.79
CA PHE A 525 -7.49 27.60 13.43
C PHE A 525 -6.30 28.57 13.42
N LYS A 526 -6.34 29.59 14.27
CA LYS A 526 -5.20 30.50 14.39
C LYS A 526 -3.96 29.77 14.86
N ASN A 527 -4.11 28.84 15.80
CA ASN A 527 -2.96 28.06 16.26
C ASN A 527 -2.41 27.18 15.15
N GLU A 528 -3.30 26.56 14.37
CA GLU A 528 -2.86 25.74 13.24
C GLU A 528 -2.13 26.57 12.20
N VAL A 529 -2.64 27.77 11.91
CA VAL A 529 -1.96 28.68 10.99
C VAL A 529 -0.62 29.09 11.55
N GLY A 530 -0.52 29.23 12.87
CA GLY A 530 0.77 29.52 13.49
C GLY A 530 1.83 28.51 13.10
N VAL A 531 1.46 27.23 13.10
CA VAL A 531 2.39 26.19 12.65
C VAL A 531 2.59 26.24 11.15
N LEU A 532 1.50 26.40 10.38
CA LEU A 532 1.61 26.32 8.92
C LEU A 532 2.43 27.46 8.34
N ARG A 533 2.48 28.60 9.01
CA ARG A 533 3.27 29.72 8.51
C ARG A 533 4.77 29.49 8.66
N LYS A 534 5.18 28.52 9.49
CA LYS A 534 6.59 28.26 9.75
C LYS A 534 7.11 27.08 8.93
N THR A 535 6.58 26.87 7.73
CA THR A 535 7.01 25.80 6.85
C THR A 535 7.56 26.42 5.57
N ARG A 536 8.79 26.09 5.22
CA ARG A 536 9.45 26.66 4.05
C ARG A 536 10.28 25.56 3.40
N HIS A 537 9.74 24.95 2.34
CA HIS A 537 10.40 23.88 1.64
C HIS A 537 10.17 24.05 0.14
N VAL A 538 11.13 23.55 -0.65
CA VAL A 538 11.01 23.68 -2.10
C VAL A 538 9.81 22.91 -2.64
N ASN A 539 9.39 21.87 -1.92
CA ASN A 539 8.31 21.00 -2.37
C ASN A 539 7.00 21.25 -1.64
N ILE A 540 6.91 22.34 -0.89
CA ILE A 540 5.71 22.66 -0.12
C ILE A 540 5.22 24.03 -0.55
N LEU A 541 3.94 24.11 -0.90
CA LEU A 541 3.33 25.39 -1.27
C LEU A 541 3.40 26.36 -0.09
N LEU A 542 3.80 27.59 -0.38
CA LEU A 542 3.94 28.60 0.67
C LEU A 542 2.58 28.94 1.25
N PHE A 543 2.51 29.00 2.58
CA PHE A 543 1.28 29.35 3.29
C PHE A 543 1.42 30.80 3.73
N MET A 544 0.67 31.69 3.09
CA MET A 544 0.77 33.13 3.33
C MET A 544 -0.32 33.65 4.25
N GLY A 545 -0.74 32.86 5.23
CA GLY A 545 -1.68 33.33 6.22
C GLY A 545 -3.13 33.18 5.82
N TYR A 546 -3.99 34.07 6.30
CA TYR A 546 -5.41 33.99 6.04
C TYR A 546 -6.01 35.39 6.18
N SER A 547 -7.34 35.47 6.21
CA SER A 547 -8.05 36.73 6.37
C SER A 547 -9.37 36.45 7.05
N THR A 548 -9.67 37.20 8.12
CA THR A 548 -10.84 36.93 8.95
C THR A 548 -12.03 37.83 8.64
N LYS A 549 -11.81 39.06 8.21
CA LYS A 549 -12.91 39.99 7.93
C LYS A 549 -13.87 39.42 6.89
N PRO A 550 -13.40 39.01 5.69
CA PRO A 550 -14.34 38.40 4.73
C PRO A 550 -14.43 36.88 4.91
N GLN A 551 -15.07 36.47 6.00
CA GLN A 551 -15.19 35.07 6.40
C GLN A 551 -13.79 34.48 6.56
N LEU A 552 -13.60 33.21 6.25
CA LEU A 552 -12.30 32.57 6.36
C LEU A 552 -11.76 32.27 4.97
N ALA A 553 -10.46 32.55 4.78
CA ALA A 553 -9.88 32.47 3.43
C ALA A 553 -8.39 32.14 3.58
N ILE A 554 -8.04 30.88 3.33
CA ILE A 554 -6.63 30.49 3.28
C ILE A 554 -6.00 31.13 2.06
N VAL A 555 -4.82 31.73 2.25
CA VAL A 555 -4.09 32.39 1.16
C VAL A 555 -2.81 31.61 0.93
N THR A 556 -2.73 30.92 -0.21
CA THR A 556 -1.57 30.11 -0.57
C THR A 556 -0.90 30.69 -1.80
N GLN A 557 0.31 30.19 -2.07
CA GLN A 557 1.01 30.57 -3.28
C GLN A 557 0.28 30.05 -4.51
N TRP A 558 0.05 30.93 -5.49
CA TRP A 558 -0.58 30.52 -6.73
C TRP A 558 0.38 29.68 -7.56
N CYS A 559 -0.10 28.54 -8.03
CA CYS A 559 0.67 27.65 -8.88
C CYS A 559 0.28 27.88 -10.35
N GLU A 560 1.27 28.06 -11.21
CA GLU A 560 1.03 28.05 -12.63
C GLU A 560 0.97 26.61 -13.13
N GLY A 561 0.73 26.45 -14.43
CA GLY A 561 0.69 25.12 -15.01
C GLY A 561 -0.56 24.35 -14.64
N SER A 562 -0.40 23.17 -14.07
CA SER A 562 -1.55 22.33 -13.75
C SER A 562 -1.16 21.30 -12.71
N SER A 563 -2.18 20.73 -12.06
CA SER A 563 -1.99 19.74 -11.02
C SER A 563 -1.61 18.40 -11.61
N LEU A 564 -1.13 17.51 -10.74
CA LEU A 564 -0.75 16.17 -11.18
C LEU A 564 -1.95 15.39 -11.68
N TYR A 565 -3.10 15.52 -11.00
CA TYR A 565 -4.31 14.87 -11.49
C TYR A 565 -4.66 15.33 -12.89
N HIS A 566 -4.46 16.63 -13.18
CA HIS A 566 -4.72 17.13 -14.51
C HIS A 566 -3.80 16.47 -15.54
N HIS A 567 -2.51 16.32 -15.21
CA HIS A 567 -1.57 15.74 -16.15
C HIS A 567 -1.63 14.23 -16.22
N LEU A 568 -2.38 13.58 -15.32
CA LEU A 568 -2.46 12.12 -15.30
C LEU A 568 -3.80 11.56 -15.71
N HIS A 569 -4.89 12.32 -15.59
CA HIS A 569 -6.20 11.79 -15.95
C HIS A 569 -7.00 12.68 -16.90
N ILE A 570 -6.53 13.89 -17.20
CA ILE A 570 -7.27 14.76 -18.10
C ILE A 570 -6.69 14.63 -19.49
N ILE A 571 -5.39 14.94 -19.63
CA ILE A 571 -4.73 14.81 -20.91
C ILE A 571 -4.08 13.45 -21.11
N GLU A 572 -3.85 12.71 -20.03
CA GLU A 572 -3.22 11.38 -20.09
C GLU A 572 -1.87 11.43 -20.79
N THR A 573 -1.12 12.49 -20.54
CA THR A 573 0.21 12.65 -21.13
C THR A 573 1.21 11.90 -20.25
N LYS A 574 1.42 10.63 -20.57
CA LYS A 574 2.38 9.82 -19.83
C LYS A 574 3.79 10.32 -20.09
N PHE A 575 4.64 10.27 -19.06
CA PHE A 575 6.03 10.66 -19.17
C PHE A 575 6.93 9.45 -18.98
N GLU A 576 8.19 9.60 -19.41
CA GLU A 576 9.18 8.56 -19.24
C GLU A 576 9.36 8.23 -17.76
N MET A 577 9.75 6.98 -17.49
CA MET A 577 9.87 6.51 -16.11
C MET A 577 10.78 7.40 -15.27
N ILE A 578 11.79 8.02 -15.88
CA ILE A 578 12.72 8.85 -15.11
C ILE A 578 11.99 10.03 -14.49
N LYS A 579 11.21 10.74 -15.31
CA LYS A 579 10.47 11.89 -14.77
C LYS A 579 9.42 11.45 -13.77
N LEU A 580 8.82 10.27 -13.96
CA LEU A 580 7.83 9.77 -13.02
C LEU A 580 8.47 9.49 -11.66
N ILE A 581 9.62 8.80 -11.66
CA ILE A 581 10.32 8.54 -10.40
C ILE A 581 10.79 9.85 -9.79
N ASP A 582 11.20 10.81 -10.60
CA ASP A 582 11.59 12.11 -10.04
C ASP A 582 10.41 12.80 -9.37
N ILE A 583 9.22 12.73 -10.00
CA ILE A 583 8.02 13.30 -9.39
C ILE A 583 7.72 12.61 -8.07
N ALA A 584 7.80 11.27 -8.06
CA ALA A 584 7.58 10.55 -6.82
C ALA A 584 8.62 10.92 -5.76
N ARG A 585 9.87 11.11 -6.16
CA ARG A 585 10.92 11.46 -5.22
C ARG A 585 10.70 12.84 -4.62
N GLN A 586 10.31 13.81 -5.46
CA GLN A 586 10.07 15.14 -4.93
C GLN A 586 8.83 15.17 -4.03
N THR A 587 7.79 14.41 -4.38
CA THR A 587 6.63 14.31 -3.50
C THR A 587 7.00 13.69 -2.17
N ALA A 588 7.79 12.60 -2.21
CA ALA A 588 8.23 11.98 -0.97
C ALA A 588 9.11 12.92 -0.15
N GLN A 589 9.95 13.72 -0.81
CA GLN A 589 10.77 14.68 -0.09
C GLN A 589 9.91 15.73 0.60
N GLY A 590 8.90 16.24 -0.11
CA GLY A 590 8.00 17.21 0.50
C GLY A 590 7.23 16.62 1.67
N MET A 591 6.76 15.38 1.53
CA MET A 591 6.06 14.73 2.63
C MET A 591 7.00 14.46 3.80
N ASP A 592 8.25 14.12 3.53
CA ASP A 592 9.22 13.91 4.60
C ASP A 592 9.45 15.21 5.35
N TYR A 593 9.54 16.33 4.63
CA TYR A 593 9.67 17.61 5.31
C TYR A 593 8.44 17.89 6.16
N LEU A 594 7.25 17.59 5.64
CA LEU A 594 6.04 17.81 6.43
C LEU A 594 6.05 16.96 7.70
N HIS A 595 6.44 15.70 7.59
CA HIS A 595 6.40 14.82 8.76
C HIS A 595 7.54 15.10 9.73
N ALA A 596 8.63 15.70 9.26
CA ALA A 596 9.71 16.07 10.17
C ALA A 596 9.24 17.11 11.18
N LYS A 597 8.29 17.94 10.78
CA LYS A 597 7.70 18.95 11.66
C LYS A 597 6.38 18.50 12.28
N SER A 598 6.05 17.21 12.17
CA SER A 598 4.84 16.65 12.77
C SER A 598 3.57 17.33 12.26
N ILE A 599 3.43 17.38 10.94
CA ILE A 599 2.24 17.91 10.30
C ILE A 599 1.64 16.79 9.46
N ILE A 600 0.48 16.30 9.85
CA ILE A 600 -0.25 15.32 9.06
C ILE A 600 -0.93 16.03 7.90
N HIS A 601 -0.71 15.54 6.68
CA HIS A 601 -1.26 16.21 5.52
C HIS A 601 -2.77 16.04 5.45
N ARG A 602 -3.28 14.83 5.69
CA ARG A 602 -4.68 14.48 5.69
C ARG A 602 -5.34 14.59 4.31
N ASP A 603 -4.65 15.16 3.32
CA ASP A 603 -5.28 15.37 2.03
C ASP A 603 -4.38 15.06 0.84
N LEU A 604 -3.25 14.39 1.05
CA LEU A 604 -2.33 14.10 -0.05
C LEU A 604 -3.02 13.27 -1.12
N LYS A 605 -3.09 13.82 -2.33
CA LYS A 605 -3.73 13.17 -3.46
C LYS A 605 -3.26 13.88 -4.72
N SER A 606 -3.50 13.25 -5.87
CA SER A 606 -3.05 13.82 -7.13
C SER A 606 -3.68 15.18 -7.42
N ASN A 607 -4.80 15.50 -6.78
CA ASN A 607 -5.38 16.83 -6.96
C ASN A 607 -4.55 17.91 -6.27
N ASN A 608 -3.87 17.58 -5.18
CA ASN A 608 -3.11 18.56 -4.41
C ASN A 608 -1.63 18.52 -4.71
N ILE A 609 -1.23 17.93 -5.83
CA ILE A 609 0.18 17.85 -6.21
C ILE A 609 0.33 18.62 -7.52
N PHE A 610 1.11 19.69 -7.48
CA PHE A 610 1.26 20.57 -8.63
C PHE A 610 2.66 20.46 -9.21
N LEU A 611 2.73 20.63 -10.53
CA LEU A 611 4.00 20.65 -11.26
C LEU A 611 4.30 22.10 -11.61
N HIS A 612 4.95 22.79 -10.67
CA HIS A 612 5.38 24.17 -10.85
C HIS A 612 6.41 24.23 -11.97
N GLU A 613 6.01 24.87 -13.08
CA GLU A 613 6.85 25.02 -14.27
C GLU A 613 7.25 23.66 -14.84
N ASP A 614 6.37 22.66 -14.69
CA ASP A 614 6.55 21.31 -15.20
C ASP A 614 7.77 20.61 -14.63
N LEU A 615 8.44 21.23 -13.66
CA LEU A 615 9.65 20.65 -13.09
C LEU A 615 9.49 20.37 -11.60
N THR A 616 9.10 21.38 -10.83
CA THR A 616 9.14 21.28 -9.38
C THR A 616 7.81 20.71 -8.85
N VAL A 617 7.89 19.68 -8.00
CA VAL A 617 6.70 19.19 -7.33
C VAL A 617 6.39 20.08 -6.13
N LYS A 618 5.14 20.52 -6.02
CA LYS A 618 4.68 21.33 -4.90
C LYS A 618 3.41 20.71 -4.33
N ILE A 619 3.46 20.29 -3.08
CA ILE A 619 2.30 19.75 -2.38
C ILE A 619 1.59 20.90 -1.67
N GLY A 620 0.25 20.91 -1.74
CA GLY A 620 -0.53 21.94 -1.11
C GLY A 620 -1.69 21.35 -0.32
N ASP A 621 -2.45 22.24 0.32
CA ASP A 621 -3.65 21.86 1.07
C ASP A 621 -3.33 20.84 2.15
N PHE A 622 -2.27 21.10 2.90
CA PHE A 622 -1.81 20.21 3.95
C PHE A 622 -2.26 20.73 5.32
N GLY A 623 -2.40 19.81 6.27
CA GLY A 623 -2.85 20.20 7.60
C GLY A 623 -4.27 20.74 7.57
N LEU A 624 -4.47 21.88 8.24
CA LEU A 624 -5.78 22.51 8.34
C LEU A 624 -6.83 21.54 8.86
N ALA A 625 -6.48 20.81 9.92
CA ALA A 625 -7.41 19.84 10.48
C ALA A 625 -8.60 20.52 11.16
N THR A 626 -8.44 21.76 11.60
CA THR A 626 -9.49 22.44 12.36
C THR A 626 -10.56 23.05 11.47
N VAL A 627 -10.27 23.30 10.19
CA VAL A 627 -11.28 23.85 9.28
C VAL A 627 -12.08 22.78 8.58
N LYS A 628 -11.63 21.53 8.62
CA LYS A 628 -12.42 20.41 8.17
C LYS A 628 -13.23 19.85 9.33
N SER A 629 -14.36 19.23 9.01
CA SER A 629 -15.27 18.63 10.01
C SER A 629 -15.76 19.71 10.99
N ARG A 630 -16.58 20.60 10.44
CA ARG A 630 -17.16 21.73 11.17
C ARG A 630 -17.58 21.34 12.58
N TRP A 631 -17.21 22.18 13.54
CA TRP A 631 -17.39 21.87 14.95
C TRP A 631 -18.79 22.21 15.42
N SER A 632 -19.15 21.67 16.59
CA SER A 632 -20.37 22.00 17.29
C SER A 632 -20.08 22.57 18.67
N GLY A 633 -18.82 22.86 18.98
CA GLY A 633 -18.41 23.29 20.29
C GLY A 633 -16.90 23.28 20.42
N SER A 634 -16.38 22.65 21.47
CA SER A 634 -14.95 22.48 21.65
C SER A 634 -14.45 21.13 21.16
N HIS A 635 -15.29 20.38 20.45
CA HIS A 635 -14.90 19.10 19.89
C HIS A 635 -14.73 19.23 18.38
N GLN A 636 -13.93 18.34 17.82
CA GLN A 636 -13.66 18.35 16.39
C GLN A 636 -13.75 16.94 15.83
N PHE A 637 -14.79 16.20 16.22
CA PHE A 637 -15.06 14.90 15.64
C PHE A 637 -14.98 14.96 14.12
N GLU A 638 -14.02 14.24 13.55
CA GLU A 638 -13.76 14.32 12.12
C GLU A 638 -14.86 13.60 11.35
N GLN A 639 -15.77 14.37 10.75
CA GLN A 639 -16.85 13.79 9.95
C GLN A 639 -16.34 13.11 8.69
N LEU A 640 -15.05 13.24 8.37
CA LEU A 640 -14.40 12.60 7.23
C LEU A 640 -14.84 13.26 5.93
N SER A 641 -13.90 13.85 5.20
CA SER A 641 -14.22 14.48 3.92
C SER A 641 -12.98 14.49 3.05
N GLY A 642 -13.12 14.02 1.83
CA GLY A 642 -12.03 13.89 0.88
C GLY A 642 -12.27 12.70 -0.02
N SER A 643 -11.63 12.73 -1.19
CA SER A 643 -11.75 11.62 -2.13
C SER A 643 -11.34 10.32 -1.45
N ILE A 644 -12.28 9.38 -1.34
CA ILE A 644 -12.06 8.14 -0.61
C ILE A 644 -11.03 7.25 -1.30
N LEU A 645 -10.70 7.59 -2.55
CA LEU A 645 -9.70 6.79 -3.27
C LEU A 645 -8.33 6.89 -2.61
N TRP A 646 -8.07 7.97 -1.87
CA TRP A 646 -6.79 8.17 -1.21
C TRP A 646 -6.85 7.94 0.30
N MET A 647 -8.03 7.69 0.85
CA MET A 647 -8.16 7.48 2.29
C MET A 647 -7.73 6.07 2.68
N ALA A 648 -6.92 5.98 3.73
CA ALA A 648 -6.50 4.70 4.26
C ALA A 648 -7.68 3.97 4.89
N PRO A 649 -7.64 2.64 4.93
CA PRO A 649 -8.73 1.89 5.59
C PRO A 649 -8.99 2.34 7.02
N GLU A 650 -7.94 2.67 7.76
CA GLU A 650 -8.15 3.18 9.11
C GLU A 650 -8.84 4.54 9.09
N VAL A 651 -8.56 5.35 8.07
CA VAL A 651 -9.28 6.60 7.92
C VAL A 651 -10.72 6.36 7.51
N ILE A 652 -10.95 5.39 6.61
CA ILE A 652 -12.32 5.09 6.18
C ILE A 652 -13.16 4.65 7.36
N ARG A 653 -12.60 3.80 8.22
CA ARG A 653 -13.37 3.31 9.36
C ARG A 653 -13.81 4.46 10.27
N MET A 654 -12.91 5.39 10.56
CA MET A 654 -13.16 6.50 11.48
C MET A 654 -13.47 6.00 12.88
N GLN A 655 -13.46 4.69 13.08
CA GLN A 655 -13.72 4.13 14.40
C GLN A 655 -12.62 4.51 15.37
N ASP A 656 -11.40 4.68 14.89
CA ASP A 656 -10.30 5.14 15.72
C ASP A 656 -10.54 6.58 16.16
N LYS A 657 -10.02 6.92 17.35
CA LYS A 657 -10.19 8.27 17.87
C LYS A 657 -9.59 9.30 16.91
N ASN A 658 -8.37 9.05 16.44
CA ASN A 658 -7.72 9.91 15.46
C ASN A 658 -7.15 9.03 14.35
N PRO A 659 -7.74 9.04 13.16
CA PRO A 659 -7.23 8.19 12.07
C PRO A 659 -6.19 8.85 11.18
N TYR A 660 -6.04 10.16 11.22
CA TYR A 660 -5.10 10.86 10.35
C TYR A 660 -3.75 10.88 11.04
N SER A 661 -3.01 9.80 10.89
CA SER A 661 -1.66 9.68 11.40
C SER A 661 -0.69 9.71 10.22
N PHE A 662 0.59 9.50 10.51
CA PHE A 662 1.59 9.50 9.45
C PHE A 662 1.35 8.36 8.47
N GLN A 663 0.92 7.21 8.96
CA GLN A 663 0.78 6.04 8.11
C GLN A 663 -0.39 6.19 7.13
N SER A 664 -1.45 6.89 7.53
CA SER A 664 -2.51 7.21 6.58
C SER A 664 -1.99 8.13 5.47
N ASP A 665 -1.09 9.03 5.83
CA ASP A 665 -0.43 9.85 4.82
C ASP A 665 0.39 8.98 3.89
N VAL A 666 1.05 7.96 4.44
CA VAL A 666 1.82 7.04 3.61
C VAL A 666 0.92 6.27 2.66
N TYR A 667 -0.25 5.86 3.13
CA TYR A 667 -1.20 5.18 2.24
C TYR A 667 -1.68 6.11 1.13
N ALA A 668 -1.97 7.37 1.48
CA ALA A 668 -2.31 8.32 0.43
C ALA A 668 -1.19 8.45 -0.59
N PHE A 669 0.06 8.50 -0.11
CA PHE A 669 1.18 8.56 -1.03
C PHE A 669 1.26 7.31 -1.89
N GLY A 670 0.97 6.15 -1.31
CA GLY A 670 0.99 4.92 -2.08
C GLY A 670 -0.05 4.90 -3.17
N ILE A 671 -1.23 5.45 -2.91
CA ILE A 671 -2.24 5.56 -3.96
C ILE A 671 -1.78 6.56 -5.02
N VAL A 672 -1.08 7.62 -4.61
CA VAL A 672 -0.49 8.51 -5.59
C VAL A 672 0.53 7.77 -6.46
N LEU A 673 1.34 6.91 -5.84
CA LEU A 673 2.30 6.11 -6.59
C LEU A 673 1.59 5.21 -7.59
N TYR A 674 0.51 4.57 -7.17
CA TYR A 674 -0.25 3.71 -8.06
C TYR A 674 -0.84 4.50 -9.22
N GLU A 675 -1.41 5.67 -8.93
CA GLU A 675 -1.97 6.53 -9.97
C GLU A 675 -0.90 6.96 -10.96
N LEU A 676 0.28 7.34 -10.46
CA LEU A 676 1.39 7.69 -11.34
C LEU A 676 1.84 6.50 -12.17
N MET A 677 1.98 5.33 -11.54
CA MET A 677 2.64 4.20 -12.17
C MET A 677 1.76 3.59 -13.26
N THR A 678 0.46 3.43 -12.99
CA THR A 678 -0.41 2.83 -13.99
C THR A 678 -1.14 3.85 -14.84
N GLY A 679 -1.23 5.10 -14.40
CA GLY A 679 -1.95 6.10 -15.15
C GLY A 679 -3.44 6.04 -14.99
N GLN A 680 -3.97 5.07 -14.25
CA GLN A 680 -5.39 4.95 -13.98
C GLN A 680 -5.65 5.11 -12.50
N LEU A 681 -6.83 5.63 -12.18
CA LEU A 681 -7.20 5.77 -10.78
C LEU A 681 -7.49 4.39 -10.19
N PRO A 682 -7.29 4.21 -8.89
CA PRO A 682 -7.60 2.91 -8.28
C PRO A 682 -9.07 2.57 -8.42
N TYR A 683 -9.34 1.27 -8.49
CA TYR A 683 -10.69 0.74 -8.64
C TYR A 683 -11.39 1.33 -9.86
N SER A 684 -10.82 1.03 -11.03
CA SER A 684 -11.39 1.45 -12.30
C SER A 684 -12.40 0.45 -12.85
N ASN A 685 -13.00 -0.36 -11.98
CA ASN A 685 -14.01 -1.33 -12.40
C ASN A 685 -15.24 -1.29 -11.50
N ILE A 686 -15.45 -0.20 -10.77
CA ILE A 686 -16.53 -0.08 -9.80
C ILE A 686 -17.35 1.16 -10.13
N ASN A 687 -18.67 0.98 -10.22
CA ASN A 687 -19.59 2.05 -10.57
C ASN A 687 -20.40 2.52 -9.37
N ASN A 688 -19.79 2.54 -8.20
CA ASN A 688 -20.46 2.99 -6.98
C ASN A 688 -19.40 3.58 -6.05
N ARG A 689 -19.77 4.63 -5.33
CA ARG A 689 -18.84 5.21 -4.37
C ARG A 689 -18.97 4.57 -3.00
N ASP A 690 -20.20 4.34 -2.55
CA ASP A 690 -20.40 3.72 -1.24
C ASP A 690 -19.86 2.30 -1.21
N GLN A 691 -19.94 1.59 -2.33
CA GLN A 691 -19.36 0.26 -2.42
C GLN A 691 -17.86 0.31 -2.16
N ILE A 692 -17.17 1.29 -2.73
CA ILE A 692 -15.74 1.43 -2.52
C ILE A 692 -15.44 1.72 -1.07
N ILE A 693 -16.20 2.62 -0.45
CA ILE A 693 -15.99 2.95 0.96
C ILE A 693 -16.15 1.72 1.83
N PHE A 694 -17.23 0.97 1.63
CA PHE A 694 -17.46 -0.21 2.45
C PHE A 694 -16.35 -1.23 2.25
N MET A 695 -16.07 -1.58 0.99
CA MET A 695 -15.11 -2.65 0.74
C MET A 695 -13.69 -2.28 1.17
N VAL A 696 -13.29 -1.02 0.96
CA VAL A 696 -11.97 -0.59 1.40
C VAL A 696 -11.87 -0.58 2.92
N GLY A 697 -12.85 0.05 3.58
CA GLY A 697 -12.83 0.11 5.04
C GLY A 697 -12.98 -1.25 5.69
N ARG A 698 -13.54 -2.21 4.98
CA ARG A 698 -13.75 -3.57 5.46
C ARG A 698 -12.52 -4.46 5.27
N GLY A 699 -11.52 -3.99 4.53
CA GLY A 699 -10.36 -4.81 4.22
C GLY A 699 -10.65 -5.87 3.17
N TYR A 700 -11.60 -5.61 2.28
CA TYR A 700 -11.93 -6.52 1.20
C TYR A 700 -11.41 -6.06 -0.15
N LEU A 701 -11.43 -4.77 -0.42
CA LEU A 701 -11.00 -4.23 -1.70
C LEU A 701 -9.63 -3.60 -1.54
N SER A 702 -8.73 -3.92 -2.45
CA SER A 702 -7.38 -3.40 -2.46
C SER A 702 -7.02 -2.96 -3.87
N PRO A 703 -6.11 -2.00 -4.00
CA PRO A 703 -5.63 -1.61 -5.34
C PRO A 703 -5.02 -2.81 -6.04
N ASP A 704 -5.61 -3.17 -7.18
CA ASP A 704 -5.13 -4.32 -7.94
C ASP A 704 -3.75 -4.03 -8.51
N LEU A 705 -2.80 -4.92 -8.27
CA LEU A 705 -1.43 -4.75 -8.71
C LEU A 705 -1.11 -5.57 -9.95
N SER A 706 -2.12 -5.80 -10.79
CA SER A 706 -1.93 -6.49 -12.06
C SER A 706 -2.07 -5.57 -13.26
N LYS A 707 -2.24 -4.28 -13.04
CA LYS A 707 -2.36 -3.31 -14.12
C LYS A 707 -1.09 -2.50 -14.31
N VAL A 708 0.00 -2.87 -13.64
CA VAL A 708 1.24 -2.11 -13.72
C VAL A 708 1.93 -2.38 -15.05
N ARG A 709 2.91 -1.55 -15.39
CA ARG A 709 3.64 -1.73 -16.63
C ARG A 709 4.49 -3.00 -16.57
N SER A 710 4.97 -3.42 -17.74
CA SER A 710 5.72 -4.67 -17.88
C SER A 710 7.23 -4.44 -17.83
N ASN A 711 7.66 -3.35 -17.21
CA ASN A 711 9.08 -3.12 -17.03
C ASN A 711 9.44 -2.50 -15.68
N CYS A 712 8.50 -2.33 -14.77
CA CYS A 712 8.80 -1.67 -13.51
C CYS A 712 9.68 -2.57 -12.64
N PRO A 713 10.84 -2.10 -12.17
CA PRO A 713 11.69 -2.99 -11.35
C PRO A 713 10.91 -3.49 -10.14
N LYS A 714 11.21 -4.72 -9.73
CA LYS A 714 10.46 -5.33 -8.63
C LYS A 714 10.70 -4.61 -7.31
N ALA A 715 11.88 -4.03 -7.12
CA ALA A 715 12.14 -3.27 -5.90
C ALA A 715 11.17 -2.11 -5.76
N MET A 716 10.96 -1.37 -6.85
CA MET A 716 10.06 -0.23 -6.83
C MET A 716 8.63 -0.67 -6.52
N LYS A 717 8.14 -1.68 -7.24
CA LYS A 717 6.79 -2.17 -7.02
C LYS A 717 6.59 -2.65 -5.58
N ARG A 718 7.63 -3.24 -5.00
CA ARG A 718 7.52 -3.68 -3.61
C ARG A 718 7.24 -2.49 -2.68
N LEU A 719 7.87 -1.34 -2.95
CA LEU A 719 7.59 -0.15 -2.15
C LEU A 719 6.10 0.23 -2.22
N MET A 720 5.56 0.26 -3.44
CA MET A 720 4.15 0.61 -3.60
C MET A 720 3.26 -0.36 -2.85
N ALA A 721 3.57 -1.66 -2.92
CA ALA A 721 2.77 -2.64 -2.19
C ALA A 721 2.94 -2.51 -0.68
N GLU A 722 4.10 -2.02 -0.22
CA GLU A 722 4.28 -1.78 1.21
C GLU A 722 3.47 -0.58 1.68
N CYS A 723 3.32 0.44 0.83
CA CYS A 723 2.58 1.62 1.23
C CYS A 723 1.10 1.32 1.42
N LEU A 724 0.56 0.33 0.71
CA LEU A 724 -0.86 0.05 0.70
C LEU A 724 -1.26 -1.07 1.66
N LYS A 725 -0.45 -1.35 2.69
CA LYS A 725 -0.80 -2.37 3.66
C LYS A 725 -2.05 -1.97 4.43
N LYS A 726 -3.00 -2.90 4.56
CA LYS A 726 -4.23 -2.60 5.28
C LYS A 726 -3.95 -2.19 6.71
N LYS A 727 -3.16 -2.98 7.43
CA LYS A 727 -2.77 -2.60 8.78
C LYS A 727 -1.79 -1.44 8.71
N ARG A 728 -2.11 -0.34 9.40
CA ARG A 728 -1.31 0.87 9.25
C ARG A 728 0.06 0.72 9.90
N ASP A 729 0.20 -0.15 10.90
CA ASP A 729 1.49 -0.32 11.56
C ASP A 729 2.54 -0.92 10.63
N GLU A 730 2.12 -1.61 9.57
CA GLU A 730 3.07 -2.24 8.66
C GLU A 730 3.63 -1.25 7.65
N ARG A 731 2.92 -0.17 7.37
CA ARG A 731 3.37 0.80 6.39
C ARG A 731 4.65 1.48 6.86
N PRO A 732 5.60 1.73 5.96
CA PRO A 732 6.80 2.47 6.34
C PRO A 732 6.51 3.95 6.47
N LEU A 733 7.43 4.67 7.10
CA LEU A 733 7.36 6.11 7.23
C LEU A 733 8.15 6.75 6.09
N PHE A 734 8.00 8.06 5.95
CA PHE A 734 8.59 8.74 4.81
C PHE A 734 10.12 8.78 4.80
N PRO A 735 10.82 8.82 5.94
CA PRO A 735 12.27 8.64 5.88
C PRO A 735 12.69 7.37 5.16
N GLN A 736 11.95 6.27 5.33
CA GLN A 736 12.28 5.04 4.63
C GLN A 736 11.84 5.09 3.16
N ILE A 737 10.68 5.68 2.88
CA ILE A 737 10.17 5.67 1.51
C ILE A 737 11.02 6.56 0.61
N LEU A 738 11.42 7.73 1.11
CA LEU A 738 12.30 8.58 0.31
C LEU A 738 13.62 7.87 0.00
N ALA A 739 14.20 7.20 1.00
CA ALA A 739 15.45 6.49 0.79
C ALA A 739 15.28 5.35 -0.21
N SER A 740 14.19 4.59 -0.10
CA SER A 740 13.95 3.48 -1.01
C SER A 740 13.74 3.96 -2.43
N ILE A 741 13.00 5.06 -2.59
CA ILE A 741 12.82 5.64 -3.93
C ILE A 741 14.16 6.08 -4.50
N GLU A 742 14.97 6.77 -3.70
CA GLU A 742 16.25 7.25 -4.20
C GLU A 742 17.20 6.10 -4.52
N LEU A 743 17.12 5.01 -3.77
CA LEU A 743 18.01 3.87 -4.00
C LEU A 743 17.82 3.31 -5.40
N LEU A 744 16.57 3.21 -5.86
CA LEU A 744 16.30 2.72 -7.20
C LEU A 744 16.25 3.83 -8.24
N ALA A 745 16.27 5.09 -7.82
CA ALA A 745 16.38 6.19 -8.77
C ALA A 745 17.72 6.16 -9.50
N ARG A 746 18.79 5.77 -8.82
CA ARG A 746 20.10 5.72 -9.45
C ARG A 746 20.35 4.41 -10.19
N SER A 747 19.72 3.31 -9.76
CA SER A 747 19.88 2.02 -10.40
C SER A 747 18.85 1.79 -11.50
N LEU A 748 18.08 2.82 -11.85
CA LEU A 748 17.08 2.69 -12.91
C LEU A 748 17.67 2.37 -14.27
N PRO A 749 18.56 3.20 -14.85
CA PRO A 749 18.99 2.94 -16.23
C PRO A 749 19.71 1.61 -16.41
N LYS A 750 20.55 1.24 -15.44
CA LYS A 750 21.32 0.01 -15.56
C LYS A 750 20.42 -1.22 -15.50
N ILE A 751 19.38 -1.18 -14.66
CA ILE A 751 18.53 -2.35 -14.47
C ILE A 751 17.46 -2.49 -15.54
N HIS A 752 17.32 -1.49 -16.43
CA HIS A 752 16.31 -1.58 -17.49
C HIS A 752 16.71 -2.60 -18.55
N ARG A 753 18.00 -2.83 -18.74
CA ARG A 753 18.42 -3.85 -19.69
C ARG A 753 17.93 -5.23 -19.25
N SER A 754 18.04 -6.19 -20.17
CA SER A 754 17.60 -7.54 -19.88
C SER A 754 18.39 -8.11 -18.70
N ALA A 755 17.80 -9.11 -18.04
CA ALA A 755 18.47 -9.72 -16.89
C ALA A 755 19.68 -10.53 -17.37
N SEP A 756 20.25 -11.31 -16.47
CA SEP A 756 21.44 -12.08 -16.79
CB SEP A 756 22.69 -11.18 -16.73
OG SEP A 756 23.80 -11.82 -17.32
C SEP A 756 21.59 -13.25 -15.84
O SEP A 756 20.81 -13.37 -14.89
P SEP A 756 25.01 -10.78 -17.44
O1P SEP A 756 26.37 -11.62 -17.62
O2P SEP A 756 24.79 -9.81 -18.70
O3P SEP A 756 25.11 -9.88 -16.11
N GLU A 757 22.58 -14.10 -16.08
CA GLU A 757 22.85 -15.23 -15.21
C GLU A 757 23.31 -14.76 -13.84
N PRO A 758 22.49 -14.98 -12.81
CA PRO A 758 22.84 -14.53 -11.47
C PRO A 758 23.78 -15.49 -10.78
N SER A 759 24.42 -14.99 -9.74
CA SER A 759 25.22 -15.84 -8.86
C SER A 759 24.32 -16.86 -8.20
N LEU A 760 24.87 -18.04 -7.91
CA LEU A 760 24.09 -19.13 -7.34
C LEU A 760 23.76 -18.81 -5.88
N ASN A 761 23.42 -19.86 -5.11
CA ASN A 761 22.92 -19.68 -3.75
C ASN A 761 23.86 -18.80 -2.92
N ARG A 762 25.06 -19.31 -2.64
CA ARG A 762 26.07 -18.62 -1.82
C ARG A 762 25.45 -17.98 -0.58
N ALA A 763 24.72 -18.80 0.17
CA ALA A 763 24.07 -18.34 1.40
C ALA A 763 23.82 -19.56 2.28
N GLY A 764 23.50 -19.29 3.55
CA GLY A 764 23.17 -20.33 4.49
C GLY A 764 22.86 -19.79 5.87
N PHE A 765 21.82 -20.33 6.51
CA PHE A 765 21.38 -19.83 7.81
C PHE A 765 21.40 -20.93 8.86
N ASP B 65 -53.73 9.49 -17.00
CA ASP B 65 -55.13 9.73 -17.31
C ASP B 65 -55.27 10.87 -18.32
N GLU B 66 -56.31 11.70 -18.13
CA GLU B 66 -56.54 12.83 -19.02
C GLU B 66 -55.71 14.04 -18.60
N GLN B 67 -55.73 14.36 -17.30
CA GLN B 67 -54.95 15.50 -16.82
C GLN B 67 -53.45 15.27 -16.97
N GLN B 68 -53.00 14.04 -16.71
CA GLN B 68 -51.57 13.72 -16.88
C GLN B 68 -51.17 13.82 -18.34
N ARG B 69 -52.01 13.32 -19.25
CA ARG B 69 -51.73 13.46 -20.67
C ARG B 69 -51.70 14.93 -21.07
N LYS B 70 -52.63 15.73 -20.55
CA LYS B 70 -52.65 17.16 -20.80
C LYS B 70 -51.33 17.81 -20.39
N ARG B 71 -50.88 17.51 -19.16
CA ARG B 71 -49.65 18.10 -18.65
C ARG B 71 -48.43 17.64 -19.43
N LEU B 72 -48.37 16.35 -19.79
CA LEU B 72 -47.25 15.85 -20.58
C LEU B 72 -47.19 16.52 -21.95
N GLU B 73 -48.35 16.64 -22.60
CA GLU B 73 -48.40 17.31 -23.91
C GLU B 73 -48.04 18.78 -23.79
N ALA B 74 -48.47 19.45 -22.72
CA ALA B 74 -48.11 20.85 -22.53
C ALA B 74 -46.62 20.99 -22.26
N PHE B 75 -46.03 20.05 -21.53
CA PHE B 75 -44.59 20.09 -21.30
C PHE B 75 -43.83 19.90 -22.61
N LEU B 76 -44.27 18.95 -23.44
CA LEU B 76 -43.65 18.78 -24.75
C LEU B 76 -43.78 20.04 -25.59
N THR B 77 -44.96 20.66 -25.57
CA THR B 77 -45.18 21.89 -26.33
C THR B 77 -44.24 23.01 -25.87
N GLN B 78 -44.15 23.21 -24.56
CA GLN B 78 -43.20 24.20 -24.03
C GLN B 78 -41.76 23.79 -24.28
N LYS B 79 -41.50 22.50 -24.49
CA LYS B 79 -40.14 22.02 -24.73
C LYS B 79 -39.70 22.31 -26.16
N GLN B 80 -40.63 22.23 -27.13
CA GLN B 80 -40.26 22.53 -28.51
C GLN B 80 -39.81 23.98 -28.66
N LYS B 81 -40.29 24.88 -27.82
CA LYS B 81 -39.92 26.28 -27.90
C LYS B 81 -38.48 26.54 -27.53
N VAL B 82 -37.78 25.55 -26.98
CA VAL B 82 -36.38 25.68 -26.57
C VAL B 82 -35.52 24.99 -27.61
N GLY B 83 -34.55 25.72 -28.16
CA GLY B 83 -33.61 25.16 -29.11
C GLY B 83 -32.27 24.84 -28.47
N GLU B 84 -31.19 25.28 -29.11
CA GLU B 84 -29.86 25.10 -28.54
C GLU B 84 -29.75 25.82 -27.20
N LEU B 85 -29.09 25.17 -26.24
CA LEU B 85 -28.94 25.71 -24.88
C LEU B 85 -27.55 26.29 -24.74
N LYS B 86 -27.46 27.61 -24.75
CA LYS B 86 -26.22 28.34 -24.54
C LYS B 86 -26.17 28.90 -23.13
N ASP B 87 -24.95 29.04 -22.60
CA ASP B 87 -24.79 29.56 -21.25
C ASP B 87 -25.22 31.01 -21.15
N ASP B 88 -25.10 31.77 -22.24
CA ASP B 88 -25.49 33.18 -22.24
C ASP B 88 -27.01 33.37 -22.30
N ASP B 89 -27.77 32.30 -22.54
CA ASP B 89 -29.22 32.41 -22.66
C ASP B 89 -29.93 32.31 -21.31
N PHE B 90 -29.19 32.21 -20.21
CA PHE B 90 -29.78 32.05 -18.89
C PHE B 90 -29.44 33.25 -18.00
N GLU B 91 -30.42 33.70 -17.25
CA GLU B 91 -30.24 34.71 -16.21
C GLU B 91 -30.53 34.04 -14.87
N LYS B 92 -29.54 34.05 -13.97
CA LYS B 92 -29.68 33.34 -12.71
C LYS B 92 -30.66 34.07 -11.81
N ILE B 93 -31.69 33.37 -11.36
CA ILE B 93 -32.74 33.96 -10.54
C ILE B 93 -32.45 33.70 -9.07
N SER B 94 -32.36 32.42 -8.69
CA SER B 94 -32.16 32.07 -7.29
C SER B 94 -31.39 30.76 -7.19
N GLU B 95 -30.84 30.52 -6.00
CA GLU B 95 -30.30 29.20 -5.68
C GLU B 95 -31.40 28.34 -5.05
N LEU B 96 -31.41 27.06 -5.41
CA LEU B 96 -32.44 26.13 -4.93
C LEU B 96 -31.91 25.10 -3.95
N GLY B 97 -30.64 24.75 -4.02
CA GLY B 97 -30.07 23.77 -3.12
C GLY B 97 -28.71 23.34 -3.61
N ALA B 98 -27.99 22.62 -2.74
CA ALA B 98 -26.65 22.19 -3.06
C ALA B 98 -26.33 20.87 -2.36
N GLY B 99 -25.47 20.08 -2.99
CA GLY B 99 -25.05 18.80 -2.44
C GLY B 99 -23.56 18.61 -2.52
N ASN B 100 -23.08 17.38 -2.34
CA ASN B 100 -21.66 17.07 -2.42
C ASN B 100 -21.31 16.60 -3.83
N GLY B 101 -21.27 17.56 -4.75
CA GLY B 101 -20.99 17.27 -6.14
C GLY B 101 -21.74 18.12 -7.13
N GLY B 102 -22.80 18.80 -6.71
CA GLY B 102 -23.51 19.67 -7.63
C GLY B 102 -24.27 20.76 -6.91
N VAL B 103 -24.63 21.79 -7.68
CA VAL B 103 -25.40 22.91 -7.16
C VAL B 103 -26.49 23.25 -8.16
N VAL B 104 -27.70 23.49 -7.66
CA VAL B 104 -28.86 23.71 -8.52
C VAL B 104 -29.35 25.13 -8.34
N PHE B 105 -29.71 25.78 -9.45
CA PHE B 105 -30.25 27.12 -9.43
C PHE B 105 -31.57 27.17 -10.19
N LYS B 106 -32.50 28.00 -9.71
CA LYS B 106 -33.65 28.39 -10.50
C LYS B 106 -33.25 29.54 -11.41
N VAL B 107 -33.46 29.37 -12.72
CA VAL B 107 -33.05 30.35 -13.72
C VAL B 107 -34.14 30.49 -14.78
N SER B 108 -34.01 31.54 -15.59
CA SER B 108 -34.96 31.83 -16.67
C SER B 108 -34.23 31.74 -18.00
N HIS B 109 -34.80 30.99 -18.94
CA HIS B 109 -34.27 30.90 -20.30
C HIS B 109 -34.83 32.05 -21.11
N LYS B 110 -34.00 33.07 -21.32
CA LYS B 110 -34.37 34.29 -22.03
C LYS B 110 -34.97 34.04 -23.41
N PRO B 111 -34.35 33.23 -24.28
CA PRO B 111 -34.92 33.05 -25.62
C PRO B 111 -36.34 32.51 -25.64
N SER B 112 -36.73 31.71 -24.63
CA SER B 112 -38.06 31.13 -24.59
C SER B 112 -38.89 31.58 -23.39
N GLY B 113 -38.32 32.38 -22.49
CA GLY B 113 -39.05 32.90 -21.35
C GLY B 113 -39.37 31.90 -20.25
N LEU B 114 -39.17 30.60 -20.49
CA LEU B 114 -39.45 29.58 -19.50
C LEU B 114 -38.60 29.75 -18.25
N VAL B 115 -39.03 29.15 -17.14
CA VAL B 115 -38.28 29.14 -15.89
C VAL B 115 -37.99 27.69 -15.53
N MET B 116 -36.71 27.36 -15.37
CA MET B 116 -36.27 25.99 -15.19
C MET B 116 -35.30 25.88 -14.02
N ALA B 117 -34.96 24.64 -13.68
CA ALA B 117 -33.88 24.35 -12.76
C ALA B 117 -32.66 23.90 -13.54
N ARG B 118 -31.49 24.36 -13.10
CA ARG B 118 -30.21 24.07 -13.76
C ARG B 118 -29.27 23.50 -12.72
N LYS B 119 -28.98 22.21 -12.83
CA LYS B 119 -27.97 21.59 -11.99
C LYS B 119 -26.60 21.70 -12.64
N LEU B 120 -25.61 22.11 -11.85
CA LEU B 120 -24.24 22.28 -12.29
C LEU B 120 -23.39 21.30 -11.51
N ILE B 121 -22.84 20.32 -12.21
CA ILE B 121 -21.89 19.38 -11.65
C ILE B 121 -20.49 19.72 -12.14
N HIS B 122 -19.55 19.86 -11.21
CA HIS B 122 -18.18 20.21 -11.56
C HIS B 122 -17.32 18.96 -11.42
N LEU B 123 -17.03 18.32 -12.54
CA LEU B 123 -16.19 17.14 -12.58
C LEU B 123 -14.87 17.45 -13.26
N GLU B 124 -13.79 16.89 -12.71
CA GLU B 124 -12.46 16.99 -13.31
C GLU B 124 -12.19 15.67 -14.02
N ILE B 125 -12.71 15.57 -15.24
CA ILE B 125 -12.59 14.37 -16.05
C ILE B 125 -12.05 14.74 -17.42
N LYS B 126 -11.52 13.74 -18.11
CA LYS B 126 -10.93 13.95 -19.43
C LYS B 126 -12.02 14.34 -20.44
N PRO B 127 -11.67 15.14 -21.44
CA PRO B 127 -12.70 15.66 -22.35
C PRO B 127 -13.47 14.59 -23.08
N ALA B 128 -12.84 13.46 -23.40
CA ALA B 128 -13.55 12.36 -24.06
C ALA B 128 -14.66 11.80 -23.17
N ILE B 129 -14.35 11.56 -21.90
CA ILE B 129 -15.34 11.04 -20.97
C ILE B 129 -16.45 12.06 -20.74
N ARG B 130 -16.08 13.34 -20.60
CA ARG B 130 -17.07 14.39 -20.48
C ARG B 130 -18.02 14.40 -21.68
N ASN B 131 -17.47 14.29 -22.89
CA ASN B 131 -18.30 14.30 -24.09
C ASN B 131 -19.19 13.07 -24.18
N GLN B 132 -18.68 11.90 -23.77
CA GLN B 132 -19.52 10.71 -23.75
C GLN B 132 -20.63 10.85 -22.73
N ILE B 133 -20.36 11.49 -21.59
CA ILE B 133 -21.40 11.76 -20.61
C ILE B 133 -22.46 12.67 -21.21
N ILE B 134 -22.02 13.75 -21.86
CA ILE B 134 -22.97 14.69 -22.48
C ILE B 134 -23.84 13.96 -23.49
N ARG B 135 -23.22 13.10 -24.30
CA ARG B 135 -23.98 12.35 -25.30
C ARG B 135 -24.95 11.37 -24.66
N GLU B 136 -24.54 10.69 -23.60
CA GLU B 136 -25.41 9.73 -22.93
C GLU B 136 -26.58 10.42 -22.25
N LEU B 137 -26.36 11.64 -21.73
CA LEU B 137 -27.42 12.37 -21.06
C LEU B 137 -28.55 12.79 -22.00
N GLN B 138 -28.36 12.66 -23.31
CA GLN B 138 -29.41 13.02 -24.26
C GLN B 138 -30.54 12.00 -24.30
N VAL B 139 -30.36 10.82 -23.71
CA VAL B 139 -31.44 9.85 -23.60
C VAL B 139 -32.57 10.38 -22.74
N LEU B 140 -32.27 11.34 -21.85
CA LEU B 140 -33.32 11.93 -21.01
C LEU B 140 -34.40 12.62 -21.83
N HIS B 141 -34.12 12.96 -23.09
CA HIS B 141 -35.16 13.51 -23.95
C HIS B 141 -36.25 12.51 -24.25
N GLU B 142 -35.98 11.20 -24.05
CA GLU B 142 -36.99 10.18 -24.27
C GLU B 142 -37.85 9.93 -23.04
N CYS B 143 -37.33 10.18 -21.84
CA CYS B 143 -38.09 9.98 -20.62
C CYS B 143 -39.20 11.03 -20.54
N ASN B 144 -40.43 10.61 -20.79
CA ASN B 144 -41.60 11.47 -20.69
C ASN B 144 -42.66 10.73 -19.89
N SER B 145 -42.73 11.03 -18.59
CA SER B 145 -43.68 10.40 -17.69
C SER B 145 -44.10 11.41 -16.65
N PRO B 146 -45.33 11.32 -16.12
CA PRO B 146 -45.73 12.21 -15.03
C PRO B 146 -45.02 11.93 -13.72
N TYR B 147 -44.24 10.85 -13.64
CA TYR B 147 -43.49 10.51 -12.44
C TYR B 147 -41.99 10.69 -12.63
N ILE B 148 -41.57 11.27 -13.75
CA ILE B 148 -40.17 11.57 -14.01
C ILE B 148 -40.05 13.06 -14.27
N VAL B 149 -39.09 13.71 -13.61
CA VAL B 149 -38.89 15.15 -13.79
C VAL B 149 -38.59 15.43 -15.24
N GLY B 150 -39.21 16.48 -15.77
CA GLY B 150 -39.01 16.82 -17.17
C GLY B 150 -37.61 17.31 -17.44
N PHE B 151 -37.14 17.05 -18.66
CA PHE B 151 -35.78 17.34 -19.07
C PHE B 151 -35.80 18.24 -20.31
N TYR B 152 -35.00 19.31 -20.29
CA TYR B 152 -34.95 20.25 -21.39
C TYR B 152 -33.70 20.16 -22.25
N GLY B 153 -32.59 19.73 -21.70
CA GLY B 153 -31.35 19.65 -22.45
C GLY B 153 -30.15 19.75 -21.52
N ALA B 154 -29.09 19.02 -21.88
CA ALA B 154 -27.84 19.03 -21.13
C ALA B 154 -26.71 19.48 -22.06
N PHE B 155 -25.73 20.16 -21.47
CA PHE B 155 -24.61 20.68 -22.24
C PHE B 155 -23.45 20.95 -21.28
N TYR B 156 -22.30 21.29 -21.86
CA TYR B 156 -21.08 21.54 -21.12
C TYR B 156 -20.54 22.91 -21.47
N SER B 157 -20.11 23.66 -20.45
CA SER B 157 -19.56 24.99 -20.65
C SER B 157 -18.92 25.44 -19.34
N ASP B 158 -17.88 26.27 -19.49
CA ASP B 158 -17.15 26.85 -18.34
C ASP B 158 -16.69 25.77 -17.36
N GLY B 159 -16.31 24.61 -17.88
CA GLY B 159 -15.76 23.56 -17.05
C GLY B 159 -16.75 22.78 -16.21
N GLU B 160 -18.04 22.99 -16.43
CA GLU B 160 -19.08 22.34 -15.63
C GLU B 160 -20.14 21.74 -16.54
N ILE B 161 -20.69 20.61 -16.12
CA ILE B 161 -21.80 20.00 -16.83
C ILE B 161 -23.10 20.61 -16.30
N SER B 162 -23.95 21.06 -17.21
CA SER B 162 -25.22 21.69 -16.87
C SER B 162 -26.37 20.80 -17.35
N ILE B 163 -27.24 20.43 -16.42
CA ILE B 163 -28.43 19.63 -16.71
C ILE B 163 -29.64 20.51 -16.46
N CYS B 164 -30.50 20.65 -17.47
CA CYS B 164 -31.68 21.51 -17.38
C CYS B 164 -32.93 20.65 -17.20
N MET B 165 -33.67 20.92 -16.13
CA MET B 165 -34.90 20.20 -15.84
C MET B 165 -36.00 21.18 -15.49
N GLU B 166 -37.23 20.68 -15.45
CA GLU B 166 -38.36 21.51 -15.06
C GLU B 166 -38.26 21.88 -13.59
N HIS B 167 -38.79 23.07 -13.27
CA HIS B 167 -38.72 23.57 -11.91
C HIS B 167 -39.86 22.97 -11.08
N MET B 168 -39.50 22.31 -9.98
CA MET B 168 -40.47 21.81 -9.01
C MET B 168 -40.46 22.81 -7.86
N ASP B 169 -41.46 23.70 -7.84
CA ASP B 169 -41.49 24.77 -6.85
C ASP B 169 -41.73 24.25 -5.43
N GLY B 170 -42.18 23.01 -5.28
CA GLY B 170 -42.33 22.44 -3.94
C GLY B 170 -41.03 21.94 -3.36
N GLY B 171 -40.08 21.57 -4.21
CA GLY B 171 -38.78 21.11 -3.78
C GLY B 171 -38.69 19.61 -3.64
N SER B 172 -37.61 19.18 -3.01
CA SER B 172 -37.37 17.77 -2.76
C SER B 172 -38.00 17.36 -1.43
N LEU B 173 -38.24 16.06 -1.29
CA LEU B 173 -38.87 15.56 -0.07
C LEU B 173 -37.96 15.66 1.15
N ASP B 174 -36.65 15.84 0.97
CA ASP B 174 -35.81 16.13 2.12
C ASP B 174 -36.12 17.50 2.70
N GLN B 175 -36.24 18.51 1.83
CA GLN B 175 -36.58 19.85 2.30
C GLN B 175 -37.98 19.88 2.91
N VAL B 176 -38.93 19.21 2.27
CA VAL B 176 -40.29 19.12 2.81
C VAL B 176 -40.29 18.40 4.15
N LEU B 177 -39.49 17.34 4.27
CA LEU B 177 -39.40 16.61 5.53
C LEU B 177 -38.81 17.48 6.63
N LYS B 178 -37.79 18.28 6.29
CA LYS B 178 -37.23 19.20 7.25
C LYS B 178 -38.25 20.25 7.68
N LYS B 179 -39.04 20.73 6.72
CA LYS B 179 -40.09 21.70 7.03
C LYS B 179 -41.22 21.10 7.84
N ALA B 180 -41.47 19.81 7.71
CA ALA B 180 -42.64 19.18 8.33
C ALA B 180 -42.32 18.40 9.60
N GLY B 181 -41.04 18.12 9.86
CA GLY B 181 -40.68 17.28 10.98
C GLY B 181 -40.97 15.82 10.72
N ARG B 182 -42.23 15.49 10.45
CA ARG B 182 -42.61 14.15 10.03
C ARG B 182 -43.63 14.28 8.90
N ILE B 183 -43.78 13.19 8.15
CA ILE B 183 -44.75 13.15 7.05
C ILE B 183 -45.83 12.14 7.39
N PRO B 184 -47.11 12.49 7.23
CA PRO B 184 -48.19 11.55 7.55
C PRO B 184 -48.17 10.33 6.64
N GLU B 185 -48.56 9.18 7.21
CA GLU B 185 -48.68 7.92 6.48
C GLU B 185 -49.52 8.07 5.21
N GLN B 186 -50.59 8.85 5.29
CA GLN B 186 -51.47 9.02 4.13
C GLN B 186 -50.74 9.68 2.97
N ILE B 187 -49.93 10.69 3.26
CA ILE B 187 -49.12 11.33 2.22
C ILE B 187 -48.10 10.35 1.67
N LEU B 188 -47.38 9.67 2.57
CA LEU B 188 -46.40 8.66 2.23
C LEU B 188 -46.98 7.59 1.31
N GLY B 189 -48.27 7.28 1.43
CA GLY B 189 -48.87 6.32 0.52
C GLY B 189 -48.83 6.77 -0.93
N LYS B 190 -49.27 8.01 -1.18
CA LYS B 190 -49.20 8.55 -2.53
C LYS B 190 -47.75 8.69 -2.98
N VAL B 191 -46.86 9.06 -2.05
CA VAL B 191 -45.44 9.16 -2.37
C VAL B 191 -44.92 7.81 -2.86
N SER B 192 -45.25 6.74 -2.13
CA SER B 192 -44.79 5.41 -2.52
C SER B 192 -45.39 5.00 -3.86
N ILE B 193 -46.66 5.32 -4.09
CA ILE B 193 -47.29 5.03 -5.36
C ILE B 193 -46.51 5.68 -6.50
N ALA B 194 -46.20 6.97 -6.35
CA ALA B 194 -45.46 7.69 -7.39
C ALA B 194 -44.07 7.08 -7.59
N VAL B 195 -43.38 6.77 -6.49
CA VAL B 195 -42.04 6.19 -6.59
C VAL B 195 -42.08 4.86 -7.34
N ILE B 196 -43.06 4.01 -7.00
CA ILE B 196 -43.17 2.71 -7.64
C ILE B 196 -43.50 2.87 -9.13
N LYS B 197 -44.40 3.79 -9.47
CA LYS B 197 -44.75 3.98 -10.88
C LYS B 197 -43.56 4.53 -11.67
N GLY B 198 -42.77 5.43 -11.06
CA GLY B 198 -41.59 5.93 -11.74
C GLY B 198 -40.54 4.85 -11.95
N LEU B 199 -40.32 4.01 -10.93
CA LEU B 199 -39.40 2.90 -11.08
C LEU B 199 -39.88 1.93 -12.14
N THR B 200 -41.19 1.68 -12.21
CA THR B 200 -41.75 0.84 -13.27
C THR B 200 -41.48 1.44 -14.64
N TYR B 201 -41.74 2.74 -14.80
CA TYR B 201 -41.47 3.41 -16.06
C TYR B 201 -40.01 3.33 -16.46
N LEU B 202 -39.10 3.46 -15.49
CA LEU B 202 -37.67 3.39 -15.80
C LEU B 202 -37.23 1.97 -16.12
N ARG B 203 -37.82 0.98 -15.46
CA ARG B 203 -37.42 -0.42 -15.68
C ARG B 203 -37.98 -0.98 -16.97
N GLU B 204 -39.21 -0.61 -17.34
CA GLU B 204 -39.86 -1.18 -18.52
C GLU B 204 -39.55 -0.38 -19.78
N LYS B 205 -39.86 0.92 -19.78
CA LYS B 205 -39.76 1.72 -20.99
C LYS B 205 -38.32 1.99 -21.42
N HIS B 206 -37.36 1.94 -20.49
CA HIS B 206 -35.97 2.22 -20.85
C HIS B 206 -34.97 1.19 -20.36
N LYS B 207 -35.38 0.20 -19.55
CA LYS B 207 -34.50 -0.86 -19.06
C LYS B 207 -33.32 -0.30 -18.27
N ILE B 208 -33.49 0.89 -17.68
CA ILE B 208 -32.48 1.49 -16.82
C ILE B 208 -33.03 1.55 -15.39
N MET B 209 -32.11 1.68 -14.44
CA MET B 209 -32.45 1.62 -13.02
C MET B 209 -31.96 2.87 -12.30
N HIS B 210 -32.75 3.30 -11.32
CA HIS B 210 -32.54 4.60 -10.68
C HIS B 210 -31.22 4.63 -9.93
N ARG B 211 -30.98 3.64 -9.07
CA ARG B 211 -29.75 3.41 -8.31
C ARG B 211 -29.48 4.45 -7.23
N ASP B 212 -30.19 5.56 -7.20
CA ASP B 212 -29.90 6.62 -6.23
C ASP B 212 -31.20 7.12 -5.61
N VAL B 213 -32.07 6.19 -5.23
CA VAL B 213 -33.37 6.54 -4.68
C VAL B 213 -33.21 7.00 -3.24
N LYS B 214 -33.68 8.20 -2.94
CA LYS B 214 -33.62 8.78 -1.60
C LYS B 214 -34.48 10.04 -1.56
N PRO B 215 -34.81 10.58 -0.39
CA PRO B 215 -35.67 11.77 -0.35
C PRO B 215 -35.08 12.98 -1.06
N SER B 216 -33.75 13.03 -1.24
CA SER B 216 -33.15 14.16 -1.93
C SER B 216 -33.43 14.15 -3.43
N ASN B 217 -33.95 13.04 -3.96
CA ASN B 217 -34.20 12.92 -5.40
C ASN B 217 -35.68 12.76 -5.74
N ILE B 218 -36.57 12.85 -4.76
CA ILE B 218 -38.00 12.79 -5.01
C ILE B 218 -38.54 14.21 -4.93
N LEU B 219 -39.08 14.71 -6.05
CA LEU B 219 -39.46 16.10 -6.19
C LEU B 219 -40.97 16.24 -6.26
N VAL B 220 -41.46 17.39 -5.80
CA VAL B 220 -42.89 17.67 -5.73
C VAL B 220 -43.11 19.13 -6.10
N ASN B 221 -44.29 19.42 -6.65
CA ASN B 221 -44.66 20.77 -7.06
C ASN B 221 -45.99 21.14 -6.43
N SER B 222 -46.44 22.37 -6.69
CA SER B 222 -47.70 22.84 -6.15
C SER B 222 -48.92 22.19 -6.81
N ARG B 223 -48.73 21.49 -7.92
CA ARG B 223 -49.82 20.81 -8.62
C ARG B 223 -50.02 19.38 -8.17
N GLY B 224 -49.41 18.98 -7.05
CA GLY B 224 -49.60 17.66 -6.50
C GLY B 224 -48.86 16.54 -7.20
N GLU B 225 -47.92 16.86 -8.08
CA GLU B 225 -47.14 15.83 -8.76
C GLU B 225 -45.96 15.41 -7.92
N ILE B 226 -45.54 14.15 -8.08
CA ILE B 226 -44.41 13.58 -7.37
C ILE B 226 -43.57 12.83 -8.39
N LYS B 227 -42.38 13.34 -8.69
CA LYS B 227 -41.55 12.84 -9.79
C LYS B 227 -40.17 12.44 -9.28
N LEU B 228 -39.62 11.40 -9.90
CA LEU B 228 -38.25 10.99 -9.62
C LEU B 228 -37.26 11.76 -10.46
N CYS B 229 -36.04 11.89 -9.95
CA CYS B 229 -34.95 12.53 -10.68
C CYS B 229 -33.62 11.96 -10.19
N ASP B 230 -32.53 12.44 -10.78
CA ASP B 230 -31.17 12.06 -10.40
C ASP B 230 -30.98 10.54 -10.45
N PHE B 231 -31.45 9.92 -11.53
CA PHE B 231 -31.30 8.50 -11.77
C PHE B 231 -30.15 8.23 -12.73
N GLY B 232 -29.62 7.01 -12.66
CA GLY B 232 -28.40 6.64 -13.36
C GLY B 232 -28.59 6.28 -14.82
N VAL B 233 -28.74 7.29 -15.68
CA VAL B 233 -28.93 7.06 -17.10
C VAL B 233 -27.62 7.02 -17.89
N SER B 234 -26.57 7.65 -17.38
CA SER B 234 -25.27 7.70 -18.06
C SER B 234 -24.26 6.91 -17.24
N GLY B 235 -23.93 5.71 -17.72
CA GLY B 235 -22.99 4.87 -16.99
C GLY B 235 -21.65 5.54 -16.77
N GLN B 236 -21.17 6.27 -17.78
CA GLN B 236 -19.90 6.98 -17.63
C GLN B 236 -20.00 8.07 -16.57
N LEU B 237 -21.16 8.71 -16.44
CA LEU B 237 -21.31 9.73 -15.41
C LEU B 237 -21.24 9.10 -14.02
N ILE B 238 -21.81 7.90 -13.86
CA ILE B 238 -21.66 7.18 -12.60
C ILE B 238 -20.19 6.83 -12.35
N ASP B 239 -19.50 6.35 -13.39
CA ASP B 239 -18.09 6.02 -13.24
C ASP B 239 -17.28 7.22 -12.77
N ALA B 240 -17.57 8.39 -13.33
CA ALA B 240 -16.95 9.62 -12.82
C ALA B 240 -17.40 9.90 -11.38
N MET B 241 -18.66 9.61 -11.07
CA MET B 241 -19.18 9.85 -9.72
C MET B 241 -18.55 8.93 -8.69
N ALA B 242 -17.92 7.85 -9.12
CA ALA B 242 -17.27 6.95 -8.18
C ALA B 242 -16.06 7.58 -7.51
N ASN B 243 -15.53 8.68 -8.06
CA ASN B 243 -14.46 9.45 -7.43
C ASN B 243 -15.02 10.66 -6.69
N ALA B 244 -15.98 10.45 -5.80
CA ALA B 244 -16.63 11.52 -5.08
C ALA B 244 -16.18 11.58 -3.62
N PHE B 245 -16.50 12.70 -2.97
CA PHE B 245 -16.18 12.85 -1.55
C PHE B 245 -17.12 12.01 -0.70
N VAL B 246 -16.62 11.56 0.45
CA VAL B 246 -17.44 10.72 1.30
C VAL B 246 -18.59 11.52 1.87
N GLY B 247 -19.80 10.97 1.76
CA GLY B 247 -20.99 11.60 2.29
C GLY B 247 -21.13 11.33 3.77
N THR B 248 -22.28 11.76 4.31
CA THR B 248 -22.55 11.54 5.73
C THR B 248 -23.49 10.38 6.00
N ARG B 249 -24.15 9.86 4.98
CA ARG B 249 -25.09 8.76 5.16
C ARG B 249 -25.36 8.10 3.82
N SER B 250 -25.70 6.83 3.86
CA SER B 250 -25.93 6.05 2.66
C SER B 250 -27.32 5.43 2.68
N TYR B 251 -27.93 5.34 1.51
CA TYR B 251 -29.17 4.61 1.30
C TYR B 251 -28.95 3.35 0.47
N MET B 252 -27.70 2.94 0.29
CA MET B 252 -27.38 1.84 -0.61
C MET B 252 -27.85 0.53 0.00
N SER B 253 -28.48 -0.29 -0.82
CA SER B 253 -28.96 -1.59 -0.37
C SER B 253 -27.76 -2.48 -0.01
N PRO B 254 -27.93 -3.41 0.93
CA PRO B 254 -26.78 -4.19 1.41
C PRO B 254 -26.08 -4.99 0.34
N GLU B 255 -26.80 -5.47 -0.68
CA GLU B 255 -26.15 -6.23 -1.74
C GLU B 255 -25.24 -5.34 -2.57
N ARG B 256 -25.64 -4.09 -2.80
CA ARG B 256 -24.79 -3.17 -3.57
C ARG B 256 -23.51 -2.83 -2.82
N LEU B 257 -23.53 -2.91 -1.48
CA LEU B 257 -22.33 -2.65 -0.71
C LEU B 257 -21.36 -3.83 -0.72
N GLN B 258 -21.79 -5.00 -1.19
CA GLN B 258 -20.91 -6.14 -1.34
C GLN B 258 -20.87 -6.70 -2.75
N GLY B 259 -21.81 -6.32 -3.61
CA GLY B 259 -21.82 -6.81 -4.98
C GLY B 259 -22.26 -5.74 -5.96
N THR B 260 -23.19 -6.09 -6.84
CA THR B 260 -23.67 -5.20 -7.89
C THR B 260 -25.18 -5.11 -7.82
N HIS B 261 -25.72 -4.13 -8.54
CA HIS B 261 -27.16 -3.89 -8.62
C HIS B 261 -27.93 -5.17 -8.88
N TYR B 262 -28.82 -5.53 -7.97
CA TYR B 262 -29.71 -6.67 -8.17
C TYR B 262 -31.05 -6.16 -8.70
N SER B 263 -30.98 -5.60 -9.90
CA SER B 263 -32.11 -5.02 -10.63
C SER B 263 -32.89 -4.05 -9.73
N VAL B 264 -34.16 -3.83 -10.06
CA VAL B 264 -34.97 -2.83 -9.38
C VAL B 264 -35.17 -3.17 -7.92
N GLN B 265 -34.96 -4.44 -7.53
CA GLN B 265 -34.99 -4.78 -6.11
C GLN B 265 -34.04 -3.90 -5.32
N SER B 266 -32.84 -3.66 -5.86
CA SER B 266 -31.87 -2.84 -5.16
C SER B 266 -32.31 -1.39 -5.03
N ASP B 267 -33.23 -0.93 -5.89
CA ASP B 267 -33.83 0.38 -5.68
C ASP B 267 -34.86 0.36 -4.56
N ILE B 268 -35.65 -0.72 -4.45
CA ILE B 268 -36.82 -0.70 -3.59
C ILE B 268 -36.41 -0.52 -2.14
N TRP B 269 -35.33 -1.20 -1.72
CA TRP B 269 -34.79 -1.02 -0.38
C TRP B 269 -34.63 0.45 -0.06
N SER B 270 -34.00 1.19 -0.98
CA SER B 270 -33.79 2.61 -0.75
C SER B 270 -35.11 3.32 -0.50
N MET B 271 -36.13 3.05 -1.32
CA MET B 271 -37.43 3.66 -1.11
C MET B 271 -37.92 3.39 0.30
N GLY B 272 -37.85 2.12 0.72
CA GLY B 272 -38.23 1.80 2.09
C GLY B 272 -37.38 2.57 3.10
N LEU B 273 -36.06 2.55 2.89
CA LEU B 273 -35.19 3.29 3.80
C LEU B 273 -35.50 4.77 3.77
N SER B 274 -36.02 5.27 2.63
CA SER B 274 -36.48 6.65 2.59
C SER B 274 -37.77 6.82 3.38
N LEU B 275 -38.74 5.91 3.17
CA LEU B 275 -40.06 6.11 3.74
C LEU B 275 -39.99 6.17 5.25
N VAL B 276 -39.30 5.21 5.86
CA VAL B 276 -39.11 5.21 7.31
C VAL B 276 -38.49 6.53 7.76
N GLU B 277 -37.46 6.99 7.04
CA GLU B 277 -36.84 8.26 7.39
C GLU B 277 -37.85 9.39 7.33
N MET B 278 -38.72 9.37 6.31
CA MET B 278 -39.80 10.35 6.24
C MET B 278 -40.92 10.02 7.23
N ALA B 279 -41.06 8.74 7.58
CA ALA B 279 -42.10 8.36 8.54
C ALA B 279 -41.79 8.85 9.95
N VAL B 280 -40.51 8.92 10.31
CA VAL B 280 -40.10 9.29 11.66
C VAL B 280 -39.38 10.64 11.72
N GLY B 281 -39.00 11.19 10.58
CA GLY B 281 -38.26 12.44 10.59
C GLY B 281 -36.82 12.31 11.00
N ARG B 282 -36.25 11.11 10.92
CA ARG B 282 -34.91 10.87 11.40
C ARG B 282 -34.27 9.80 10.53
N TYR B 283 -32.97 9.93 10.29
CA TYR B 283 -32.24 8.88 9.60
C TYR B 283 -32.34 7.60 10.43
N PRO B 284 -32.83 6.50 9.85
CA PRO B 284 -33.22 5.33 10.65
C PRO B 284 -32.10 4.34 10.96
N ILE B 285 -30.85 4.69 10.69
CA ILE B 285 -29.71 3.82 11.01
C ILE B 285 -28.71 4.65 11.81
N PRO B 286 -28.47 4.33 13.10
CA PRO B 286 -29.11 3.24 13.84
C PRO B 286 -30.53 3.57 14.25
N PRO B 287 -31.34 2.55 14.52
CA PRO B 287 -32.74 2.78 14.90
C PRO B 287 -32.82 3.64 16.15
N PRO B 288 -33.91 4.39 16.31
CA PRO B 288 -34.00 5.33 17.45
C PRO B 288 -33.93 4.62 18.78
N ASP B 289 -33.47 5.36 19.79
CA ASP B 289 -33.31 4.83 21.14
C ASP B 289 -34.66 4.46 21.75
N ALA B 290 -34.63 3.84 22.93
CA ALA B 290 -35.88 3.41 23.57
C ALA B 290 -36.76 4.60 23.96
N LYS B 291 -36.14 5.68 24.45
CA LYS B 291 -36.92 6.86 24.82
C LYS B 291 -36.91 7.94 23.76
N GLU B 292 -36.00 7.87 22.79
CA GLU B 292 -36.11 8.74 21.62
C GLU B 292 -37.31 8.37 20.76
N LEU B 293 -37.71 7.09 20.80
CA LEU B 293 -38.89 6.66 20.06
C LEU B 293 -40.17 7.17 20.73
N GLU B 294 -40.21 7.12 22.06
CA GLU B 294 -41.33 7.66 22.80
C GLU B 294 -41.43 9.18 22.64
N LEU B 295 -40.34 9.84 22.28
CA LEU B 295 -40.34 11.26 21.97
C LEU B 295 -40.82 11.43 20.53
N MET B 296 -42.09 11.10 20.33
CA MET B 296 -42.69 11.08 18.99
C MET B 296 -43.47 12.36 18.71
N PRO B 329 -23.55 10.57 16.31
CA PRO B 329 -22.67 10.81 15.18
C PRO B 329 -21.90 9.57 14.75
N MET B 330 -22.60 8.63 14.13
CA MET B 330 -21.98 7.39 13.70
C MET B 330 -21.15 7.60 12.44
N ALA B 331 -20.00 6.92 12.39
CA ALA B 331 -19.14 6.99 11.21
C ALA B 331 -19.79 6.29 10.02
N ILE B 332 -19.50 6.81 8.83
CA ILE B 332 -20.12 6.31 7.61
C ILE B 332 -19.83 4.84 7.39
N PHE B 333 -18.59 4.41 7.65
CA PHE B 333 -18.29 2.99 7.54
C PHE B 333 -19.06 2.20 8.56
N GLU B 334 -19.25 2.75 9.76
CA GLU B 334 -20.07 2.07 10.76
C GLU B 334 -21.52 1.94 10.29
N LEU B 335 -22.04 2.96 9.61
CA LEU B 335 -23.37 2.85 9.04
C LEU B 335 -23.44 1.75 8.00
N LEU B 336 -22.43 1.66 7.13
CA LEU B 336 -22.43 0.60 6.12
C LEU B 336 -22.31 -0.78 6.75
N ASP B 337 -21.48 -0.90 7.78
CA ASP B 337 -21.33 -2.17 8.48
C ASP B 337 -22.63 -2.56 9.17
N TYR B 338 -23.36 -1.59 9.72
CA TYR B 338 -24.67 -1.85 10.28
C TYR B 338 -25.64 -2.30 9.19
N ILE B 339 -25.56 -1.68 8.01
CA ILE B 339 -26.46 -2.05 6.92
C ILE B 339 -26.22 -3.48 6.48
N VAL B 340 -24.96 -3.94 6.51
CA VAL B 340 -24.66 -5.26 6.00
C VAL B 340 -24.80 -6.34 7.07
N ASN B 341 -24.42 -6.06 8.32
CA ASN B 341 -24.30 -7.08 9.35
C ASN B 341 -25.32 -6.97 10.48
N GLU B 342 -26.35 -6.14 10.32
CA GLU B 342 -27.33 -5.93 11.37
C GLU B 342 -28.74 -6.00 10.79
N PRO B 343 -29.74 -6.31 11.62
CA PRO B 343 -31.12 -6.38 11.13
C PRO B 343 -31.59 -5.04 10.60
N PRO B 344 -32.41 -5.04 9.56
CA PRO B 344 -32.85 -3.77 8.97
C PRO B 344 -33.77 -3.02 9.91
N PRO B 345 -33.90 -1.71 9.74
CA PRO B 345 -34.78 -0.94 10.62
C PRO B 345 -36.25 -1.24 10.38
N LYS B 346 -37.08 -0.80 11.31
CA LYS B 346 -38.51 -1.04 11.24
C LYS B 346 -39.26 0.13 11.84
N LEU B 347 -40.53 0.26 11.45
CA LEU B 347 -41.36 1.34 11.93
C LEU B 347 -41.69 1.14 13.41
N PRO B 348 -42.14 2.20 14.08
CA PRO B 348 -42.53 2.06 15.49
C PRO B 348 -43.74 1.14 15.65
N SER B 349 -43.93 0.69 16.89
CA SER B 349 -44.94 -0.32 17.21
C SER B 349 -46.33 0.10 16.76
N GLY B 350 -46.87 1.17 17.36
CA GLY B 350 -48.27 1.48 17.19
C GLY B 350 -48.59 2.82 16.57
N VAL B 351 -47.58 3.56 16.13
CA VAL B 351 -47.84 4.87 15.55
C VAL B 351 -48.39 4.74 14.13
N PHE B 352 -48.05 3.66 13.44
CA PHE B 352 -48.47 3.46 12.06
C PHE B 352 -49.29 2.17 11.96
N SER B 353 -50.18 2.13 10.96
CA SER B 353 -51.01 0.96 10.71
C SER B 353 -50.14 -0.25 10.38
N LEU B 354 -50.74 -1.44 10.39
CA LEU B 354 -49.98 -2.66 10.14
C LEU B 354 -49.67 -2.86 8.67
N GLU B 355 -50.53 -2.37 7.76
CA GLU B 355 -50.23 -2.50 6.33
C GLU B 355 -49.01 -1.69 5.95
N PHE B 356 -48.88 -0.47 6.48
CA PHE B 356 -47.70 0.34 6.20
C PHE B 356 -46.44 -0.30 6.77
N GLN B 357 -46.52 -0.82 7.99
CA GLN B 357 -45.37 -1.49 8.59
C GLN B 357 -44.98 -2.75 7.82
N ASP B 358 -45.96 -3.52 7.35
CA ASP B 358 -45.66 -4.71 6.56
C ASP B 358 -45.05 -4.33 5.22
N PHE B 359 -45.58 -3.28 4.58
CA PHE B 359 -45.00 -2.77 3.35
C PHE B 359 -43.54 -2.37 3.54
N VAL B 360 -43.24 -1.61 4.60
CA VAL B 360 -41.86 -1.17 4.79
C VAL B 360 -40.96 -2.33 5.17
N ASN B 361 -41.48 -3.33 5.89
CA ASN B 361 -40.66 -4.50 6.23
C ASN B 361 -40.36 -5.35 5.00
N LYS B 362 -41.34 -5.49 4.10
CA LYS B 362 -41.09 -6.17 2.84
C LYS B 362 -40.15 -5.37 1.95
N CYS B 363 -40.18 -4.05 2.07
CA CYS B 363 -39.28 -3.19 1.32
C CYS B 363 -37.86 -3.20 1.87
N LEU B 364 -37.67 -3.61 3.13
CA LEU B 364 -36.37 -3.57 3.77
C LEU B 364 -35.80 -4.96 4.06
N ILE B 365 -36.15 -5.95 3.24
CA ILE B 365 -35.60 -7.29 3.44
C ILE B 365 -34.13 -7.29 3.05
N LYS B 366 -33.29 -7.94 3.86
CA LYS B 366 -31.86 -7.97 3.55
C LYS B 366 -31.54 -8.87 2.36
N ASN B 367 -32.38 -9.88 2.09
CA ASN B 367 -32.24 -10.66 0.86
C ASN B 367 -33.02 -9.99 -0.28
N PRO B 368 -32.36 -9.57 -1.38
CA PRO B 368 -33.07 -8.88 -2.48
C PRO B 368 -34.15 -9.69 -3.17
N ALA B 369 -33.96 -11.01 -3.33
CA ALA B 369 -34.99 -11.80 -3.99
C ALA B 369 -36.18 -12.02 -3.05
N GLU B 370 -35.90 -12.31 -1.77
CA GLU B 370 -36.98 -12.39 -0.80
C GLU B 370 -37.65 -11.03 -0.62
N ARG B 371 -36.89 -9.95 -0.79
CA ARG B 371 -37.48 -8.61 -0.84
C ARG B 371 -38.44 -8.50 -2.03
N ALA B 372 -39.45 -7.67 -1.87
CA ALA B 372 -40.52 -7.59 -2.84
C ALA B 372 -40.09 -6.82 -4.08
N ASP B 373 -40.73 -7.14 -5.20
CA ASP B 373 -40.48 -6.48 -6.46
C ASP B 373 -41.55 -5.41 -6.70
N LEU B 374 -41.49 -4.78 -7.88
CA LEU B 374 -42.44 -3.72 -8.18
C LEU B 374 -43.86 -4.26 -8.25
N LYS B 375 -44.04 -5.44 -8.86
CA LYS B 375 -45.37 -6.00 -9.00
C LYS B 375 -45.96 -6.40 -7.65
N GLN B 376 -45.12 -6.89 -6.73
CA GLN B 376 -45.61 -7.23 -5.40
C GLN B 376 -46.09 -6.00 -4.65
N LEU B 377 -45.30 -4.92 -4.68
CA LEU B 377 -45.69 -3.71 -3.98
C LEU B 377 -46.91 -3.04 -4.62
N MET B 378 -47.01 -3.10 -5.95
CA MET B 378 -48.12 -2.45 -6.64
C MET B 378 -49.46 -2.96 -6.14
N VAL B 379 -49.53 -4.22 -5.72
CA VAL B 379 -50.79 -4.81 -5.28
C VAL B 379 -50.72 -5.10 -3.79
N HIS B 380 -49.90 -4.34 -3.07
CA HIS B 380 -49.86 -4.47 -1.62
C HIS B 380 -51.09 -3.83 -1.00
N ALA B 381 -51.46 -4.33 0.18
CA ALA B 381 -52.64 -3.82 0.87
C ALA B 381 -52.51 -2.33 1.15
N PHE B 382 -51.35 -1.90 1.66
CA PHE B 382 -51.12 -0.49 1.93
C PHE B 382 -51.19 0.35 0.66
N ILE B 383 -50.69 -0.18 -0.46
CA ILE B 383 -50.73 0.56 -1.70
C ILE B 383 -52.15 0.68 -2.22
N LYS B 384 -52.91 -0.42 -2.19
CA LYS B 384 -54.32 -0.37 -2.56
C LYS B 384 -55.07 0.65 -1.71
N ARG B 385 -54.83 0.64 -0.40
CA ARG B 385 -55.56 1.53 0.49
C ARG B 385 -55.22 2.99 0.22
N SER B 386 -53.91 3.30 0.10
CA SER B 386 -53.52 4.67 -0.17
C SER B 386 -53.94 5.13 -1.55
N ASP B 387 -54.12 4.21 -2.50
CA ASP B 387 -54.66 4.58 -3.81
C ASP B 387 -56.15 4.87 -3.73
N ALA B 388 -56.87 4.13 -2.88
CA ALA B 388 -58.29 4.40 -2.69
C ALA B 388 -58.52 5.73 -1.98
N GLU B 389 -57.62 6.13 -1.08
CA GLU B 389 -57.78 7.37 -0.33
C GLU B 389 -57.73 8.58 -1.24
N GLU B 390 -58.57 9.58 -0.95
CA GLU B 390 -58.57 10.86 -1.66
C GLU B 390 -57.84 11.90 -0.81
N VAL B 391 -56.51 11.83 -0.85
CA VAL B 391 -55.68 12.71 -0.05
C VAL B 391 -55.34 13.97 -0.84
N ASP B 392 -55.45 15.13 -0.20
CA ASP B 392 -55.13 16.41 -0.82
C ASP B 392 -53.64 16.68 -0.63
N PHE B 393 -52.84 16.25 -1.59
CA PHE B 393 -51.39 16.37 -1.48
C PHE B 393 -50.92 17.81 -1.72
N ALA B 394 -51.47 18.47 -2.73
CA ALA B 394 -51.01 19.83 -3.07
C ALA B 394 -51.26 20.80 -1.92
N GLY B 395 -52.45 20.75 -1.33
CA GLY B 395 -52.76 21.64 -0.22
C GLY B 395 -51.91 21.35 1.00
N TRP B 396 -51.69 20.07 1.30
CA TRP B 396 -50.83 19.71 2.41
C TRP B 396 -49.41 20.23 2.18
N LEU B 397 -48.90 20.11 0.95
CA LEU B 397 -47.56 20.60 0.65
C LEU B 397 -47.48 22.11 0.82
N CYS B 398 -48.41 22.84 0.23
CA CYS B 398 -48.41 24.30 0.35
C CYS B 398 -48.51 24.73 1.81
N SER B 399 -49.39 24.08 2.58
CA SER B 399 -49.49 24.35 4.01
C SER B 399 -48.16 24.13 4.71
N THR B 400 -47.51 23.00 4.44
CA THR B 400 -46.25 22.68 5.12
C THR B 400 -45.16 23.68 4.77
N ILE B 401 -45.05 24.05 3.49
CA ILE B 401 -44.02 25.02 3.09
C ILE B 401 -44.34 26.40 3.65
N GLY B 402 -45.61 26.69 3.88
CA GLY B 402 -46.02 27.99 4.34
C GLY B 402 -46.61 28.90 3.29
N LEU B 403 -46.94 28.37 2.12
CA LEU B 403 -47.60 29.14 1.08
C LEU B 403 -49.11 28.97 1.18
N ASN B 404 -49.84 29.92 0.64
CA ASN B 404 -51.29 29.87 0.67
C ASN B 404 -51.81 28.72 -0.20
N GLN B 405 -53.02 28.27 0.12
CA GLN B 405 -53.58 27.10 -0.53
C GLN B 405 -53.71 27.32 -2.03
N PRO B 406 -53.38 26.32 -2.86
CA PRO B 406 -53.46 26.50 -4.31
C PRO B 406 -54.85 26.20 -4.86
N SER B 407 -54.99 26.27 -6.18
CA SER B 407 -56.25 25.95 -6.86
C SER B 407 -57.38 26.84 -6.38
N ASP C 4 43.71 23.54 -12.33
CA ASP C 4 42.32 23.92 -12.07
C ASP C 4 41.71 23.01 -11.01
N LYS C 5 40.91 23.59 -10.12
CA LYS C 5 40.26 22.82 -9.06
C LYS C 5 38.92 22.24 -9.50
N GLU C 6 38.19 22.95 -10.37
CA GLU C 6 36.86 22.49 -10.74
C GLU C 6 36.90 21.18 -11.51
N GLU C 7 37.93 20.97 -12.34
CA GLU C 7 38.06 19.70 -13.04
C GLU C 7 38.26 18.55 -12.07
N LEU C 8 39.08 18.77 -11.03
CA LEU C 8 39.31 17.72 -10.05
C LEU C 8 38.05 17.41 -9.26
N VAL C 9 37.30 18.45 -8.88
CA VAL C 9 36.07 18.25 -8.12
C VAL C 9 35.04 17.54 -8.98
N GLN C 10 34.93 17.89 -10.26
CA GLN C 10 33.98 17.22 -11.14
C GLN C 10 34.37 15.76 -11.34
N ARG C 11 35.68 15.47 -11.49
CA ARG C 11 36.12 14.10 -11.61
C ARG C 11 35.81 13.31 -10.35
N ALA C 12 36.02 13.92 -9.18
CA ALA C 12 35.71 13.24 -7.93
C ALA C 12 34.23 12.94 -7.81
N LYS C 13 33.37 13.90 -8.16
CA LYS C 13 31.94 13.65 -8.11
C LYS C 13 31.53 12.57 -9.11
N LEU C 14 32.13 12.58 -10.30
CA LEU C 14 31.80 11.58 -11.31
C LEU C 14 32.19 10.19 -10.82
N ALA C 15 33.35 10.06 -10.17
CA ALA C 15 33.73 8.78 -9.61
C ALA C 15 32.83 8.38 -8.45
N GLU C 16 32.31 9.36 -7.71
CA GLU C 16 31.37 9.04 -6.63
C GLU C 16 30.06 8.51 -7.20
N GLN C 17 29.60 9.07 -8.32
CA GLN C 17 28.37 8.57 -8.94
C GLN C 17 28.56 7.20 -9.57
N ALA C 18 29.79 6.79 -9.83
CA ALA C 18 30.07 5.51 -10.45
C ALA C 18 30.27 4.39 -9.43
N GLU C 19 30.07 4.67 -8.14
CA GLU C 19 30.23 3.69 -7.07
C GLU C 19 31.66 3.14 -7.02
N ARG C 20 32.63 3.97 -7.39
CA ARG C 20 34.04 3.65 -7.27
C ARG C 20 34.67 4.58 -6.23
N TYR C 21 35.29 3.99 -5.22
CA TYR C 21 35.83 4.74 -4.10
C TYR C 21 37.33 4.52 -3.96
N ASP C 22 38.01 4.41 -5.09
CA ASP C 22 39.47 4.40 -5.12
C ASP C 22 40.00 5.55 -5.95
N ASP C 23 39.41 5.82 -7.12
CA ASP C 23 39.75 7.03 -7.86
C ASP C 23 39.22 8.28 -7.15
N MET C 24 38.08 8.18 -6.48
CA MET C 24 37.53 9.32 -5.76
C MET C 24 38.43 9.74 -4.60
N ALA C 25 38.89 8.78 -3.81
CA ALA C 25 39.77 9.09 -2.69
C ALA C 25 41.08 9.69 -3.19
N ALA C 26 41.65 9.13 -4.25
CA ALA C 26 42.89 9.68 -4.80
C ALA C 26 42.69 11.07 -5.36
N ALA C 27 41.57 11.31 -6.03
CA ALA C 27 41.29 12.64 -6.58
C ALA C 27 41.13 13.67 -5.47
N MET C 28 40.45 13.30 -4.39
CA MET C 28 40.28 14.26 -3.30
C MET C 28 41.56 14.45 -2.50
N LYS C 29 42.40 13.41 -2.41
CA LYS C 29 43.72 13.56 -1.82
C LYS C 29 44.57 14.53 -2.63
N GLU C 30 44.51 14.41 -3.96
CA GLU C 30 45.23 15.35 -4.83
C GLU C 30 44.67 16.76 -4.70
N VAL C 31 43.36 16.90 -4.49
CA VAL C 31 42.77 18.20 -4.25
C VAL C 31 43.32 18.81 -2.96
N THR C 32 43.35 18.02 -1.88
CA THR C 32 43.83 18.52 -0.60
C THR C 32 45.33 18.81 -0.63
N GLU C 33 46.10 18.07 -1.43
CA GLU C 33 47.53 18.27 -1.49
C GLU C 33 47.88 19.65 -2.04
N THR C 34 46.97 20.27 -2.79
CA THR C 34 47.20 21.62 -3.27
C THR C 34 47.29 22.61 -2.12
N GLY C 35 46.63 22.33 -1.00
CA GLY C 35 46.70 23.20 0.15
C GLY C 35 45.81 24.42 0.09
N VAL C 36 44.67 24.32 -0.59
CA VAL C 36 43.69 25.40 -0.64
C VAL C 36 42.52 25.01 0.25
N GLU C 37 41.92 26.01 0.90
CA GLU C 37 40.83 25.74 1.82
C GLU C 37 39.58 25.33 1.06
N LEU C 38 38.94 24.26 1.53
CA LEU C 38 37.76 23.73 0.85
C LEU C 38 36.54 24.59 1.15
N SER C 39 35.54 24.48 0.28
CA SER C 39 34.24 25.09 0.49
C SER C 39 33.37 24.14 1.30
N ASN C 40 32.08 24.47 1.44
CA ASN C 40 31.16 23.58 2.15
C ASN C 40 30.88 22.33 1.34
N GLU C 41 30.66 22.48 0.03
CA GLU C 41 30.31 21.35 -0.81
C GLU C 41 31.48 20.38 -0.94
N GLU C 42 32.69 20.89 -1.14
CA GLU C 42 33.84 20.05 -1.39
C GLU C 42 34.22 19.19 -0.20
N ARG C 43 33.87 19.60 1.02
CA ARG C 43 34.24 18.85 2.21
C ARG C 43 33.43 17.56 2.34
N ASN C 44 32.15 17.62 1.99
CA ASN C 44 31.29 16.45 2.11
C ASN C 44 31.78 15.30 1.23
N LEU C 45 32.28 15.62 0.03
CA LEU C 45 32.80 14.58 -0.85
C LEU C 45 34.00 13.89 -0.22
N LEU C 46 34.92 14.67 0.36
CA LEU C 46 36.07 14.08 1.06
C LEU C 46 35.61 13.18 2.19
N SER C 47 34.65 13.66 2.98
CA SER C 47 34.17 12.88 4.11
C SER C 47 33.54 11.57 3.65
N VAL C 48 32.72 11.64 2.60
CA VAL C 48 32.04 10.44 2.11
C VAL C 48 33.04 9.44 1.54
N ALA C 49 34.02 9.94 0.77
CA ALA C 49 35.02 9.06 0.18
C ALA C 49 35.82 8.33 1.25
N TYR C 50 36.38 9.09 2.20
CA TYR C 50 37.19 8.48 3.24
C TYR C 50 36.37 7.83 4.32
N LYS C 51 35.05 7.91 4.26
CA LYS C 51 34.20 7.07 5.09
C LYS C 51 33.93 5.74 4.43
N ASN C 52 33.59 5.74 3.13
CA ASN C 52 33.29 4.50 2.44
C ASN C 52 34.53 3.61 2.32
N VAL C 53 35.69 4.21 2.04
CA VAL C 53 36.91 3.41 1.89
C VAL C 53 37.19 2.65 3.18
N VAL C 54 37.10 3.34 4.32
CA VAL C 54 37.33 2.69 5.60
C VAL C 54 36.19 1.72 5.91
N GLY C 55 34.96 2.07 5.54
CA GLY C 55 33.82 1.23 5.87
C GLY C 55 33.88 -0.13 5.22
N ALA C 56 34.38 -0.21 3.98
CA ALA C 56 34.51 -1.50 3.33
C ALA C 56 35.47 -2.40 4.12
N ARG C 57 36.61 -1.84 4.57
CA ARG C 57 37.53 -2.62 5.37
C ARG C 57 36.94 -2.97 6.73
N ARG C 58 36.14 -2.08 7.31
CA ARG C 58 35.52 -2.37 8.59
C ARG C 58 34.56 -3.54 8.48
N SER C 59 33.74 -3.55 7.42
CA SER C 59 32.86 -4.69 7.19
C SER C 59 33.65 -5.97 7.00
N SER C 60 34.73 -5.90 6.21
CA SER C 60 35.57 -7.08 6.02
C SER C 60 36.16 -7.56 7.35
N TRP C 61 36.66 -6.64 8.15
CA TRP C 61 37.25 -6.98 9.45
C TRP C 61 36.22 -7.61 10.37
N ARG C 62 35.02 -7.04 10.41
CA ARG C 62 33.96 -7.58 11.26
C ARG C 62 33.64 -9.01 10.87
N VAL C 63 33.40 -9.26 9.58
CA VAL C 63 33.01 -10.62 9.19
C VAL C 63 34.17 -11.59 9.36
N ILE C 64 35.41 -11.15 9.13
CA ILE C 64 36.56 -12.03 9.29
C ILE C 64 36.75 -12.41 10.76
N SER C 65 36.62 -11.43 11.66
CA SER C 65 36.72 -11.76 13.08
C SER C 65 35.57 -12.65 13.53
N SER C 66 34.39 -12.49 12.94
CA SER C 66 33.29 -13.39 13.26
C SER C 66 33.61 -14.82 12.83
N ILE C 67 34.18 -15.00 11.64
CA ILE C 67 34.56 -16.33 11.20
C ILE C 67 35.66 -16.90 12.10
N GLU C 68 36.60 -16.05 12.51
CA GLU C 68 37.67 -16.48 13.40
C GLU C 68 37.12 -16.94 14.75
N GLN C 69 36.09 -16.29 15.24
CA GLN C 69 35.46 -16.70 16.49
C GLN C 69 34.46 -17.83 16.29
N LYS C 70 34.11 -18.16 15.05
CA LYS C 70 33.18 -19.23 14.76
C LYS C 70 33.87 -20.58 14.53
N THR C 71 35.05 -20.58 13.91
CA THR C 71 35.69 -21.84 13.53
C THR C 71 35.92 -22.74 14.74
N GLU C 72 36.55 -22.21 15.79
CA GLU C 72 36.74 -22.90 17.07
C GLU C 72 37.32 -24.30 16.88
N GLY C 73 38.48 -24.35 16.22
CA GLY C 73 39.16 -25.59 15.95
C GLY C 73 40.64 -25.51 16.28
N SER C 74 41.41 -26.41 15.68
CA SER C 74 42.87 -26.44 15.84
C SER C 74 43.46 -26.91 14.52
N GLU C 75 43.82 -25.96 13.67
CA GLU C 75 44.31 -26.25 12.33
C GLU C 75 44.97 -25.00 11.79
N ARG C 76 45.36 -25.06 10.50
CA ARG C 76 45.99 -23.92 9.85
C ARG C 76 44.97 -22.91 9.32
N LYS C 77 43.69 -23.27 9.32
CA LYS C 77 42.65 -22.32 8.91
C LYS C 77 42.66 -21.09 9.82
N GLN C 78 42.78 -21.32 11.13
CA GLN C 78 42.80 -20.20 12.07
C GLN C 78 44.04 -19.35 11.87
N GLN C 79 45.20 -19.98 11.63
CA GLN C 79 46.42 -19.21 11.41
C GLN C 79 46.31 -18.36 10.14
N MET C 80 45.77 -18.93 9.07
CA MET C 80 45.61 -18.16 7.83
C MET C 80 44.57 -17.06 8.00
N ALA C 81 43.51 -17.32 8.77
CA ALA C 81 42.53 -16.28 9.06
C ALA C 81 43.18 -15.14 9.84
N LYS C 82 44.06 -15.46 10.78
CA LYS C 82 44.78 -14.42 11.51
C LYS C 82 45.69 -13.63 10.58
N GLU C 83 46.34 -14.30 9.64
CA GLU C 83 47.18 -13.60 8.67
C GLU C 83 46.35 -12.66 7.80
N TYR C 84 45.19 -13.12 7.34
CA TYR C 84 44.33 -12.26 6.53
C TYR C 84 43.78 -11.09 7.35
N ARG C 85 43.47 -11.34 8.62
CA ARG C 85 43.02 -10.26 9.49
C ARG C 85 44.10 -9.21 9.70
N VAL C 86 45.35 -9.65 9.92
CA VAL C 86 46.41 -8.67 10.10
C VAL C 86 46.71 -7.95 8.78
N LYS C 87 46.52 -8.62 7.64
CA LYS C 87 46.69 -7.94 6.35
C LYS C 87 45.66 -6.83 6.18
N VAL C 88 44.38 -7.15 6.40
CA VAL C 88 43.35 -6.13 6.24
C VAL C 88 43.48 -5.05 7.32
N GLU C 89 43.96 -5.41 8.51
CA GLU C 89 44.21 -4.43 9.55
C GLU C 89 45.34 -3.47 9.15
N LYS C 90 46.40 -4.00 8.54
CA LYS C 90 47.47 -3.15 8.05
C LYS C 90 46.96 -2.22 6.96
N GLU C 91 46.12 -2.74 6.07
CA GLU C 91 45.55 -1.90 5.02
C GLU C 91 44.69 -0.77 5.60
N LEU C 92 43.86 -1.10 6.59
CA LEU C 92 43.04 -0.08 7.24
C LEU C 92 43.91 0.93 7.96
N ARG C 93 44.97 0.48 8.62
CA ARG C 93 45.89 1.40 9.28
C ARG C 93 46.53 2.34 8.28
N GLU C 94 46.91 1.82 7.11
CA GLU C 94 47.46 2.68 6.08
C GLU C 94 46.45 3.72 5.61
N ILE C 95 45.19 3.31 5.42
CA ILE C 95 44.18 4.25 4.98
C ILE C 95 43.97 5.35 6.03
N CYS C 96 43.80 4.94 7.29
CA CYS C 96 43.57 5.92 8.35
C CYS C 96 44.77 6.85 8.53
N TYR C 97 45.99 6.30 8.39
CA TYR C 97 47.17 7.13 8.53
C TYR C 97 47.31 8.12 7.38
N ASP C 98 46.94 7.70 6.16
CA ASP C 98 46.94 8.64 5.05
C ASP C 98 45.91 9.75 5.27
N VAL C 99 44.74 9.38 5.78
CA VAL C 99 43.71 10.38 6.06
C VAL C 99 44.21 11.38 7.11
N LEU C 100 44.81 10.86 8.19
CA LEU C 100 45.30 11.73 9.24
C LEU C 100 46.45 12.61 8.77
N GLY C 101 47.33 12.09 7.91
CA GLY C 101 48.40 12.90 7.36
C GLY C 101 47.88 13.99 6.45
N LEU C 102 46.83 13.70 5.68
CA LEU C 102 46.20 14.71 4.85
C LEU C 102 45.35 15.67 5.64
N LEU C 103 44.99 15.34 6.88
CA LEU C 103 44.10 16.18 7.66
C LEU C 103 44.86 17.19 8.52
N ASP C 104 45.89 16.75 9.23
CA ASP C 104 46.57 17.58 10.21
C ASP C 104 47.63 18.50 9.60
N LYS C 105 47.74 18.53 8.28
CA LYS C 105 48.77 19.33 7.63
C LYS C 105 48.23 20.39 6.66
N HIS C 106 46.97 20.27 6.23
CA HIS C 106 46.46 21.22 5.24
C HIS C 106 45.11 21.82 5.65
N LEU C 107 44.37 21.13 6.52
CA LEU C 107 43.00 21.54 6.85
C LEU C 107 42.83 22.05 8.27
N ILE C 108 43.20 21.26 9.27
CA ILE C 108 43.00 21.64 10.67
C ILE C 108 43.80 22.89 11.02
N PRO C 109 45.10 22.99 10.70
CA PRO C 109 45.82 24.24 11.03
C PRO C 109 45.30 25.45 10.29
N LYS C 110 44.69 25.28 9.13
CA LYS C 110 44.10 26.40 8.38
C LYS C 110 42.60 26.16 8.24
N ALA C 111 41.84 26.61 9.24
CA ALA C 111 40.38 26.47 9.27
C ALA C 111 39.82 27.76 9.87
N SER C 112 39.45 28.70 8.99
CA SER C 112 38.91 29.97 9.47
C SER C 112 37.56 29.78 10.16
N ASN C 113 36.68 28.98 9.56
CA ASN C 113 35.34 28.80 10.09
C ASN C 113 35.37 27.86 11.30
N PRO C 114 34.85 28.28 12.45
CA PRO C 114 34.76 27.35 13.59
C PRO C 114 33.91 26.13 13.32
N GLU C 115 32.87 26.28 12.50
CA GLU C 115 32.07 25.13 12.07
C GLU C 115 32.95 24.11 11.35
N SER C 116 33.82 24.59 10.45
CA SER C 116 34.75 23.69 9.78
C SER C 116 35.69 23.04 10.78
N LYS C 117 36.10 23.78 11.81
CA LYS C 117 36.96 23.21 12.84
C LYS C 117 36.26 22.08 13.58
N VAL C 118 34.98 22.26 13.91
CA VAL C 118 34.22 21.21 14.55
C VAL C 118 34.07 20.01 13.63
N PHE C 119 33.81 20.25 12.34
CA PHE C 119 33.70 19.14 11.39
C PHE C 119 34.99 18.34 11.32
N TYR C 120 36.12 19.03 11.20
CA TYR C 120 37.39 18.34 11.05
C TYR C 120 37.83 17.65 12.33
N LEU C 121 37.52 18.23 13.50
CA LEU C 121 37.83 17.54 14.74
C LEU C 121 36.93 16.32 14.93
N LYS C 122 35.69 16.40 14.48
CA LYS C 122 34.82 15.23 14.49
C LYS C 122 35.39 14.13 13.61
N MET C 123 35.88 14.49 12.42
CA MET C 123 36.50 13.50 11.55
C MET C 123 37.75 12.89 12.18
N LYS C 124 38.58 13.74 12.80
CA LYS C 124 39.79 13.25 13.45
C LYS C 124 39.46 12.26 14.56
N GLY C 125 38.46 12.59 15.38
CA GLY C 125 38.04 11.66 16.41
C GLY C 125 37.45 10.39 15.83
N ASP C 126 36.70 10.50 14.74
CA ASP C 126 36.13 9.32 14.11
C ASP C 126 37.22 8.36 13.64
N TYR C 127 38.25 8.89 12.98
CA TYR C 127 39.28 8.00 12.47
C TYR C 127 40.18 7.47 13.58
N TYR C 128 40.37 8.24 14.65
CA TYR C 128 41.08 7.70 15.80
C TYR C 128 40.28 6.59 16.47
N ARG C 129 38.95 6.70 16.49
CA ARG C 129 38.13 5.61 17.01
C ARG C 129 38.19 4.40 16.09
N TYR C 130 38.22 4.63 14.78
CA TYR C 130 38.36 3.53 13.83
C TYR C 130 39.66 2.78 14.07
N LEU C 131 40.72 3.51 14.40
CA LEU C 131 41.99 2.86 14.72
C LEU C 131 41.97 2.21 16.10
N ALA C 132 41.14 2.73 17.01
CA ALA C 132 41.09 2.17 18.36
C ALA C 132 40.47 0.78 18.37
N GLU C 133 39.42 0.56 17.58
CA GLU C 133 38.66 -0.67 17.69
C GLU C 133 39.42 -1.88 17.16
N VAL C 134 40.45 -1.67 16.35
CA VAL C 134 41.21 -2.77 15.78
C VAL C 134 42.50 -3.03 16.53
N ALA C 135 43.22 -1.97 16.89
CA ALA C 135 44.52 -2.11 17.55
C ALA C 135 44.30 -2.44 19.02
N THR C 136 44.63 -3.67 19.40
CA THR C 136 44.50 -4.15 20.78
C THR C 136 45.89 -4.34 21.36
N GLY C 137 46.18 -3.61 22.44
CA GLY C 137 47.46 -3.75 23.11
C GLY C 137 47.86 -2.49 23.87
N GLU C 138 49.16 -2.14 23.80
CA GLU C 138 49.62 -0.93 24.46
C GLU C 138 49.35 0.31 23.63
N THR C 139 49.35 0.20 22.30
CA THR C 139 49.09 1.35 21.44
C THR C 139 47.65 1.81 21.51
N ARG C 140 46.75 1.00 22.05
CA ARG C 140 45.35 1.38 22.15
C ARG C 140 45.19 2.61 23.05
N ASN C 141 45.91 2.65 24.17
CA ASN C 141 45.75 3.74 25.12
C ASN C 141 46.17 5.09 24.54
N SER C 142 47.05 5.09 23.54
CA SER C 142 47.45 6.34 22.90
C SER C 142 46.34 6.87 22.02
N VAL C 143 45.83 6.04 21.10
CA VAL C 143 44.80 6.50 20.17
C VAL C 143 43.49 6.77 20.88
N VAL C 144 43.19 6.02 21.94
CA VAL C 144 41.97 6.27 22.71
C VAL C 144 42.01 7.65 23.33
N GLU C 145 43.15 8.00 23.95
CA GLU C 145 43.28 9.32 24.56
C GLU C 145 43.34 10.42 23.51
N ASP C 146 43.92 10.14 22.34
CA ASP C 146 43.93 11.13 21.27
C ASP C 146 42.51 11.41 20.78
N SER C 147 41.72 10.35 20.60
CA SER C 147 40.32 10.53 20.22
C SER C 147 39.56 11.28 21.30
N GLN C 148 39.83 10.96 22.57
CA GLN C 148 39.18 11.66 23.68
C GLN C 148 39.48 13.15 23.62
N LYS C 149 40.75 13.51 23.41
CA LYS C 149 41.13 14.93 23.34
C LYS C 149 40.45 15.61 22.16
N ALA C 150 40.45 14.95 20.99
CA ALA C 150 39.81 15.53 19.81
C ALA C 150 38.32 15.76 20.05
N TYR C 151 37.65 14.77 20.65
CA TYR C 151 36.22 14.88 20.87
C TYR C 151 35.89 15.93 21.92
N GLN C 152 36.72 16.04 22.98
CA GLN C 152 36.50 17.10 23.96
C GLN C 152 36.68 18.48 23.33
N ASP C 153 37.71 18.62 22.48
CA ASP C 153 37.93 19.90 21.81
C ASP C 153 36.75 20.24 20.90
N ALA C 154 36.22 19.24 20.18
CA ALA C 154 35.06 19.49 19.34
C ALA C 154 33.83 19.84 20.18
N PHE C 155 33.67 19.14 21.31
CA PHE C 155 32.48 19.32 22.14
C PHE C 155 32.46 20.68 22.81
N GLU C 156 33.63 21.22 23.19
CA GLU C 156 33.66 22.56 23.76
C GLU C 156 33.13 23.58 22.76
N ILE C 157 33.58 23.49 21.51
CA ILE C 157 33.12 24.43 20.50
C ILE C 157 31.66 24.18 20.15
N SER C 158 31.21 22.93 20.18
CA SER C 158 29.80 22.65 19.91
C SER C 158 28.92 23.26 20.99
N LYS C 159 29.32 23.15 22.26
CA LYS C 159 28.57 23.76 23.34
C LYS C 159 28.64 25.28 23.27
N ALA C 160 29.75 25.84 22.78
CA ALA C 160 29.90 27.29 22.77
C ALA C 160 29.14 27.95 21.62
N LYS C 161 29.46 27.59 20.39
CA LYS C 161 29.02 28.33 19.20
C LYS C 161 28.34 27.41 18.20
N MET C 162 27.42 26.57 18.66
CA MET C 162 26.68 25.72 17.75
C MET C 162 25.22 25.67 18.20
N GLN C 163 24.35 25.34 17.24
CA GLN C 163 22.92 25.21 17.53
C GLN C 163 22.63 23.80 18.05
N PRO C 164 21.68 23.68 18.99
CA PRO C 164 21.32 22.34 19.49
C PRO C 164 20.63 21.48 18.46
N THR C 165 20.29 22.03 17.29
CA THR C 165 19.63 21.28 16.23
C THR C 165 20.47 21.20 14.96
N HIS C 166 21.72 21.62 15.02
CA HIS C 166 22.56 21.59 13.83
C HIS C 166 23.02 20.16 13.58
N PRO C 167 23.11 19.74 12.31
CA PRO C 167 23.54 18.36 12.02
C PRO C 167 24.92 18.04 12.57
N ILE C 168 25.84 19.01 12.56
CA ILE C 168 27.21 18.74 12.98
C ILE C 168 27.26 18.45 14.47
N ARG C 169 26.56 19.26 15.28
CA ARG C 169 26.56 19.05 16.72
C ARG C 169 25.93 17.70 17.07
N LEU C 170 24.81 17.36 16.42
CA LEU C 170 24.16 16.08 16.68
C LEU C 170 25.06 14.92 16.27
N GLY C 171 25.72 15.04 15.12
CA GLY C 171 26.65 14.00 14.71
C GLY C 171 27.81 13.83 15.67
N LEU C 172 28.36 14.94 16.15
CA LEU C 172 29.44 14.88 17.14
C LEU C 172 28.96 14.20 18.41
N ALA C 173 27.76 14.58 18.89
CA ALA C 173 27.23 13.95 20.09
C ALA C 173 27.01 12.45 19.89
N LEU C 174 26.50 12.07 18.72
CA LEU C 174 26.25 10.66 18.44
C LEU C 174 27.55 9.87 18.42
N ASN C 175 28.55 10.39 17.71
CA ASN C 175 29.84 9.70 17.65
C ASN C 175 30.49 9.66 19.02
N PHE C 176 30.31 10.70 19.84
CA PHE C 176 30.90 10.72 21.17
C PHE C 176 30.23 9.69 22.08
N SER C 177 28.91 9.53 21.97
CA SER C 177 28.23 8.53 22.79
C SER C 177 28.60 7.12 22.34
N VAL C 178 28.74 6.90 21.03
CA VAL C 178 29.16 5.58 20.56
C VAL C 178 30.60 5.31 20.99
N PHE C 179 31.45 6.32 20.97
CA PHE C 179 32.82 6.16 21.45
C PHE C 179 32.84 5.79 22.92
N TYR C 180 32.00 6.46 23.72
CA TYR C 180 31.91 6.14 25.14
C TYR C 180 31.44 4.72 25.37
N TYR C 181 30.43 4.28 24.60
CA TYR C 181 29.82 2.99 24.85
C TYR C 181 30.71 1.84 24.38
N GLU C 182 31.32 1.99 23.21
CA GLU C 182 32.09 0.90 22.60
C GLU C 182 33.53 0.86 23.10
N ILE C 183 34.22 1.99 23.10
CA ILE C 183 35.64 2.00 23.44
C ILE C 183 35.84 1.99 24.95
N LEU C 184 35.19 2.92 25.66
CA LEU C 184 35.41 3.06 27.09
C LEU C 184 34.48 2.20 27.94
N ASN C 185 33.40 1.69 27.36
CA ASN C 185 32.49 0.77 28.05
C ASN C 185 31.93 1.38 29.33
N SER C 186 31.58 2.67 29.27
CA SER C 186 30.92 3.35 30.38
C SER C 186 29.52 3.78 29.95
N PRO C 187 28.55 2.85 29.93
CA PRO C 187 27.23 3.19 29.38
C PRO C 187 26.45 4.18 30.21
N ASP C 188 26.77 4.38 31.49
CA ASP C 188 26.02 5.34 32.30
C ASP C 188 26.20 6.76 31.79
N LYS C 189 27.46 7.16 31.56
CA LYS C 189 27.72 8.50 31.05
C LYS C 189 27.30 8.63 29.60
N ALA C 190 27.37 7.53 28.83
CA ALA C 190 26.87 7.56 27.46
C ALA C 190 25.37 7.82 27.42
N CYS C 191 24.61 7.13 28.28
CA CYS C 191 23.17 7.37 28.36
C CYS C 191 22.89 8.79 28.82
N GLN C 192 23.63 9.28 29.82
CA GLN C 192 23.45 10.65 30.28
C GLN C 192 23.67 11.64 29.15
N LEU C 193 24.77 11.49 28.41
CA LEU C 193 25.08 12.38 27.31
C LEU C 193 24.01 12.30 26.22
N ALA C 194 23.58 11.08 25.88
CA ALA C 194 22.58 10.92 24.84
C ALA C 194 21.26 11.57 25.25
N LYS C 195 20.83 11.37 26.50
CA LYS C 195 19.58 11.97 26.95
C LYS C 195 19.68 13.49 26.96
N GLN C 196 20.80 14.03 27.44
CA GLN C 196 20.97 15.48 27.45
C GLN C 196 20.93 16.05 26.03
N ALA C 197 21.66 15.41 25.10
CA ALA C 197 21.69 15.89 23.73
C ALA C 197 20.32 15.78 23.07
N PHE C 198 19.60 14.67 23.31
CA PHE C 198 18.29 14.51 22.73
C PHE C 198 17.30 15.53 23.27
N ASP C 199 17.36 15.82 24.57
CA ASP C 199 16.50 16.85 25.15
C ASP C 199 16.82 18.22 24.56
N ASP C 200 18.11 18.55 24.47
CA ASP C 200 18.48 19.85 23.93
C ASP C 200 18.09 19.99 22.46
N ALA C 201 18.15 18.91 21.70
CA ALA C 201 17.63 18.93 20.34
C ALA C 201 16.12 19.01 20.29
N ILE C 202 15.43 18.49 21.31
CA ILE C 202 13.99 18.63 21.40
C ILE C 202 13.60 20.07 21.70
N ALA C 203 14.44 20.78 22.47
CA ALA C 203 14.18 22.17 22.82
C ALA C 203 13.83 23.02 21.59
N GLU C 204 14.77 23.15 20.65
CA GLU C 204 14.57 23.99 19.47
C GLU C 204 14.08 23.17 18.28
N LEU C 205 12.90 22.54 18.45
CA LEU C 205 12.35 21.74 17.36
C LEU C 205 11.71 22.59 16.27
N ASP C 206 11.14 23.75 16.64
CA ASP C 206 10.52 24.61 15.64
C ASP C 206 11.53 25.12 14.63
N THR C 207 12.73 25.47 15.09
CA THR C 207 13.76 26.04 14.22
C THR C 207 14.38 24.91 13.39
N LEU C 208 13.67 24.52 12.33
CA LEU C 208 14.14 23.51 11.39
C LEU C 208 13.89 24.03 9.97
N ASN C 209 14.92 24.66 9.39
CA ASN C 209 14.82 25.16 8.04
C ASN C 209 14.97 24.02 7.04
N GLU C 210 14.72 24.34 5.77
CA GLU C 210 14.80 23.34 4.71
C GLU C 210 16.23 22.81 4.55
N ASP C 211 17.23 23.61 4.90
CA ASP C 211 18.62 23.24 4.63
C ASP C 211 18.97 21.89 5.23
N SER C 212 18.53 21.61 6.46
CA SER C 212 18.78 20.31 7.05
C SER C 212 17.59 19.95 7.95
N TYR C 213 16.64 19.24 7.36
CA TYR C 213 15.56 18.59 8.09
C TYR C 213 15.73 17.08 8.09
N LYS C 214 16.18 16.53 6.96
CA LYS C 214 16.38 15.08 6.86
C LYS C 214 17.51 14.62 7.78
N ASP C 215 18.65 15.31 7.73
CA ASP C 215 19.78 14.94 8.59
C ASP C 215 19.42 15.09 10.06
N SER C 216 18.75 16.19 10.42
CA SER C 216 18.39 16.41 11.82
C SER C 216 17.52 15.28 12.35
N THR C 217 16.43 14.98 11.65
CA THR C 217 15.52 13.94 12.13
C THR C 217 16.17 12.56 12.05
N LEU C 218 17.07 12.35 11.10
CA LEU C 218 17.72 11.04 10.99
C LEU C 218 18.66 10.81 12.17
N ILE C 219 19.46 11.83 12.53
CA ILE C 219 20.32 11.69 13.68
C ILE C 219 19.49 11.61 14.96
N MET C 220 18.36 12.31 15.00
CA MET C 220 17.47 12.20 16.15
C MET C 220 16.96 10.78 16.32
N GLN C 221 16.51 10.15 15.23
CA GLN C 221 16.02 8.79 15.30
C GLN C 221 17.12 7.80 15.63
N LEU C 222 18.33 8.02 15.11
CA LEU C 222 19.45 7.15 15.46
C LEU C 222 19.80 7.26 16.93
N LEU C 223 19.78 8.48 17.47
CA LEU C 223 20.00 8.67 18.90
C LEU C 223 18.92 7.98 19.72
N ARG C 224 17.67 8.06 19.28
CA ARG C 224 16.58 7.39 19.99
C ARG C 224 16.76 5.87 19.95
N ASP C 225 17.17 5.33 18.80
CA ASP C 225 17.40 3.89 18.71
C ASP C 225 18.54 3.45 19.62
N ASN C 226 19.64 4.21 19.63
CA ASN C 226 20.75 3.85 20.51
C ASN C 226 20.35 3.96 21.98
N LEU C 227 19.58 5.00 22.33
CA LEU C 227 19.10 5.14 23.69
C LEU C 227 18.25 3.94 24.10
N THR C 228 17.32 3.53 23.23
CA THR C 228 16.50 2.37 23.53
C THR C 228 17.34 1.09 23.62
N LEU C 229 18.41 1.00 22.83
CA LEU C 229 19.26 -0.18 22.89
C LEU C 229 20.04 -0.23 24.20
N TRP C 230 20.51 0.92 24.67
CA TRP C 230 21.37 0.98 25.84
C TRP C 230 20.61 0.96 27.16
N THR C 231 19.35 1.42 27.16
CA THR C 231 18.58 1.40 28.40
C THR C 231 18.04 0.03 28.75
N SER C 232 18.17 -0.95 27.88
CA SER C 232 17.66 -2.29 28.14
C SER C 232 18.58 -3.05 29.09
N ASP D 4 47.46 -27.83 1.19
CA ASP D 4 47.81 -26.57 0.55
C ASP D 4 46.65 -26.01 -0.26
N LYS D 5 46.08 -26.84 -1.12
CA LYS D 5 44.94 -26.42 -1.92
C LYS D 5 43.76 -26.01 -1.03
N GLU D 6 43.45 -26.85 -0.03
CA GLU D 6 42.35 -26.54 0.87
C GLU D 6 42.59 -25.24 1.62
N GLU D 7 43.85 -24.93 1.93
CA GLU D 7 44.16 -23.66 2.60
C GLU D 7 43.80 -22.48 1.71
N LEU D 8 44.11 -22.57 0.41
CA LEU D 8 43.79 -21.49 -0.50
C LEU D 8 42.29 -21.40 -0.77
N VAL D 9 41.60 -22.53 -0.78
CA VAL D 9 40.14 -22.51 -0.94
C VAL D 9 39.49 -21.88 0.28
N GLN D 10 40.00 -22.19 1.47
CA GLN D 10 39.49 -21.54 2.68
C GLN D 10 39.75 -20.04 2.66
N ARG D 11 40.93 -19.63 2.17
CA ARG D 11 41.20 -18.21 2.02
C ARG D 11 40.22 -17.56 1.05
N ALA D 12 39.92 -18.25 -0.06
CA ALA D 12 38.96 -17.71 -1.02
C ALA D 12 37.58 -17.57 -0.42
N LYS D 13 37.12 -18.57 0.34
CA LYS D 13 35.82 -18.47 1.00
C LYS D 13 35.81 -17.32 2.00
N LEU D 14 36.87 -17.19 2.79
CA LEU D 14 36.94 -16.12 3.79
C LEU D 14 36.95 -14.75 3.12
N ALA D 15 37.59 -14.64 1.97
CA ALA D 15 37.57 -13.38 1.22
C ALA D 15 36.18 -13.12 0.65
N GLU D 16 35.47 -14.18 0.22
CA GLU D 16 34.11 -13.99 -0.25
C GLU D 16 33.20 -13.48 0.86
N GLN D 17 33.34 -14.03 2.06
CA GLN D 17 32.53 -13.56 3.17
C GLN D 17 32.86 -12.12 3.55
N ALA D 18 34.10 -11.70 3.32
CA ALA D 18 34.55 -10.37 3.69
C ALA D 18 34.21 -9.31 2.65
N GLU D 19 33.60 -9.71 1.52
CA GLU D 19 33.12 -8.81 0.49
C GLU D 19 34.30 -8.21 -0.29
N ARG D 20 35.53 -8.49 0.14
CA ARG D 20 36.68 -8.15 -0.66
C ARG D 20 36.80 -9.15 -1.80
N TYR D 21 36.67 -8.68 -3.04
CA TYR D 21 36.57 -9.56 -4.20
C TYR D 21 37.85 -9.70 -4.98
N ASP D 22 38.69 -8.65 -5.04
CA ASP D 22 39.93 -8.76 -5.79
C ASP D 22 40.87 -9.79 -5.16
N ASP D 23 40.90 -9.87 -3.83
CA ASP D 23 41.70 -10.89 -3.18
C ASP D 23 41.19 -12.29 -3.51
N MET D 24 39.87 -12.47 -3.56
CA MET D 24 39.33 -13.76 -3.98
C MET D 24 39.67 -14.06 -5.43
N ALA D 25 39.61 -13.05 -6.30
CA ALA D 25 39.98 -13.25 -7.70
C ALA D 25 41.43 -13.72 -7.81
N ALA D 26 42.34 -13.06 -7.09
CA ALA D 26 43.74 -13.45 -7.15
C ALA D 26 43.95 -14.85 -6.56
N ALA D 27 43.29 -15.14 -5.43
CA ALA D 27 43.45 -16.42 -4.77
C ALA D 27 42.85 -17.57 -5.57
N MET D 28 41.89 -17.30 -6.45
CA MET D 28 41.37 -18.32 -7.34
C MET D 28 42.17 -18.46 -8.62
N LYS D 29 42.68 -17.35 -9.16
CA LYS D 29 43.54 -17.42 -10.33
C LYS D 29 44.83 -18.18 -10.02
N GLU D 30 45.39 -17.96 -8.83
CA GLU D 30 46.59 -18.72 -8.46
C GLU D 30 46.28 -20.18 -8.23
N VAL D 31 45.05 -20.51 -7.82
CA VAL D 31 44.69 -21.92 -7.66
C VAL D 31 44.53 -22.61 -9.00
N THR D 32 43.81 -21.97 -9.93
CA THR D 32 43.62 -22.58 -11.24
C THR D 32 44.89 -22.51 -12.09
N GLU D 33 45.85 -21.68 -11.70
CA GLU D 33 47.11 -21.61 -12.44
C GLU D 33 47.90 -22.90 -12.37
N THR D 34 47.76 -23.65 -11.26
CA THR D 34 48.51 -24.91 -11.13
C THR D 34 47.98 -25.96 -12.10
N GLY D 35 46.67 -26.10 -12.21
CA GLY D 35 46.08 -27.09 -13.08
C GLY D 35 45.53 -28.27 -12.30
N VAL D 36 45.07 -28.00 -11.08
CA VAL D 36 44.50 -29.03 -10.23
C VAL D 36 43.09 -29.37 -10.72
N GLU D 37 42.68 -30.61 -10.46
CA GLU D 37 41.32 -31.06 -10.80
C GLU D 37 40.29 -30.14 -10.15
N LEU D 38 39.49 -29.47 -10.97
CA LEU D 38 38.54 -28.47 -10.50
C LEU D 38 37.18 -29.14 -10.28
N SER D 39 36.70 -29.12 -9.04
CA SER D 39 35.40 -29.70 -8.71
C SER D 39 34.32 -28.63 -8.86
N ASN D 40 33.12 -28.93 -8.38
CA ASN D 40 31.98 -28.03 -8.55
C ASN D 40 32.15 -26.75 -7.75
N GLU D 41 32.32 -26.88 -6.42
CA GLU D 41 32.43 -25.69 -5.57
C GLU D 41 33.66 -24.87 -5.94
N GLU D 42 34.76 -25.54 -6.28
CA GLU D 42 35.99 -24.83 -6.60
C GLU D 42 35.82 -23.94 -7.82
N ARG D 43 35.13 -24.43 -8.85
CA ARG D 43 34.89 -23.58 -10.01
C ARG D 43 33.78 -22.58 -9.76
N ASN D 44 32.82 -22.89 -8.88
CA ASN D 44 31.75 -21.93 -8.62
C ASN D 44 32.27 -20.72 -7.89
N LEU D 45 33.24 -20.91 -6.98
CA LEU D 45 33.87 -19.77 -6.32
C LEU D 45 34.57 -18.87 -7.35
N LEU D 46 35.27 -19.48 -8.31
CA LEU D 46 35.91 -18.70 -9.38
C LEU D 46 34.88 -17.94 -10.19
N SER D 47 33.77 -18.60 -10.53
CA SER D 47 32.72 -17.96 -11.31
C SER D 47 32.14 -16.76 -10.59
N VAL D 48 31.84 -16.91 -9.30
CA VAL D 48 31.26 -15.81 -8.53
C VAL D 48 32.25 -14.66 -8.42
N ALA D 49 33.53 -14.98 -8.14
CA ALA D 49 34.54 -13.94 -7.99
C ALA D 49 34.69 -13.14 -9.27
N TYR D 50 34.92 -13.83 -10.39
CA TYR D 50 35.11 -13.15 -11.66
C TYR D 50 33.83 -12.55 -12.21
N LYS D 51 32.67 -12.95 -11.69
CA LYS D 51 31.43 -12.28 -12.05
C LYS D 51 31.31 -10.96 -11.32
N ASN D 52 31.49 -10.97 -10.00
CA ASN D 52 31.31 -9.75 -9.21
C ASN D 52 32.36 -8.69 -9.57
N VAL D 53 33.61 -9.11 -9.75
CA VAL D 53 34.67 -8.13 -10.01
C VAL D 53 34.38 -7.37 -11.29
N VAL D 54 33.97 -8.08 -12.35
CA VAL D 54 33.66 -7.39 -13.60
C VAL D 54 32.29 -6.70 -13.53
N GLY D 55 31.35 -7.22 -12.74
CA GLY D 55 30.03 -6.61 -12.66
C GLY D 55 30.05 -5.24 -12.02
N ALA D 56 30.85 -5.08 -10.95
CA ALA D 56 30.93 -3.77 -10.32
C ALA D 56 31.45 -2.73 -11.29
N ARG D 57 32.50 -3.07 -12.05
CA ARG D 57 33.04 -2.13 -13.02
C ARG D 57 32.09 -1.91 -14.19
N ARG D 58 31.32 -2.93 -14.58
CA ARG D 58 30.36 -2.72 -15.66
C ARG D 58 29.25 -1.79 -15.23
N SER D 59 28.78 -1.91 -13.98
CA SER D 59 27.80 -0.97 -13.47
C SER D 59 28.38 0.44 -13.42
N SER D 60 29.64 0.55 -13.00
CA SER D 60 30.29 1.86 -12.98
C SER D 60 30.36 2.45 -14.39
N TRP D 61 30.70 1.62 -15.39
CA TRP D 61 30.78 2.10 -16.76
C TRP D 61 29.41 2.54 -17.27
N ARG D 62 28.37 1.79 -16.95
CA ARG D 62 27.03 2.18 -17.37
C ARG D 62 26.64 3.53 -16.77
N VAL D 63 26.96 3.74 -15.49
CA VAL D 63 26.63 5.02 -14.86
C VAL D 63 27.44 6.15 -15.49
N ILE D 64 28.73 5.90 -15.75
CA ILE D 64 29.58 6.92 -16.36
C ILE D 64 29.05 7.31 -17.74
N SER D 65 28.68 6.32 -18.54
CA SER D 65 28.15 6.61 -19.87
C SER D 65 26.81 7.33 -19.79
N SER D 66 25.97 6.97 -18.83
CA SER D 66 24.70 7.67 -18.68
C SER D 66 24.90 9.13 -18.31
N ILE D 67 25.85 9.40 -17.41
CA ILE D 67 26.15 10.79 -17.06
C ILE D 67 26.76 11.53 -18.24
N GLU D 68 27.53 10.83 -19.07
CA GLU D 68 28.17 11.49 -20.23
C GLU D 68 27.13 12.08 -21.18
N GLN D 69 25.95 11.47 -21.28
CA GLN D 69 24.93 11.89 -22.23
C GLN D 69 23.78 12.64 -21.56
N LYS D 70 24.02 13.21 -20.38
CA LYS D 70 22.97 13.95 -19.69
C LYS D 70 22.66 15.28 -20.38
N THR D 71 23.70 16.03 -20.74
CA THR D 71 23.54 17.33 -21.41
C THR D 71 24.70 17.51 -22.38
N GLU D 72 24.39 17.60 -23.67
CA GLU D 72 25.42 17.81 -24.69
C GLU D 72 25.67 19.29 -24.97
N GLY D 73 24.68 20.15 -24.74
CA GLY D 73 24.86 21.57 -24.89
C GLY D 73 25.56 22.18 -23.70
N SER D 74 26.85 21.96 -23.58
CA SER D 74 27.62 22.41 -22.42
C SER D 74 29.06 22.60 -22.84
N GLU D 75 29.89 23.03 -21.88
CA GLU D 75 31.30 23.33 -22.13
C GLU D 75 32.10 22.02 -22.10
N ARG D 76 33.42 22.12 -22.04
CA ARG D 76 34.27 20.93 -22.10
C ARG D 76 34.36 20.25 -20.75
N LYS D 77 33.20 19.98 -20.14
CA LYS D 77 33.12 19.12 -18.97
C LYS D 77 32.93 17.66 -19.36
N GLN D 78 32.32 17.43 -20.53
CA GLN D 78 32.21 16.08 -21.07
C GLN D 78 33.56 15.59 -21.58
N GLN D 79 34.46 16.50 -21.93
CA GLN D 79 35.78 16.13 -22.44
C GLN D 79 36.50 15.22 -21.47
N MET D 80 36.59 15.61 -20.20
CA MET D 80 37.24 14.76 -19.21
C MET D 80 36.38 13.55 -18.85
N ALA D 81 35.06 13.64 -19.03
CA ALA D 81 34.19 12.52 -18.69
C ALA D 81 34.45 11.31 -19.59
N LYS D 82 34.59 11.55 -20.90
CA LYS D 82 34.89 10.44 -21.79
C LYS D 82 36.30 9.89 -21.59
N GLU D 83 37.24 10.72 -21.12
CA GLU D 83 38.58 10.22 -20.85
C GLU D 83 38.61 9.39 -19.57
N TYR D 84 37.82 9.78 -18.57
CA TYR D 84 37.65 8.94 -17.40
C TYR D 84 37.00 7.61 -17.76
N ARG D 85 36.00 7.65 -18.65
CA ARG D 85 35.40 6.41 -19.15
C ARG D 85 36.42 5.55 -19.88
N VAL D 86 37.29 6.18 -20.68
CA VAL D 86 38.35 5.45 -21.37
C VAL D 86 39.29 4.80 -20.36
N LYS D 87 39.61 5.49 -19.27
CA LYS D 87 40.40 4.87 -18.21
C LYS D 87 39.66 3.67 -17.61
N VAL D 88 38.35 3.82 -17.40
CA VAL D 88 37.56 2.72 -16.85
C VAL D 88 37.63 1.51 -17.77
N GLU D 89 37.49 1.73 -19.08
CA GLU D 89 37.66 0.65 -20.05
C GLU D 89 39.07 0.06 -19.98
N LYS D 90 40.07 0.92 -19.77
CA LYS D 90 41.44 0.45 -19.63
C LYS D 90 41.59 -0.45 -18.41
N GLU D 91 40.76 -0.23 -17.39
CA GLU D 91 40.69 -1.12 -16.23
C GLU D 91 39.52 -2.10 -16.33
N LEU D 92 38.98 -2.30 -17.53
CA LEU D 92 37.89 -3.23 -17.75
C LEU D 92 38.24 -4.33 -18.73
N ARG D 93 38.84 -4.00 -19.87
CA ARG D 93 39.13 -5.00 -20.89
C ARG D 93 40.22 -5.94 -20.43
N GLU D 94 41.25 -5.41 -19.76
CA GLU D 94 42.43 -6.21 -19.47
C GLU D 94 42.14 -7.31 -18.45
N ILE D 95 41.23 -7.06 -17.50
CA ILE D 95 40.87 -8.14 -16.59
C ILE D 95 40.08 -9.21 -17.32
N CYS D 96 39.21 -8.82 -18.27
CA CYS D 96 38.54 -9.83 -19.09
C CYS D 96 39.55 -10.63 -19.89
N TYR D 97 40.62 -9.98 -20.35
CA TYR D 97 41.69 -10.71 -21.03
C TYR D 97 42.43 -11.64 -20.08
N ASP D 98 42.61 -11.23 -18.83
CA ASP D 98 43.19 -12.13 -17.83
C ASP D 98 42.30 -13.34 -17.60
N VAL D 99 40.98 -13.16 -17.72
CA VAL D 99 40.06 -14.28 -17.59
C VAL D 99 40.11 -15.17 -18.83
N LEU D 100 40.15 -14.56 -20.01
CA LEU D 100 40.15 -15.34 -21.26
C LEU D 100 41.43 -16.12 -21.43
N GLY D 101 42.58 -15.49 -21.13
CA GLY D 101 43.83 -16.23 -21.16
C GLY D 101 43.84 -17.38 -20.17
N LEU D 102 43.26 -17.17 -18.99
CA LEU D 102 43.13 -18.25 -18.02
C LEU D 102 42.28 -19.38 -18.59
N LEU D 103 41.16 -19.05 -19.22
CA LEU D 103 40.33 -20.08 -19.85
C LEU D 103 41.07 -20.80 -20.97
N ASP D 104 41.98 -20.09 -21.64
CA ASP D 104 42.80 -20.72 -22.67
C ASP D 104 43.93 -21.57 -22.11
N LYS D 105 44.33 -21.32 -20.86
CA LYS D 105 45.47 -22.04 -20.28
C LYS D 105 45.07 -23.43 -19.80
N HIS D 106 44.19 -23.50 -18.81
CA HIS D 106 43.95 -24.74 -18.08
C HIS D 106 42.54 -25.28 -18.27
N LEU D 107 41.51 -24.44 -18.10
CA LEU D 107 40.12 -24.91 -18.05
C LEU D 107 39.72 -25.78 -19.24
N ILE D 108 39.85 -25.25 -20.45
CA ILE D 108 39.35 -25.93 -21.64
C ILE D 108 40.07 -27.25 -21.88
N PRO D 109 41.41 -27.31 -21.89
CA PRO D 109 42.05 -28.62 -22.11
C PRO D 109 41.85 -29.59 -20.96
N LYS D 110 41.87 -29.11 -19.72
CA LYS D 110 41.73 -29.98 -18.56
C LYS D 110 40.26 -30.11 -18.15
N ALA D 111 39.47 -30.67 -19.07
CA ALA D 111 38.05 -30.90 -18.86
C ALA D 111 37.72 -32.34 -19.21
N SER D 112 37.20 -33.09 -18.24
CA SER D 112 36.85 -34.49 -18.43
C SER D 112 35.36 -34.74 -18.28
N ASN D 113 34.54 -33.69 -18.38
CA ASN D 113 33.10 -33.81 -18.25
C ASN D 113 32.42 -32.78 -19.16
N PRO D 114 31.48 -33.21 -20.01
CA PRO D 114 30.85 -32.26 -20.93
C PRO D 114 30.14 -31.11 -20.24
N GLU D 115 29.54 -31.37 -19.07
CA GLU D 115 28.88 -30.30 -18.30
C GLU D 115 29.84 -29.17 -17.98
N SER D 116 31.04 -29.52 -17.49
CA SER D 116 32.05 -28.51 -17.20
C SER D 116 32.50 -27.80 -18.46
N LYS D 117 32.57 -28.52 -19.59
CA LYS D 117 32.94 -27.88 -20.85
C LYS D 117 31.91 -26.85 -21.26
N VAL D 118 30.62 -27.19 -21.11
CA VAL D 118 29.55 -26.23 -21.39
C VAL D 118 29.66 -25.03 -20.47
N PHE D 119 29.93 -25.27 -19.19
CA PHE D 119 30.07 -24.18 -18.23
C PHE D 119 31.18 -23.22 -18.64
N TYR D 120 32.34 -23.78 -19.00
CA TYR D 120 33.48 -22.94 -19.35
C TYR D 120 33.25 -22.21 -20.67
N LEU D 121 32.63 -22.87 -21.65
CA LEU D 121 32.33 -22.19 -22.90
C LEU D 121 31.31 -21.09 -22.70
N LYS D 122 30.33 -21.30 -21.82
CA LYS D 122 29.37 -20.25 -21.50
C LYS D 122 30.06 -19.07 -20.83
N MET D 123 31.02 -19.35 -19.94
CA MET D 123 31.77 -18.27 -19.32
C MET D 123 32.56 -17.49 -20.37
N LYS D 124 33.21 -18.19 -21.30
CA LYS D 124 33.94 -17.51 -22.36
C LYS D 124 33.01 -16.62 -23.17
N GLY D 125 31.85 -17.15 -23.55
CA GLY D 125 30.87 -16.35 -24.28
C GLY D 125 30.38 -15.17 -23.48
N ASP D 126 30.20 -15.34 -22.17
CA ASP D 126 29.72 -14.25 -21.33
C ASP D 126 30.75 -13.13 -21.23
N TYR D 127 32.04 -13.47 -21.13
CA TYR D 127 33.03 -12.40 -21.03
C TYR D 127 33.27 -11.75 -22.39
N TYR D 128 33.12 -12.51 -23.47
CA TYR D 128 33.15 -11.87 -24.79
C TYR D 128 31.96 -10.94 -24.98
N ARG D 129 30.78 -11.31 -24.50
CA ARG D 129 29.65 -10.40 -24.55
C ARG D 129 29.89 -9.18 -23.68
N TYR D 130 30.58 -9.38 -22.55
CA TYR D 130 30.95 -8.25 -21.70
C TYR D 130 31.85 -7.27 -22.42
N LEU D 131 32.82 -7.79 -23.19
CA LEU D 131 33.69 -6.93 -23.96
C LEU D 131 32.99 -6.29 -25.15
N ALA D 132 31.95 -6.95 -25.69
CA ALA D 132 31.30 -6.45 -26.88
C ALA D 132 30.56 -5.14 -26.64
N GLU D 133 30.16 -4.87 -25.40
CA GLU D 133 29.38 -3.67 -25.11
C GLU D 133 30.23 -2.42 -25.27
N VAL D 134 31.40 -2.39 -24.64
CA VAL D 134 32.25 -1.20 -24.71
C VAL D 134 32.89 -1.09 -26.10
N ALA D 135 33.28 -2.21 -26.69
CA ALA D 135 33.98 -2.19 -27.97
C ALA D 135 33.03 -1.82 -29.09
N THR D 136 33.43 -0.86 -29.93
CA THR D 136 32.66 -0.42 -31.07
C THR D 136 33.47 -0.59 -32.35
N GLY D 137 32.83 -0.27 -33.47
CA GLY D 137 33.50 -0.40 -34.76
C GLY D 137 33.57 -1.84 -35.20
N GLU D 138 34.69 -2.20 -35.83
CA GLU D 138 34.90 -3.58 -36.25
C GLU D 138 35.35 -4.48 -35.10
N THR D 139 35.84 -3.89 -34.01
CA THR D 139 36.19 -4.67 -32.83
C THR D 139 34.95 -5.34 -32.25
N ARG D 140 33.82 -4.63 -32.25
CA ARG D 140 32.57 -5.24 -31.83
C ARG D 140 32.27 -6.49 -32.62
N ASN D 141 32.41 -6.41 -33.96
CA ASN D 141 32.20 -7.58 -34.81
C ASN D 141 33.18 -8.70 -34.47
N SER D 142 34.47 -8.36 -34.34
CA SER D 142 35.48 -9.37 -34.07
C SER D 142 35.23 -10.06 -32.73
N VAL D 143 34.72 -9.31 -31.75
CA VAL D 143 34.42 -9.89 -30.45
C VAL D 143 33.20 -10.79 -30.53
N VAL D 144 32.12 -10.32 -31.16
CA VAL D 144 30.87 -11.09 -31.16
C VAL D 144 31.00 -12.34 -32.02
N GLU D 145 31.89 -12.34 -33.02
CA GLU D 145 32.09 -13.55 -33.81
C GLU D 145 32.64 -14.69 -32.98
N ASP D 146 33.38 -14.39 -31.92
CA ASP D 146 33.85 -15.42 -31.02
C ASP D 146 32.74 -15.94 -30.12
N SER D 147 31.86 -15.04 -29.67
CA SER D 147 30.80 -15.44 -28.74
C SER D 147 29.72 -16.26 -29.44
N GLN D 148 29.45 -15.97 -30.71
CA GLN D 148 28.52 -16.80 -31.47
C GLN D 148 28.94 -18.27 -31.44
N LYS D 149 30.21 -18.55 -31.74
CA LYS D 149 30.67 -19.93 -31.76
C LYS D 149 30.80 -20.50 -30.37
N ALA D 150 31.14 -19.66 -29.38
CA ALA D 150 31.22 -20.13 -28.01
C ALA D 150 29.88 -20.65 -27.52
N TYR D 151 28.79 -19.94 -27.86
CA TYR D 151 27.47 -20.42 -27.49
C TYR D 151 26.97 -21.55 -28.38
N GLN D 152 27.36 -21.58 -29.66
CA GLN D 152 26.91 -22.63 -30.55
C GLN D 152 27.62 -23.96 -30.32
N ASP D 153 28.81 -23.93 -29.71
CA ASP D 153 29.50 -25.16 -29.33
C ASP D 153 29.10 -25.65 -27.95
N ALA D 154 28.23 -24.90 -27.27
CA ALA D 154 27.72 -25.26 -25.96
C ALA D 154 26.27 -25.70 -25.98
N PHE D 155 25.44 -25.07 -26.82
CA PHE D 155 24.04 -25.44 -26.89
C PHE D 155 23.86 -26.89 -27.32
N GLU D 156 24.65 -27.35 -28.29
CA GLU D 156 24.57 -28.75 -28.73
C GLU D 156 24.83 -29.71 -27.57
N ILE D 157 25.90 -29.48 -26.83
CA ILE D 157 26.25 -30.37 -25.73
C ILE D 157 25.19 -30.31 -24.64
N SER D 158 24.64 -29.11 -24.39
CA SER D 158 23.55 -28.99 -23.42
C SER D 158 22.35 -29.82 -23.85
N LYS D 159 22.01 -29.79 -25.14
CA LYS D 159 20.85 -30.52 -25.61
C LYS D 159 21.10 -32.02 -25.62
N ALA D 160 22.33 -32.45 -25.89
CA ALA D 160 22.62 -33.87 -26.08
C ALA D 160 22.97 -34.59 -24.79
N LYS D 161 23.58 -33.92 -23.82
CA LYS D 161 24.05 -34.58 -22.62
C LYS D 161 23.27 -34.25 -21.36
N MET D 162 22.60 -33.10 -21.31
CA MET D 162 21.89 -32.67 -20.11
C MET D 162 20.42 -32.44 -20.41
N GLN D 163 19.60 -32.58 -19.37
CA GLN D 163 18.18 -32.36 -19.51
C GLN D 163 17.88 -30.87 -19.74
N PRO D 164 16.77 -30.55 -20.39
CA PRO D 164 16.39 -29.15 -20.58
C PRO D 164 16.10 -28.41 -19.29
N THR D 165 15.88 -29.11 -18.19
CA THR D 165 15.64 -28.49 -16.90
C THR D 165 16.90 -28.24 -16.11
N HIS D 166 18.06 -28.59 -16.65
CA HIS D 166 19.32 -28.41 -15.92
C HIS D 166 19.61 -26.93 -15.74
N PRO D 167 20.00 -26.50 -14.54
CA PRO D 167 20.22 -25.06 -14.33
C PRO D 167 21.30 -24.48 -15.21
N ILE D 168 22.34 -25.26 -15.56
CA ILE D 168 23.38 -24.75 -16.44
C ILE D 168 22.83 -24.52 -17.84
N ARG D 169 22.01 -25.45 -18.33
CA ARG D 169 21.40 -25.26 -19.65
C ARG D 169 20.47 -24.07 -19.67
N LEU D 170 19.70 -23.88 -18.60
CA LEU D 170 18.82 -22.72 -18.50
C LEU D 170 19.62 -21.43 -18.48
N GLY D 171 20.72 -21.40 -17.72
CA GLY D 171 21.58 -20.23 -17.72
C GLY D 171 22.18 -19.94 -19.09
N LEU D 172 22.59 -20.99 -19.80
CA LEU D 172 23.12 -20.83 -21.15
C LEU D 172 22.06 -20.24 -22.07
N ALA D 173 20.84 -20.76 -22.01
CA ALA D 173 19.76 -20.23 -22.85
C ALA D 173 19.47 -18.78 -22.51
N LEU D 174 19.47 -18.44 -21.22
CA LEU D 174 19.21 -17.07 -20.80
C LEU D 174 20.29 -16.12 -21.33
N ASN D 175 21.56 -16.49 -21.16
CA ASN D 175 22.65 -15.65 -21.66
C ASN D 175 22.61 -15.52 -23.18
N PHE D 176 22.27 -16.61 -23.88
CA PHE D 176 22.21 -16.53 -25.33
C PHE D 176 21.07 -15.62 -25.80
N SER D 177 19.92 -15.68 -25.12
CA SER D 177 18.83 -14.79 -25.47
C SER D 177 19.20 -13.33 -25.19
N VAL D 178 19.89 -13.09 -24.07
CA VAL D 178 20.32 -11.72 -23.78
C VAL D 178 21.32 -11.25 -24.82
N PHE D 179 22.20 -12.14 -25.27
CA PHE D 179 23.16 -11.77 -26.30
C PHE D 179 22.46 -11.41 -27.60
N TYR D 180 21.45 -12.19 -27.98
CA TYR D 180 20.68 -11.88 -29.18
C TYR D 180 19.97 -10.54 -29.05
N TYR D 181 19.38 -10.28 -27.89
CA TYR D 181 18.55 -9.09 -27.71
C TYR D 181 19.40 -7.82 -27.63
N GLU D 182 20.48 -7.85 -26.86
CA GLU D 182 21.24 -6.63 -26.59
C GLU D 182 22.24 -6.33 -27.70
N ILE D 183 22.88 -7.36 -28.25
CA ILE D 183 23.98 -7.16 -29.18
C ILE D 183 23.48 -7.20 -30.62
N LEU D 184 22.93 -8.35 -31.03
CA LEU D 184 22.49 -8.52 -32.42
C LEU D 184 21.14 -7.88 -32.68
N ASN D 185 20.39 -7.53 -31.64
CA ASN D 185 19.14 -6.79 -31.76
C ASN D 185 18.13 -7.54 -32.64
N SER D 186 17.96 -8.83 -32.34
CA SER D 186 16.97 -9.67 -33.00
C SER D 186 15.97 -10.12 -31.94
N PRO D 187 15.06 -9.23 -31.51
CA PRO D 187 14.16 -9.58 -30.41
C PRO D 187 13.22 -10.72 -30.73
N ASP D 188 12.83 -10.91 -31.99
CA ASP D 188 11.94 -12.02 -32.33
C ASP D 188 12.63 -13.37 -32.13
N LYS D 189 13.89 -13.48 -32.58
CA LYS D 189 14.62 -14.73 -32.39
C LYS D 189 14.88 -15.00 -30.92
N ALA D 190 15.20 -13.96 -30.15
CA ALA D 190 15.42 -14.11 -28.72
C ALA D 190 14.14 -14.59 -28.03
N CYS D 191 13.00 -13.98 -28.39
CA CYS D 191 11.73 -14.38 -27.80
C CYS D 191 11.40 -15.83 -28.15
N GLN D 192 11.65 -16.23 -29.41
CA GLN D 192 11.36 -17.60 -29.82
C GLN D 192 12.26 -18.59 -29.08
N LEU D 193 13.56 -18.29 -28.98
CA LEU D 193 14.47 -19.13 -28.22
C LEU D 193 14.02 -19.29 -26.77
N ALA D 194 13.69 -18.17 -26.12
CA ALA D 194 13.26 -18.20 -24.73
C ALA D 194 11.97 -19.00 -24.56
N LYS D 195 11.00 -18.78 -25.44
CA LYS D 195 9.76 -19.55 -25.39
C LYS D 195 10.02 -21.04 -25.57
N GLN D 196 10.91 -21.40 -26.50
CA GLN D 196 11.24 -22.80 -26.71
C GLN D 196 11.86 -23.41 -25.46
N ALA D 197 12.83 -22.71 -24.87
CA ALA D 197 13.48 -23.23 -23.67
C ALA D 197 12.48 -23.37 -22.52
N PHE D 198 11.60 -22.38 -22.35
CA PHE D 198 10.66 -22.44 -21.23
C PHE D 198 9.63 -23.54 -21.44
N ASP D 199 9.13 -23.70 -22.67
CA ASP D 199 8.18 -24.78 -22.95
C ASP D 199 8.83 -26.14 -22.77
N ASP D 200 10.09 -26.30 -23.18
CA ASP D 200 10.78 -27.56 -22.94
C ASP D 200 10.96 -27.83 -21.45
N ALA D 201 11.28 -26.78 -20.68
CA ALA D 201 11.41 -26.94 -19.24
C ALA D 201 10.10 -27.36 -18.60
N ILE D 202 8.99 -26.76 -19.03
CA ILE D 202 7.69 -27.12 -18.48
C ILE D 202 7.31 -28.55 -18.89
N ALA D 203 7.62 -28.94 -20.13
CA ALA D 203 7.28 -30.27 -20.59
C ALA D 203 8.04 -31.36 -19.83
N GLU D 204 9.21 -31.04 -19.31
CA GLU D 204 10.03 -31.98 -18.55
C GLU D 204 10.30 -31.34 -17.19
N LEU D 205 9.39 -31.55 -16.25
CA LEU D 205 9.46 -30.94 -14.92
C LEU D 205 9.11 -31.98 -13.87
N ASP D 206 9.35 -31.62 -12.61
CA ASP D 206 9.09 -32.47 -11.45
C ASP D 206 9.96 -33.73 -11.47
N THR D 207 11.15 -33.62 -12.07
CA THR D 207 12.14 -34.70 -12.07
C THR D 207 13.46 -34.28 -11.46
N LEU D 208 13.56 -33.05 -10.95
CA LEU D 208 14.82 -32.52 -10.46
C LEU D 208 15.16 -33.12 -9.10
N ASN D 209 16.40 -32.89 -8.66
CA ASN D 209 16.85 -33.30 -7.35
C ASN D 209 16.29 -32.37 -6.28
N GLU D 210 16.55 -32.72 -5.02
CA GLU D 210 16.07 -31.89 -3.92
C GLU D 210 16.83 -30.57 -3.85
N ASP D 211 18.15 -30.61 -4.08
CA ASP D 211 18.93 -29.37 -4.10
C ASP D 211 18.55 -28.50 -5.28
N SER D 212 18.32 -29.10 -6.44
CA SER D 212 17.97 -28.34 -7.63
C SER D 212 16.49 -27.95 -7.61
N TYR D 213 16.06 -27.28 -6.55
CA TYR D 213 14.71 -26.75 -6.46
C TYR D 213 14.71 -25.24 -6.21
N LYS D 214 15.86 -24.59 -6.26
CA LYS D 214 15.94 -23.14 -6.09
C LYS D 214 16.52 -22.47 -7.33
N ASP D 215 17.66 -22.97 -7.80
CA ASP D 215 18.40 -22.29 -8.86
C ASP D 215 17.67 -22.35 -10.19
N SER D 216 17.19 -23.54 -10.57
CA SER D 216 16.44 -23.69 -11.80
C SER D 216 15.17 -22.84 -11.78
N THR D 217 14.47 -22.85 -10.64
CA THR D 217 13.31 -21.98 -10.48
C THR D 217 13.70 -20.51 -10.65
N LEU D 218 14.87 -20.13 -10.13
CA LEU D 218 15.33 -18.75 -10.28
C LEU D 218 15.54 -18.39 -11.74
N ILE D 219 16.20 -19.28 -12.50
CA ILE D 219 16.45 -18.99 -13.90
C ILE D 219 15.14 -18.94 -14.67
N MET D 220 14.22 -19.87 -14.39
CA MET D 220 12.94 -19.88 -15.08
C MET D 220 12.10 -18.65 -14.76
N GLN D 221 12.16 -18.16 -13.52
CA GLN D 221 11.41 -16.96 -13.18
C GLN D 221 12.03 -15.73 -13.85
N LEU D 222 13.35 -15.68 -13.95
CA LEU D 222 13.98 -14.61 -14.73
C LEU D 222 13.60 -14.70 -16.20
N LEU D 223 13.48 -15.92 -16.73
CA LEU D 223 13.04 -16.10 -18.11
C LEU D 223 11.60 -15.60 -18.30
N ARG D 224 10.73 -15.91 -17.34
CA ARG D 224 9.35 -15.41 -17.41
C ARG D 224 9.33 -13.89 -17.34
N ASP D 225 10.19 -13.30 -16.49
CA ASP D 225 10.26 -11.84 -16.42
C ASP D 225 10.70 -11.25 -17.75
N ASN D 226 11.71 -11.84 -18.39
CA ASN D 226 12.17 -11.35 -19.68
C ASN D 226 11.10 -11.51 -20.75
N LEU D 227 10.39 -12.64 -20.75
CA LEU D 227 9.34 -12.84 -21.73
C LEU D 227 8.22 -11.82 -21.55
N THR D 228 7.83 -11.55 -20.30
CA THR D 228 6.81 -10.53 -20.05
C THR D 228 7.31 -9.15 -20.45
N LEU D 229 8.59 -8.86 -20.22
CA LEU D 229 9.13 -7.54 -20.55
C LEU D 229 9.20 -7.35 -22.06
N TRP D 230 9.50 -8.42 -22.80
CA TRP D 230 9.67 -8.34 -24.24
C TRP D 230 8.37 -8.51 -25.02
N THR D 231 7.32 -9.04 -24.39
CA THR D 231 6.02 -9.10 -25.06
C THR D 231 5.48 -7.71 -25.34
N SER D 232 5.55 -6.82 -24.34
CA SER D 232 5.07 -5.45 -24.51
C SER D 232 6.09 -4.62 -25.27
N MET E 23 -3.96 -41.21 14.64
CA MET E 23 -4.65 -42.49 14.64
C MET E 23 -6.13 -42.30 14.96
N THR E 24 -5.85 -41.11 15.51
CA THR E 24 -7.23 -40.93 15.92
C THR E 24 -7.78 -39.61 15.40
N GLU E 25 -8.89 -39.67 14.68
CA GLU E 25 -9.55 -38.52 14.10
C GLU E 25 -10.76 -38.13 14.94
N TYR E 26 -10.93 -36.83 15.17
CA TYR E 26 -12.06 -36.29 15.93
C TYR E 26 -12.71 -35.19 15.11
N LYS E 27 -14.04 -35.23 15.00
CA LYS E 27 -14.77 -34.24 14.23
C LYS E 27 -15.42 -33.25 15.19
N LEU E 28 -14.90 -32.03 15.22
CA LEU E 28 -15.30 -31.01 16.18
C LEU E 28 -16.08 -29.94 15.44
N VAL E 29 -17.23 -29.54 15.98
CA VAL E 29 -18.06 -28.52 15.35
C VAL E 29 -18.15 -27.32 16.27
N VAL E 30 -17.90 -26.14 15.73
CA VAL E 30 -17.96 -24.90 16.51
C VAL E 30 -19.26 -24.21 16.16
N VAL E 31 -20.14 -24.02 17.14
CA VAL E 31 -21.44 -23.40 16.91
C VAL E 31 -21.68 -22.27 17.89
N GLY E 32 -22.62 -21.40 17.54
CA GLY E 32 -23.01 -20.29 18.40
C GLY E 32 -23.40 -19.09 17.55
N ALA E 33 -23.87 -18.05 18.24
CA ALA E 33 -24.43 -16.89 17.56
C ALA E 33 -23.38 -16.13 16.75
N GLY E 34 -23.89 -15.32 15.83
CA GLY E 34 -22.99 -14.51 15.01
C GLY E 34 -22.12 -13.61 15.86
N GLY E 35 -20.84 -13.56 15.50
CA GLY E 35 -19.92 -12.60 16.07
C GLY E 35 -19.28 -13.00 17.38
N VAL E 36 -19.59 -14.18 17.92
CA VAL E 36 -19.09 -14.52 19.24
C VAL E 36 -17.61 -14.88 19.22
N GLY E 37 -17.04 -15.17 18.06
CA GLY E 37 -15.64 -15.49 17.94
C GLY E 37 -15.33 -16.92 17.58
N LYS E 38 -16.27 -17.65 16.97
CA LYS E 38 -16.03 -19.03 16.57
C LYS E 38 -14.84 -19.14 15.63
N SER E 39 -14.80 -18.29 14.61
CA SER E 39 -13.72 -18.37 13.64
C SER E 39 -12.40 -17.90 14.23
N ALA E 40 -12.41 -16.84 15.03
CA ALA E 40 -11.17 -16.38 15.65
C ALA E 40 -10.60 -17.44 16.59
N LEU E 41 -11.46 -18.14 17.33
CA LEU E 41 -10.98 -19.24 18.16
C LEU E 41 -10.36 -20.34 17.31
N THR E 42 -11.04 -20.70 16.21
CA THR E 42 -10.54 -21.77 15.34
C THR E 42 -9.22 -21.39 14.73
N ILE E 43 -9.09 -20.15 14.23
CA ILE E 43 -7.85 -19.75 13.59
C ILE E 43 -6.71 -19.64 14.60
N GLN E 44 -7.00 -19.29 15.85
CA GLN E 44 -5.97 -19.34 16.87
C GLN E 44 -5.49 -20.76 17.12
N LEU E 45 -6.42 -21.72 17.15
CA LEU E 45 -6.02 -23.12 17.27
C LEU E 45 -5.14 -23.56 16.10
N ILE E 46 -5.55 -23.22 14.87
CA ILE E 46 -4.90 -23.76 13.67
C ILE E 46 -3.58 -23.07 13.40
N GLN E 47 -3.54 -21.74 13.50
CA GLN E 47 -2.45 -20.93 13.00
CA GLN E 47 -2.41 -20.97 13.01
C GLN E 47 -1.80 -20.02 14.03
N ASN E 48 -2.31 -19.97 15.27
CA ASN E 48 -1.74 -19.14 16.32
CA ASN E 48 -1.73 -19.14 16.31
C ASN E 48 -1.74 -17.66 15.93
N HIS E 49 -2.83 -17.22 15.29
CA HIS E 49 -2.97 -15.85 14.82
C HIS E 49 -4.38 -15.37 15.15
N PHE E 50 -4.49 -14.13 15.62
CA PHE E 50 -5.78 -13.53 15.93
C PHE E 50 -6.27 -12.70 14.74
N VAL E 51 -7.47 -12.99 14.26
CA VAL E 51 -8.10 -12.18 13.21
CA VAL E 51 -8.11 -12.19 13.21
C VAL E 51 -8.93 -11.08 13.87
N ASP E 52 -8.59 -9.82 13.58
CA ASP E 52 -9.38 -8.72 14.12
C ASP E 52 -10.51 -8.29 13.21
N GLU E 53 -10.46 -8.65 11.93
CA GLU E 53 -11.58 -8.39 11.05
C GLU E 53 -12.74 -9.33 11.38
N TYR E 54 -13.93 -8.92 10.96
CA TYR E 54 -15.16 -9.69 11.17
C TYR E 54 -15.65 -10.08 9.77
N ASP E 55 -15.26 -11.28 9.35
CA ASP E 55 -15.68 -11.83 8.07
CA ASP E 55 -15.66 -11.85 8.07
C ASP E 55 -16.66 -12.96 8.37
N PRO E 56 -17.97 -12.71 8.26
CA PRO E 56 -18.93 -13.73 8.69
C PRO E 56 -18.77 -15.03 7.93
N THR E 57 -18.90 -16.13 8.67
CA THR E 57 -18.72 -17.45 8.07
C THR E 57 -19.99 -17.92 7.38
N ILE E 58 -19.83 -18.52 6.20
CA ILE E 58 -20.87 -19.35 5.61
C ILE E 58 -20.57 -20.82 5.82
N GLU E 59 -19.36 -21.25 5.45
CA GLU E 59 -18.85 -22.55 5.88
C GLU E 59 -17.34 -22.56 5.76
N ASP E 60 -16.68 -23.22 6.72
CA ASP E 60 -15.23 -23.29 6.72
C ASP E 60 -14.84 -24.53 7.50
N SER E 61 -14.02 -25.39 6.90
CA SER E 61 -13.52 -26.54 7.62
C SER E 61 -12.00 -26.56 7.56
N TYR E 62 -11.41 -27.16 8.58
CA TYR E 62 -9.96 -27.15 8.79
C TYR E 62 -9.54 -28.51 9.32
N ARG E 63 -8.29 -28.85 9.07
CA ARG E 63 -7.67 -30.02 9.69
C ARG E 63 -6.41 -29.57 10.42
N LYS E 64 -6.18 -30.16 11.59
CA LYS E 64 -5.01 -29.83 12.39
CA LYS E 64 -4.99 -29.86 12.34
C LYS E 64 -4.59 -31.10 13.14
N GLN E 65 -3.32 -31.46 13.04
CA GLN E 65 -2.79 -32.58 13.80
C GLN E 65 -2.20 -32.04 15.08
N VAL E 66 -2.53 -32.67 16.21
CA VAL E 66 -2.12 -32.19 17.52
CA VAL E 66 -2.20 -32.17 17.54
C VAL E 66 -2.01 -33.37 18.46
N VAL E 67 -1.05 -33.30 19.37
CA VAL E 67 -0.89 -34.30 20.41
C VAL E 67 -1.74 -33.87 21.60
N ILE E 68 -2.63 -34.75 22.03
CA ILE E 68 -3.49 -34.48 23.19
C ILE E 68 -3.44 -35.70 24.09
N ASP E 69 -2.96 -35.51 25.32
CA ASP E 69 -2.83 -36.60 26.29
C ASP E 69 -2.04 -37.77 25.72
N GLY E 70 -0.96 -37.45 25.02
CA GLY E 70 -0.08 -38.46 24.48
C GLY E 70 -0.52 -39.11 23.19
N GLU E 71 -1.69 -38.77 22.67
CA GLU E 71 -2.22 -39.36 21.45
C GLU E 71 -2.09 -38.34 20.33
N THR E 72 -1.53 -38.76 19.20
CA THR E 72 -1.51 -37.89 18.03
C THR E 72 -2.90 -37.90 17.42
N CYS E 73 -3.52 -36.73 17.37
CA CYS E 73 -4.94 -36.58 17.07
C CYS E 73 -5.01 -35.83 15.74
N LEU E 74 -5.90 -36.26 14.85
CA LEU E 74 -6.25 -35.47 13.67
C LEU E 74 -7.58 -34.80 13.96
N LEU E 75 -7.58 -33.49 14.10
CA LEU E 75 -8.81 -32.75 14.37
C LEU E 75 -9.38 -32.22 13.06
N ASP E 76 -10.63 -32.55 12.77
CA ASP E 76 -11.40 -31.89 11.74
C ASP E 76 -12.24 -30.85 12.46
N ILE E 77 -11.99 -29.58 12.18
CA ILE E 77 -12.74 -28.50 12.81
C ILE E 77 -13.73 -27.96 11.80
N LEU E 78 -15.00 -28.06 12.12
CA LEU E 78 -16.09 -27.59 11.27
C LEU E 78 -16.62 -26.30 11.88
N ASP E 79 -16.23 -25.18 11.30
CA ASP E 79 -16.57 -23.85 11.80
C ASP E 79 -17.83 -23.38 11.08
N THR E 80 -18.90 -23.16 11.83
CA THR E 80 -20.20 -22.93 11.22
C THR E 80 -20.61 -21.46 11.25
N ALA E 81 -21.64 -21.16 10.46
CA ALA E 81 -22.21 -19.82 10.43
C ALA E 81 -23.02 -19.55 11.70
N GLY E 82 -22.80 -18.38 12.30
CA GLY E 82 -23.71 -17.91 13.32
C GLY E 82 -24.97 -17.31 12.73
N GLN E 83 -24.88 -16.76 11.51
CA GLN E 83 -26.06 -16.19 10.87
C GLN E 83 -27.05 -17.30 10.52
N GLU E 84 -28.27 -17.19 11.06
CA GLU E 84 -29.26 -18.25 10.89
C GLU E 84 -29.69 -18.42 9.43
N GLU E 85 -29.47 -17.40 8.59
CA GLU E 85 -29.75 -17.55 7.17
CA GLU E 85 -29.72 -17.54 7.16
C GLU E 85 -29.01 -18.74 6.57
N TYR E 86 -27.85 -19.11 7.14
CA TYR E 86 -27.05 -20.22 6.65
C TYR E 86 -27.16 -21.43 7.55
N SER E 87 -28.25 -21.55 8.31
CA SER E 87 -28.38 -22.67 9.23
C SER E 87 -28.50 -24.02 8.51
N ALA E 88 -28.98 -24.04 7.26
CA ALA E 88 -29.01 -25.30 6.53
C ALA E 88 -27.60 -25.85 6.33
N MET E 89 -26.65 -24.97 6.03
CA MET E 89 -25.26 -25.40 5.91
C MET E 89 -24.71 -25.81 7.27
N ARG E 90 -25.02 -25.04 8.31
CA ARG E 90 -24.62 -25.41 9.65
C ARG E 90 -25.10 -26.81 10.01
N ASP E 91 -26.36 -27.11 9.68
CA ASP E 91 -26.92 -28.41 10.04
C ASP E 91 -26.20 -29.56 9.34
N GLN E 92 -25.74 -29.34 8.10
CA GLN E 92 -24.99 -30.39 7.41
C GLN E 92 -23.66 -30.66 8.13
N TYR E 93 -22.99 -29.60 8.60
CA TYR E 93 -21.76 -29.79 9.37
C TYR E 93 -22.04 -30.45 10.70
N MET E 94 -23.11 -30.04 11.38
CA MET E 94 -23.42 -30.62 12.67
C MET E 94 -23.69 -32.12 12.56
N ARG E 95 -24.35 -32.54 11.49
CA ARG E 95 -24.70 -33.98 11.35
C ARG E 95 -23.42 -34.81 11.31
N THR E 96 -22.33 -34.31 10.73
CA THR E 96 -21.08 -35.05 10.66
CA THR E 96 -21.11 -35.10 10.69
C THR E 96 -20.30 -35.03 11.97
N GLY E 97 -20.59 -34.08 12.86
CA GLY E 97 -19.72 -33.86 13.99
C GLY E 97 -19.92 -34.83 15.14
N GLU E 98 -18.84 -35.02 15.88
CA GLU E 98 -18.84 -35.90 17.05
C GLU E 98 -18.95 -35.13 18.35
N GLY E 99 -18.49 -33.89 18.38
CA GLY E 99 -18.55 -33.09 19.59
C GLY E 99 -18.66 -31.63 19.20
N PHE E 100 -19.18 -30.82 20.12
CA PHE E 100 -19.59 -29.47 19.79
C PHE E 100 -19.02 -28.46 20.79
N LEU E 101 -18.35 -27.44 20.28
CA LEU E 101 -18.02 -26.27 21.08
CA LEU E 101 -18.01 -26.26 21.07
C LEU E 101 -19.16 -25.29 20.93
N CYS E 102 -19.84 -24.97 22.03
CA CYS E 102 -20.97 -24.06 22.02
C CYS E 102 -20.49 -22.74 22.59
N VAL E 103 -20.33 -21.75 21.71
CA VAL E 103 -19.62 -20.52 22.03
C VAL E 103 -20.62 -19.38 22.20
N PHE E 104 -20.44 -18.60 23.27
CA PHE E 104 -21.11 -17.32 23.42
C PHE E 104 -20.04 -16.27 23.70
N ALA E 105 -20.41 -15.01 23.59
CA ALA E 105 -19.50 -13.92 23.92
C ALA E 105 -19.91 -13.26 25.23
N ILE E 106 -18.92 -12.91 26.04
CA ILE E 106 -19.19 -12.42 27.40
C ILE E 106 -19.75 -10.99 27.42
N ASN E 107 -19.91 -10.40 26.24
CA ASN E 107 -20.53 -9.08 26.09
C ASN E 107 -21.85 -9.14 25.32
N ASN E 108 -22.46 -10.32 25.20
CA ASN E 108 -23.66 -10.49 24.38
C ASN E 108 -24.56 -11.48 25.11
N THR E 109 -25.48 -10.94 25.91
CA THR E 109 -26.34 -11.77 26.73
C THR E 109 -27.27 -12.64 25.87
N LYS E 110 -27.74 -12.13 24.73
CA LYS E 110 -28.58 -12.96 23.85
C LYS E 110 -27.81 -14.17 23.34
N SER E 111 -26.52 -14.02 23.02
CA SER E 111 -25.73 -15.16 22.57
C SER E 111 -25.60 -16.20 23.68
N PHE E 112 -25.55 -15.75 24.92
CA PHE E 112 -25.52 -16.65 26.06
C PHE E 112 -26.86 -17.35 26.24
N GLU E 113 -27.95 -16.59 26.18
CA GLU E 113 -29.28 -17.19 26.31
C GLU E 113 -29.53 -18.19 25.19
N ASP E 114 -29.03 -17.89 24.00
CA ASP E 114 -29.27 -18.75 22.86
C ASP E 114 -28.42 -20.00 22.85
N ILE E 115 -27.55 -20.21 23.84
CA ILE E 115 -26.88 -21.50 23.96
C ILE E 115 -27.93 -22.61 24.03
N HIS E 116 -29.05 -22.34 24.67
CA HIS E 116 -30.12 -23.32 24.72
C HIS E 116 -30.61 -23.69 23.32
N HIS E 117 -30.77 -22.67 22.46
CA HIS E 117 -31.15 -22.91 21.07
C HIS E 117 -30.15 -23.83 20.37
N TYR E 118 -28.85 -23.55 20.54
CA TYR E 118 -27.85 -24.37 19.87
C TYR E 118 -27.83 -25.79 20.40
N ARG E 119 -27.97 -25.95 21.72
CA ARG E 119 -28.04 -27.30 22.27
C ARG E 119 -29.25 -28.05 21.73
N GLU E 120 -30.40 -27.36 21.60
CA GLU E 120 -31.57 -28.01 21.05
C GLU E 120 -31.36 -28.37 19.58
N GLN E 121 -30.68 -27.52 18.83
N GLN E 121 -30.62 -27.55 18.84
CA GLN E 121 -30.36 -27.85 17.45
CA GLN E 121 -30.35 -27.84 17.43
C GLN E 121 -29.50 -29.11 17.39
C GLN E 121 -29.37 -29.00 17.26
N ILE E 122 -28.47 -29.18 18.24
CA ILE E 122 -27.61 -30.36 18.26
C ILE E 122 -28.43 -31.61 18.55
N LYS E 123 -29.26 -31.56 19.59
CA LYS E 123 -30.12 -32.70 19.90
C LYS E 123 -30.99 -33.09 18.71
N ARG E 124 -31.51 -32.11 17.98
CA ARG E 124 -32.38 -32.38 16.85
C ARG E 124 -31.62 -33.06 15.71
N VAL E 125 -30.46 -32.50 15.34
CA VAL E 125 -29.71 -32.99 14.19
CA VAL E 125 -29.74 -33.01 14.19
C VAL E 125 -29.01 -34.31 14.52
N LYS E 126 -28.56 -34.48 15.75
CA LYS E 126 -27.90 -35.71 16.15
C LYS E 126 -28.88 -36.78 16.64
N ASP E 127 -30.18 -36.43 16.71
CA ASP E 127 -31.21 -37.36 17.17
C ASP E 127 -30.85 -38.01 18.51
N SER E 128 -30.18 -37.25 19.37
CA SER E 128 -29.63 -37.80 20.59
C SER E 128 -29.52 -36.70 21.63
N GLU E 129 -29.74 -37.07 22.90
CA GLU E 129 -29.52 -36.17 24.02
C GLU E 129 -28.16 -36.38 24.68
N ASP E 130 -27.30 -37.20 24.09
CA ASP E 130 -26.07 -37.67 24.72
C ASP E 130 -24.90 -37.35 23.79
N VAL E 131 -24.63 -36.07 23.59
CA VAL E 131 -23.67 -35.61 22.60
C VAL E 131 -22.58 -34.81 23.31
N PRO E 132 -21.30 -35.11 23.12
CA PRO E 132 -20.24 -34.32 23.76
C PRO E 132 -20.30 -32.85 23.40
N MET E 133 -20.19 -32.01 24.43
CA MET E 133 -20.38 -30.57 24.29
C MET E 133 -19.54 -29.87 25.35
N VAL E 134 -19.01 -28.70 24.99
CA VAL E 134 -18.29 -27.83 25.93
C VAL E 134 -18.82 -26.42 25.74
N LEU E 135 -19.08 -25.74 26.86
CA LEU E 135 -19.51 -24.34 26.82
C LEU E 135 -18.30 -23.42 26.86
N VAL E 136 -18.24 -22.49 25.91
CA VAL E 136 -17.10 -21.58 25.79
C VAL E 136 -17.61 -20.16 25.90
N GLY E 137 -17.08 -19.40 26.86
CA GLY E 137 -17.38 -17.98 26.96
C GLY E 137 -16.21 -17.17 26.45
N ASN E 138 -16.34 -16.59 25.26
CA ASN E 138 -15.23 -15.94 24.58
C ASN E 138 -15.27 -14.42 24.74
N LYS E 139 -14.13 -13.80 24.42
CA LYS E 139 -13.88 -12.35 24.45
C LYS E 139 -13.58 -11.86 25.87
N CYS E 140 -12.99 -12.72 26.70
CA CYS E 140 -12.76 -12.36 28.10
C CYS E 140 -11.74 -11.24 28.30
N ASP E 141 -11.00 -10.87 27.25
CA ASP E 141 -10.09 -9.73 27.30
C ASP E 141 -10.81 -8.39 27.28
N LEU E 142 -12.10 -8.37 26.94
CA LEU E 142 -12.80 -7.11 26.80
C LEU E 142 -13.05 -6.44 28.14
N PRO E 143 -13.15 -5.12 28.16
CA PRO E 143 -13.63 -4.42 29.35
C PRO E 143 -15.14 -4.56 29.47
N SER E 144 -15.64 -4.27 30.66
CA SER E 144 -17.07 -4.10 30.88
C SER E 144 -17.86 -5.36 30.54
N ARG E 145 -17.30 -6.51 30.88
CA ARG E 145 -17.98 -7.77 30.68
C ARG E 145 -19.35 -7.78 31.35
N THR E 146 -20.33 -8.35 30.66
CA THR E 146 -21.72 -8.31 31.12
C THR E 146 -22.35 -9.68 31.41
N VAL E 147 -21.75 -10.77 30.95
CA VAL E 147 -22.18 -12.12 31.34
C VAL E 147 -21.18 -12.61 32.37
N ASP E 148 -21.63 -12.75 33.62
CA ASP E 148 -20.69 -13.02 34.69
CA ASP E 148 -20.69 -13.02 34.69
C ASP E 148 -20.38 -14.50 34.82
N THR E 149 -19.34 -14.80 35.60
CA THR E 149 -18.86 -16.17 35.75
C THR E 149 -19.92 -17.06 36.34
N LYS E 150 -20.69 -16.56 37.31
CA LYS E 150 -21.72 -17.37 37.96
C LYS E 150 -22.82 -17.78 36.98
N GLN E 151 -23.29 -16.83 36.15
CA GLN E 151 -24.26 -17.17 35.10
C GLN E 151 -23.73 -18.29 34.21
N ALA E 152 -22.49 -18.15 33.76
CA ALA E 152 -21.93 -19.08 32.80
C ALA E 152 -21.74 -20.46 33.42
N GLN E 153 -21.19 -20.50 34.63
CA GLN E 153 -20.99 -21.79 35.27
C GLN E 153 -22.32 -22.47 35.61
N ASP E 154 -23.34 -21.70 35.97
CA ASP E 154 -24.66 -22.28 36.23
CA ASP E 154 -24.65 -22.29 36.23
C ASP E 154 -25.24 -22.91 34.96
N LEU E 155 -25.07 -22.23 33.81
CA LEU E 155 -25.58 -22.78 32.57
C LEU E 155 -24.86 -24.07 32.19
N ALA E 156 -23.54 -24.09 32.27
CA ALA E 156 -22.79 -25.31 32.01
C ALA E 156 -23.21 -26.42 32.95
N ARG E 157 -23.37 -26.09 34.23
CA ARG E 157 -23.81 -27.07 35.21
C ARG E 157 -25.16 -27.63 34.82
N SER E 158 -26.06 -26.78 34.33
CA SER E 158 -27.43 -27.22 34.03
C SER E 158 -27.46 -28.29 32.94
N TYR E 159 -26.43 -28.35 32.09
CA TYR E 159 -26.31 -29.35 31.06
C TYR E 159 -25.29 -30.43 31.39
N GLY E 160 -24.63 -30.35 32.53
CA GLY E 160 -23.58 -31.29 32.88
C GLY E 160 -22.37 -31.23 31.98
N ILE E 161 -21.94 -30.04 31.57
CA ILE E 161 -20.83 -29.90 30.64
C ILE E 161 -19.80 -28.96 31.21
N PRO E 162 -18.55 -29.03 30.74
CA PRO E 162 -17.52 -28.08 31.18
C PRO E 162 -17.77 -26.68 30.63
N PHE E 163 -17.28 -25.69 31.37
CA PHE E 163 -17.24 -24.29 30.94
C PHE E 163 -15.80 -23.83 30.88
N ILE E 164 -15.40 -23.28 29.73
CA ILE E 164 -14.06 -22.75 29.53
C ILE E 164 -14.17 -21.29 29.11
N GLU E 165 -13.48 -20.41 29.84
CA GLU E 165 -13.34 -19.01 29.43
C GLU E 165 -12.22 -18.88 28.42
N THR E 166 -12.45 -18.09 27.37
CA THR E 166 -11.44 -17.93 26.35
C THR E 166 -11.30 -16.47 25.92
N SER E 167 -10.14 -16.19 25.32
CA SER E 167 -9.96 -14.97 24.53
C SER E 167 -9.20 -15.40 23.29
N ALA E 168 -9.86 -15.29 22.13
CA ALA E 168 -9.13 -15.53 20.89
C ALA E 168 -8.05 -14.48 20.68
N LYS E 169 -8.18 -13.32 21.31
CA LYS E 169 -7.19 -12.26 21.13
C LYS E 169 -5.89 -12.59 21.86
N THR E 170 -5.98 -12.98 23.13
CA THR E 170 -4.78 -13.30 23.89
C THR E 170 -4.39 -14.77 23.80
N ARG E 171 -5.26 -15.62 23.25
CA ARG E 171 -5.10 -17.08 23.15
C ARG E 171 -5.44 -17.79 24.46
N GLN E 172 -5.79 -17.05 25.52
CA GLN E 172 -6.14 -17.69 26.82
C GLN E 172 -7.30 -18.66 26.59
N GLY E 173 -7.12 -19.90 27.03
CA GLY E 173 -8.16 -20.89 27.03
C GLY E 173 -8.40 -21.59 25.71
N VAL E 174 -7.75 -21.17 24.62
CA VAL E 174 -8.07 -21.72 23.31
C VAL E 174 -7.79 -23.22 23.25
N ASP E 175 -6.56 -23.61 23.60
CA ASP E 175 -6.22 -25.03 23.60
C ASP E 175 -7.09 -25.78 24.58
N ASP E 176 -7.32 -25.21 25.76
CA ASP E 176 -8.14 -25.89 26.77
C ASP E 176 -9.54 -26.17 26.23
N ALA E 177 -10.13 -25.22 25.51
CA ALA E 177 -11.48 -25.44 24.98
C ALA E 177 -11.53 -26.63 24.03
N PHE E 178 -10.64 -26.64 23.01
CA PHE E 178 -10.66 -27.72 22.03
C PHE E 178 -10.20 -29.04 22.64
N TYR E 179 -9.15 -29.00 23.48
CA TYR E 179 -8.65 -30.26 24.06
C TYR E 179 -9.69 -30.85 25.01
N THR E 180 -10.40 -30.00 25.76
CA THR E 180 -11.45 -30.52 26.63
C THR E 180 -12.55 -31.20 25.83
N LEU E 181 -12.92 -30.62 24.68
CA LEU E 181 -13.92 -31.27 23.85
C LEU E 181 -13.45 -32.63 23.36
N VAL E 182 -12.19 -32.73 22.93
CA VAL E 182 -11.62 -34.02 22.53
C VAL E 182 -11.72 -35.01 23.68
N ARG E 183 -11.38 -34.55 24.90
CA ARG E 183 -11.48 -35.45 26.05
C ARG E 183 -12.92 -35.86 26.31
N GLU E 184 -13.88 -34.97 26.07
CA GLU E 184 -15.29 -35.33 26.27
CA GLU E 184 -15.29 -35.33 26.26
C GLU E 184 -15.73 -36.37 25.24
N ILE E 185 -15.25 -36.26 24.01
CA ILE E 185 -15.56 -37.25 22.98
C ILE E 185 -14.98 -38.60 23.37
N ARG E 186 -13.75 -38.62 23.86
CA ARG E 186 -13.11 -39.86 24.28
C ARG E 186 -13.91 -40.54 25.39
N LYS E 187 -14.33 -39.75 26.39
CA LYS E 187 -15.21 -40.26 27.44
C LYS E 187 -16.45 -40.90 26.84
N HIS E 188 -17.06 -40.23 25.86
CA HIS E 188 -18.30 -40.71 25.27
C HIS E 188 -18.08 -41.97 24.44
N LYS E 189 -16.88 -42.15 23.90
CA LYS E 189 -16.58 -43.35 23.09
C LYS E 189 -16.35 -44.57 24.00
PG AGS F . -9.32 19.76 -1.67
S1G AGS F . -9.79 17.87 -1.62
O2G AGS F . -7.77 19.91 -1.81
O3G AGS F . -9.80 20.44 -0.37
PB AGS F . -9.35 20.19 -4.32
O1B AGS F . -7.88 20.11 -4.20
O2B AGS F . -9.99 18.91 -4.88
O3B AGS F . -9.99 20.44 -2.91
PA AGS F . -9.57 22.84 -4.86
O1A AGS F . -8.15 23.12 -4.58
O2A AGS F . -10.48 23.02 -3.65
O3A AGS F . -9.75 21.34 -5.33
O5' AGS F . -10.02 23.72 -6.08
C5' AGS F . -10.10 23.17 -7.41
C4' AGS F . -9.00 23.74 -8.25
O4' AGS F . -8.27 24.72 -7.49
C3' AGS F . -7.92 22.76 -8.71
O3' AGS F . -8.31 22.10 -9.90
C2' AGS F . -6.70 23.67 -8.94
O2' AGS F . -6.55 24.02 -10.30
C1' AGS F . -7.01 24.92 -8.10
N9 AGS F . -6.03 25.20 -7.05
C8 AGS F . -6.07 24.77 -5.76
N7 AGS F . -5.05 25.18 -5.03
C5 AGS F . -4.30 25.94 -5.91
C6 AGS F . -3.10 26.65 -5.75
N6 AGS F . -2.42 26.72 -4.60
N1 AGS F . -2.62 27.30 -6.84
C2 AGS F . -3.30 27.24 -7.98
N3 AGS F . -4.43 26.59 -8.25
C4 AGS F . -4.89 25.96 -7.16
ZN ZN G . 17.08 -5.56 10.82
ZN ZN H . 13.70 -11.65 -2.66
MG MG I . -30.08 14.78 -5.84
PG AGS J . -27.35 12.97 -3.62
S1G AGS J . -25.41 13.13 -3.46
O2G AGS J . -27.77 11.52 -3.28
O3G AGS J . -27.77 13.31 -5.08
PB AGS J . -28.12 15.50 -3.01
O1B AGS J . -28.75 16.27 -1.92
O2B AGS J . -26.67 15.94 -3.27
O3B AGS J . -28.05 13.96 -2.64
PA AGS J . -28.64 17.08 -5.15
O1A AGS J . -28.06 16.85 -6.50
O2A AGS J . -27.77 17.94 -4.24
O3A AGS J . -28.86 15.72 -4.38
O5' AGS J . -30.08 17.68 -5.33
C5' AGS J . -30.93 17.82 -4.19
C4' AGS J . -30.85 19.25 -3.71
O4' AGS J . -30.92 20.13 -4.85
C3' AGS J . -31.98 19.70 -2.80
O3' AGS J . -31.58 20.77 -1.97
C2' AGS J . -33.06 20.11 -3.81
O2' AGS J . -33.87 21.15 -3.28
C1' AGS J . -32.23 20.64 -4.99
N9 AGS J . -32.74 20.25 -6.29
C8 AGS J . -32.30 19.23 -7.08
N7 AGS J . -32.94 19.10 -8.22
C5 AGS J . -33.90 20.11 -8.16
C6 AGS J . -34.91 20.50 -9.06
N6 AGS J . -35.14 19.91 -10.23
N1 AGS J . -35.69 21.55 -8.69
C2 AGS J . -35.47 22.14 -7.52
N3 AGS J . -34.55 21.85 -6.60
C4 AGS J . -33.79 20.82 -6.98
C10 LCJ K . -26.79 11.96 -12.62
C11 LCJ K . -26.15 9.79 -13.16
C12 LCJ K . -26.36 11.83 -11.32
C13 LCJ K . -25.68 9.57 -11.84
C14 LCJ K . -25.79 10.61 -10.92
C15 LCJ K . -27.02 10.85 -14.82
C16 LCJ K . -26.16 8.94 -14.31
C17 LCJ K . -28.80 13.39 -13.32
C18 LCJ K . -26.47 12.97 -10.30
C19 LCJ K . -29.39 14.61 -13.08
C20 LCJ K . -29.56 12.33 -13.81
C21 LCJ K . -30.75 14.77 -13.32
C22 LCJ K . -30.90 12.49 -14.05
C23 LCJ K . -31.50 13.73 -13.80
C24 LCJ K . -24.74 14.78 -8.27
C25 LCJ K . -23.81 14.69 -7.07
F02 LCJ K . -28.66 15.64 -12.59
I01 LCJ K . -33.55 13.97 -14.18
N06 LCJ K . -26.67 10.93 -13.50
N07 LCJ K . -27.37 13.22 -13.06
N08 LCJ K . -26.71 9.65 -15.29
N09 LCJ K . -25.73 12.86 -9.06
O03 LCJ K . -25.80 13.88 -8.09
O04 LCJ K . -27.15 13.91 -10.52
O05 LCJ K . -24.04 15.83 -6.27
MG MG L . -17.61 -17.83 11.88
PG GNP M . -20.36 -16.25 12.49
O1G GNP M . -21.02 -15.23 11.62
O2G GNP M . -19.52 -17.20 11.63
O3G GNP M . -21.38 -17.02 13.34
N3B GNP M . -19.33 -15.39 13.56
PB GNP M . -18.24 -16.11 14.54
O1B GNP M . -18.89 -16.66 15.80
O2B GNP M . -17.44 -17.11 13.77
O3A GNP M . -17.28 -14.89 15.01
PA GNP M . -15.86 -14.50 14.42
O1A GNP M . -14.86 -15.51 14.92
O2A GNP M . -16.01 -14.18 12.97
O5' GNP M . -15.60 -13.17 15.25
C5' GNP M . -16.50 -12.05 15.17
C4' GNP M . -15.73 -10.81 15.57
O4' GNP M . -15.36 -10.91 16.97
C3' GNP M . -14.43 -10.56 14.81
O3' GNP M . -14.25 -9.16 14.62
C2' GNP M . -13.37 -11.11 15.75
O2' GNP M . -12.10 -10.47 15.61
C1' GNP M . -13.96 -10.76 17.11
N9 GNP M . -13.52 -11.68 18.17
C8 GNP M . -13.64 -13.05 18.16
N7 GNP M . -13.14 -13.60 19.24
C5 GNP M . -12.71 -12.54 20.01
C6 GNP M . -12.06 -12.50 21.30
O6 GNP M . -11.81 -13.47 22.02
N1 GNP M . -11.78 -11.20 21.71
C2 GNP M . -12.03 -10.08 20.97
N2 GNP M . -11.69 -8.92 21.51
N3 GNP M . -12.62 -10.10 19.77
C4 GNP M . -12.92 -11.35 19.36
#